data_4QOO
#
_entry.id   4QOO
#
_cell.length_a   91.907
_cell.length_b   108.597
_cell.length_c   103.524
_cell.angle_alpha   90.000
_cell.angle_beta   92.010
_cell.angle_gamma   90.000
#
_symmetry.space_group_name_H-M   'P 1 21 1'
#
loop_
_entity.id
_entity.type
_entity.pdbx_description
1 polymer Catalase
2 non-polymer 'PROTOPORPHYRIN IX CONTAINING FE'
3 non-polymer RESORCINOL
4 non-polymer 'CHLORIDE ION'
5 non-polymer 'SODIUM ION'
6 water water
#
_entity_poly.entity_id   1
_entity_poly.type   'polypeptide(L)'
_entity_poly.pdbx_seq_one_letter_code
;MTNSNHKNLTTNQGVPVGDNQNSRTAGHRGPSFLDDYHLIEKLAHFDRERIPERVVHARGAGAYGVFEVENSMEKHTRAA
FLSEEGKQTDVFVRFSTVIHPKGSPETLRDPRGFAVKFYTEEGNYDLVGNNLPIFFIRDALKFPDMVHSLKPDPVTNIQD
PDRYWDFMTLTPESTHMLTWLFSDEGIPANYAEMRGSGVHTFRWVNKYGETKYVKYHWRPSEGIRNLSMEEAAEIQANDF
QHATRDLYDRIEKGNYPAWDLYVQLMPLSDYDELDYDPCDPTKTWSEEDYPLQKVGRMTLNRNPENFFAETEQAAFTPSA
LVPGIEASEDKLLQGRLFSYPDTQRHRLGANYMRIPVNCPYAPVHNNQQDGFMTTTRPSGHINYEPNRYDDQPKENPHYK
ESEPVLHGDRMVRQKIEKPNDFKQAGEKYRSYSEEEKQALIKNLTADLKGVNEKTKLLAICNFYRADEDYGQRLADSLGV
DIRSYLQGSMK
;
_entity_poly.pdbx_strand_id   A,B,C,D
#
# COMPACT_ATOMS: atom_id res chain seq x y z
N HIS A 6 12.58 33.24 13.04
CA HIS A 6 11.12 33.10 13.43
C HIS A 6 10.20 32.63 12.29
N LYS A 7 9.34 31.66 12.59
CA LYS A 7 8.60 30.90 11.57
C LYS A 7 7.18 30.60 12.07
N ASN A 8 6.17 30.68 11.18
CA ASN A 8 4.84 30.17 11.52
C ASN A 8 4.78 28.65 11.39
N LEU A 9 4.13 28.01 12.34
CA LEU A 9 3.63 26.66 12.14
C LEU A 9 2.50 26.75 11.13
N THR A 10 2.47 25.84 10.18
CA THR A 10 1.48 25.83 9.14
C THR A 10 0.88 24.43 8.94
N THR A 11 -0.27 24.38 8.31
CA THR A 11 -0.80 23.09 7.78
C THR A 11 0.06 22.68 6.58
N ASN A 12 -0.17 21.50 6.04
CA ASN A 12 0.44 21.12 4.77
C ASN A 12 -0.01 21.89 3.55
N GLN A 13 -1.14 22.63 3.69
CA GLN A 13 -1.62 23.53 2.66
C GLN A 13 -0.93 24.86 2.70
N GLY A 14 -0.10 25.07 3.71
CA GLY A 14 0.63 26.36 3.87
C GLY A 14 -0.16 27.41 4.58
N VAL A 15 -1.23 27.03 5.28
CA VAL A 15 -2.01 27.98 6.06
C VAL A 15 -1.40 28.07 7.45
N PRO A 16 -1.11 29.29 7.93
CA PRO A 16 -0.63 29.40 9.31
C PRO A 16 -1.66 28.87 10.34
N VAL A 17 -1.14 28.20 11.34
CA VAL A 17 -1.95 27.59 12.41
C VAL A 17 -2.11 28.59 13.56
N GLY A 18 -3.37 28.89 13.90
CA GLY A 18 -3.68 29.80 14.96
C GLY A 18 -3.56 29.28 16.34
N ASP A 19 -3.77 27.99 16.50
CA ASP A 19 -3.73 27.38 17.80
C ASP A 19 -3.30 25.96 17.63
N ASN A 20 -2.08 25.64 18.11
CA ASN A 20 -1.57 24.28 18.06
C ASN A 20 -1.75 23.55 19.39
N GLN A 21 -2.60 24.08 20.28
CA GLN A 21 -2.82 23.45 21.63
C GLN A 21 -4.18 22.82 21.79
N ASN A 22 -5.21 23.46 21.25
CA ASN A 22 -6.60 23.06 21.53
C ASN A 22 -7.34 22.60 20.28
N SER A 23 -8.05 21.47 20.44
CA SER A 23 -9.01 20.99 19.48
C SER A 23 -10.19 21.95 19.40
N ARG A 24 -10.94 21.87 18.33
CA ARG A 24 -12.14 22.68 18.19
C ARG A 24 -13.37 21.98 18.70
N THR A 25 -14.10 22.60 19.62
CA THR A 25 -15.05 21.91 20.46
C THR A 25 -16.30 22.76 20.67
N ALA A 26 -17.36 22.12 21.16
CA ALA A 26 -18.60 22.80 21.58
C ALA A 26 -18.44 23.45 22.93
N GLY A 27 -18.01 24.72 22.91
CA GLY A 27 -17.55 25.39 24.11
C GLY A 27 -16.29 24.79 24.66
N HIS A 28 -15.88 25.30 25.83
CA HIS A 28 -14.55 25.02 26.36
C HIS A 28 -14.37 23.56 26.83
N ARG A 29 -15.46 22.85 27.11
CA ARG A 29 -15.34 21.48 27.56
C ARG A 29 -16.15 20.45 26.76
N GLY A 30 -16.68 20.83 25.58
CA GLY A 30 -17.63 19.96 24.88
C GLY A 30 -16.91 19.06 23.92
N PRO A 31 -17.67 18.17 23.23
CA PRO A 31 -17.08 17.26 22.31
C PRO A 31 -16.49 17.98 21.10
N SER A 32 -15.69 17.22 20.34
CA SER A 32 -14.91 17.80 19.28
C SER A 32 -15.64 17.78 17.92
N PHE A 33 -15.34 18.81 17.10
CA PHE A 33 -15.96 18.97 15.81
C PHE A 33 -15.11 18.37 14.69
N LEU A 34 -15.84 17.80 13.72
CA LEU A 34 -15.26 17.25 12.52
C LEU A 34 -14.53 18.29 11.66
N ASP A 35 -15.02 19.53 11.71
CA ASP A 35 -14.38 20.64 10.99
C ASP A 35 -13.20 21.19 11.81
N ASP A 36 -12.15 20.38 11.89
CA ASP A 36 -10.91 20.79 12.50
C ASP A 36 -9.86 20.19 11.63
N TYR A 37 -9.57 20.88 10.51
CA TYR A 37 -8.66 20.36 9.51
C TYR A 37 -7.26 20.19 10.06
N HIS A 38 -6.82 21.11 10.90
CA HIS A 38 -5.50 20.94 11.48
C HIS A 38 -5.37 19.66 12.37
N LEU A 39 -6.31 19.44 13.25
CA LEU A 39 -6.29 18.25 14.08
C LEU A 39 -6.25 16.98 13.24
N ILE A 40 -7.18 16.89 12.25
CA ILE A 40 -7.30 15.67 11.52
C ILE A 40 -6.07 15.48 10.62
N GLU A 41 -5.58 16.53 9.98
CA GLU A 41 -4.33 16.42 9.19
C GLU A 41 -3.15 15.96 10.00
N LYS A 42 -2.92 16.59 11.13
CA LYS A 42 -1.82 16.28 12.01
C LYS A 42 -1.92 14.85 12.58
N LEU A 43 -3.11 14.43 13.03
CA LEU A 43 -3.27 13.07 13.55
C LEU A 43 -3.16 12.03 12.39
N ALA A 44 -3.77 12.36 11.25
CA ALA A 44 -3.75 11.40 10.12
C ALA A 44 -2.31 11.19 9.63
N HIS A 45 -1.50 12.24 9.63
CA HIS A 45 -0.11 11.97 9.19
C HIS A 45 0.66 11.15 10.28
N PHE A 46 0.50 11.52 11.52
CA PHE A 46 1.08 10.78 12.64
C PHE A 46 0.70 9.27 12.55
N ASP A 47 -0.57 9.00 12.23
CA ASP A 47 -1.12 7.63 12.10
C ASP A 47 -0.46 6.86 10.99
N ARG A 48 0.27 7.53 10.12
CA ARG A 48 0.90 6.93 8.91
C ARG A 48 2.39 7.10 8.87
N GLU A 49 3.03 7.34 10.02
CA GLU A 49 4.48 7.51 10.03
C GLU A 49 5.29 6.23 9.69
N ARG A 50 4.76 5.07 10.02
CA ARG A 50 5.53 3.87 10.02
C ARG A 50 5.41 3.11 8.70
N ILE A 51 6.52 2.63 8.23
CA ILE A 51 6.58 1.74 7.12
C ILE A 51 7.09 0.37 7.56
N PRO A 52 6.86 -0.66 6.75
CA PRO A 52 7.39 -1.96 7.21
C PRO A 52 8.91 -1.94 7.47
N GLU A 53 9.37 -2.65 8.49
CA GLU A 53 10.83 -2.75 8.76
C GLU A 53 11.39 -3.72 7.71
N ARG A 54 12.69 -3.70 7.58
CA ARG A 54 13.33 -4.78 6.78
C ARG A 54 13.02 -6.17 7.28
N VAL A 55 12.80 -7.09 6.33
CA VAL A 55 12.43 -8.49 6.69
C VAL A 55 13.55 -9.16 7.53
N VAL A 56 14.80 -8.79 7.23
CA VAL A 56 15.96 -9.12 8.07
C VAL A 56 16.85 -7.88 8.13
N HIS A 57 17.79 -7.86 9.05
CA HIS A 57 18.67 -6.67 9.27
C HIS A 57 17.89 -5.40 9.66
N ALA A 58 16.79 -5.62 10.38
CA ALA A 58 15.87 -4.48 10.72
C ALA A 58 16.52 -3.44 11.62
N ARG A 59 17.34 -3.89 12.58
CA ARG A 59 18.06 -2.98 13.49
C ARG A 59 19.39 -2.55 12.87
N GLY A 60 19.60 -1.21 12.75
CA GLY A 60 20.81 -0.76 12.15
C GLY A 60 21.05 0.69 12.25
N ALA A 61 22.20 1.10 11.74
CA ALA A 61 22.66 2.49 11.85
C ALA A 61 23.50 2.81 10.61
N GLY A 62 23.40 4.06 10.19
CA GLY A 62 24.02 4.51 8.97
C GLY A 62 24.93 5.72 9.10
N ALA A 63 25.84 5.83 8.13
CA ALA A 63 26.72 7.00 8.05
C ALA A 63 27.25 7.20 6.66
N TYR A 64 27.63 8.44 6.33
CA TYR A 64 28.25 8.71 5.06
C TYR A 64 29.76 8.76 5.17
N GLY A 65 30.43 8.59 4.04
CA GLY A 65 31.87 8.87 4.00
C GLY A 65 32.43 8.90 2.61
N VAL A 66 33.69 8.58 2.54
CA VAL A 66 34.42 8.67 1.28
CA VAL A 66 34.42 8.65 1.28
C VAL A 66 35.29 7.42 1.15
N PHE A 67 35.38 6.93 -0.08
CA PHE A 67 36.31 5.87 -0.42
C PHE A 67 37.38 6.43 -1.32
N GLU A 68 38.63 6.13 -0.97
CA GLU A 68 39.72 6.64 -1.75
C GLU A 68 40.59 5.47 -2.21
N VAL A 69 40.90 5.46 -3.50
CA VAL A 69 41.72 4.41 -4.14
C VAL A 69 43.19 4.65 -3.76
N GLU A 70 43.83 3.61 -3.27
CA GLU A 70 45.31 3.62 -3.10
C GLU A 70 46.06 3.01 -4.31
N ASN A 71 45.57 1.87 -4.82
CA ASN A 71 46.11 1.14 -5.96
C ASN A 71 45.03 0.94 -7.05
N SER A 72 45.22 1.56 -8.19
CA SER A 72 44.26 1.42 -9.28
C SER A 72 44.18 -0.06 -9.74
N MET A 73 42.98 -0.48 -10.14
CA MET A 73 42.67 -1.88 -10.32
C MET A 73 42.37 -2.18 -11.77
N GLU A 74 42.70 -1.21 -12.66
CA GLU A 74 42.37 -1.34 -14.08
C GLU A 74 42.94 -2.59 -14.77
N LYS A 75 43.99 -3.18 -14.23
CA LYS A 75 44.49 -4.46 -14.75
C LYS A 75 43.44 -5.59 -14.60
N HIS A 76 42.53 -5.45 -13.61
CA HIS A 76 41.61 -6.52 -13.29
C HIS A 76 40.16 -6.20 -13.47
N THR A 77 39.82 -4.92 -13.43
CA THR A 77 38.45 -4.49 -13.59
C THR A 77 38.42 -3.13 -14.27
N ARG A 78 37.45 -2.96 -15.16
CA ARG A 78 37.16 -1.67 -15.75
C ARG A 78 36.34 -0.73 -14.84
N ALA A 79 36.05 -1.12 -13.61
CA ALA A 79 35.19 -0.29 -12.74
C ALA A 79 35.74 1.10 -12.62
N ALA A 80 34.90 2.08 -12.98
CA ALA A 80 35.34 3.45 -13.02
C ALA A 80 35.84 3.98 -11.71
N PHE A 81 35.16 3.66 -10.62
CA PHE A 81 35.55 4.21 -9.32
C PHE A 81 36.91 3.68 -8.81
N LEU A 82 37.43 2.64 -9.46
CA LEU A 82 38.71 2.02 -9.02
C LEU A 82 39.87 2.31 -9.99
N SER A 83 39.69 3.28 -10.87
CA SER A 83 40.52 3.35 -12.11
C SER A 83 41.81 4.11 -11.91
N GLU A 84 41.88 4.94 -10.86
CA GLU A 84 43.03 5.86 -10.67
C GLU A 84 43.39 5.97 -9.19
N GLU A 85 44.70 5.91 -8.88
CA GLU A 85 45.17 6.28 -7.57
C GLU A 85 44.61 7.65 -7.12
N GLY A 86 44.17 7.72 -5.87
CA GLY A 86 43.64 8.96 -5.30
C GLY A 86 42.18 9.28 -5.60
N LYS A 87 41.51 8.50 -6.42
CA LYS A 87 40.15 8.82 -6.83
C LYS A 87 39.24 8.57 -5.63
N GLN A 88 38.39 9.57 -5.37
CA GLN A 88 37.50 9.58 -4.25
C GLN A 88 36.07 9.41 -4.71
N THR A 89 35.35 8.51 -4.02
CA THR A 89 33.95 8.23 -4.31
C THR A 89 33.17 8.34 -3.00
N ASP A 90 32.07 9.10 -3.00
CA ASP A 90 31.22 9.14 -1.82
C ASP A 90 30.59 7.77 -1.57
N VAL A 91 30.36 7.45 -0.28
CA VAL A 91 29.60 6.30 0.14
C VAL A 91 28.54 6.65 1.17
N PHE A 92 27.53 5.78 1.22
CA PHE A 92 26.66 5.59 2.34
C PHE A 92 26.75 4.14 2.83
N VAL A 93 26.84 3.99 4.13
CA VAL A 93 27.01 2.69 4.76
C VAL A 93 25.96 2.46 5.82
N ARG A 94 25.39 1.27 5.84
CA ARG A 94 24.51 0.87 6.93
C ARG A 94 25.04 -0.45 7.55
N PHE A 95 25.17 -0.40 8.85
CA PHE A 95 25.49 -1.56 9.66
C PHE A 95 24.26 -2.03 10.38
N SER A 96 24.25 -3.31 10.74
CA SER A 96 23.05 -3.91 11.29
C SER A 96 23.34 -5.23 12.06
N THR A 97 22.38 -5.63 12.87
CA THR A 97 22.19 -7.01 13.21
C THR A 97 21.33 -7.70 12.17
N VAL A 98 20.87 -8.93 12.46
CA VAL A 98 20.15 -9.71 11.44
C VAL A 98 18.71 -10.09 11.81
N ILE A 99 18.49 -10.80 12.91
CA ILE A 99 17.28 -11.58 13.09
C ILE A 99 16.16 -10.75 13.82
N HIS A 100 16.49 -10.07 14.90
CA HIS A 100 15.44 -9.43 15.69
C HIS A 100 14.97 -8.11 15.12
N PRO A 101 13.81 -7.61 15.62
CA PRO A 101 13.22 -6.44 14.94
C PRO A 101 13.95 -5.15 15.24
N LYS A 102 13.39 -4.03 14.71
N LYS A 102 13.42 -4.05 14.68
CA LYS A 102 13.79 -2.67 15.09
CA LYS A 102 14.00 -2.74 14.76
C LYS A 102 13.60 -2.63 16.59
C LYS A 102 14.55 -2.26 16.06
N GLY A 103 14.49 -1.92 17.27
N GLY A 103 13.86 -2.49 17.17
CA GLY A 103 14.41 -1.72 18.64
CA GLY A 103 14.31 -1.89 18.46
C GLY A 103 15.13 -2.80 19.44
C GLY A 103 15.09 -2.82 19.39
N SER A 104 15.50 -3.91 18.82
CA SER A 104 16.18 -5.01 19.54
C SER A 104 17.60 -4.63 19.92
N PRO A 105 18.13 -5.29 20.94
CA PRO A 105 19.48 -4.92 21.39
C PRO A 105 20.62 -5.28 20.40
N GLU A 106 21.68 -4.51 20.49
CA GLU A 106 22.81 -4.66 19.61
C GLU A 106 23.92 -5.54 20.24
N THR A 107 23.58 -6.15 21.37
CA THR A 107 24.44 -7.07 22.17
C THR A 107 24.07 -8.54 21.94
N LEU A 108 23.15 -8.82 21.01
CA LEU A 108 22.80 -10.22 20.68
C LEU A 108 23.82 -10.86 19.72
N ARG A 109 23.99 -12.19 19.78
CA ARG A 109 24.74 -12.95 18.78
C ARG A 109 24.05 -12.93 17.41
N ASP A 110 24.83 -12.71 16.38
CA ASP A 110 24.29 -12.57 15.00
C ASP A 110 25.47 -12.19 14.12
N PRO A 111 25.40 -12.53 12.84
CA PRO A 111 26.23 -11.76 11.90
C PRO A 111 25.87 -10.29 11.94
N ARG A 112 26.80 -9.43 11.53
CA ARG A 112 26.50 -8.03 11.38
C ARG A 112 26.54 -7.66 9.89
N GLY A 113 25.52 -6.94 9.45
CA GLY A 113 25.51 -6.34 8.11
C GLY A 113 26.52 -5.23 7.96
N PHE A 114 27.01 -5.10 6.74
CA PHE A 114 28.06 -4.16 6.40
C PHE A 114 27.79 -3.82 4.95
N ALA A 115 26.88 -2.88 4.73
CA ALA A 115 26.34 -2.59 3.43
C ALA A 115 26.89 -1.23 2.98
N VAL A 116 27.57 -1.21 1.86
CA VAL A 116 28.25 -0.05 1.30
C VAL A 116 27.73 0.35 -0.09
N LYS A 117 27.20 1.58 -0.18
CA LYS A 117 26.72 2.14 -1.44
C LYS A 117 27.74 3.16 -1.91
N PHE A 118 28.34 2.89 -3.07
CA PHE A 118 29.36 3.76 -3.74
C PHE A 118 28.71 4.55 -4.84
N TYR A 119 28.63 5.89 -4.68
CA TYR A 119 27.98 6.71 -5.66
C TYR A 119 28.90 7.02 -6.86
N THR A 120 29.04 6.06 -7.80
CA THR A 120 30.09 6.18 -8.80
C THR A 120 29.64 6.96 -10.06
N GLU A 121 30.61 7.34 -10.90
CA GLU A 121 30.28 8.11 -12.07
C GLU A 121 29.54 7.22 -13.12
N GLU A 122 29.60 5.91 -12.98
CA GLU A 122 28.90 4.98 -13.88
C GLU A 122 27.71 4.32 -13.21
N GLY A 123 27.25 4.93 -12.10
CA GLY A 123 26.07 4.45 -11.44
C GLY A 123 26.41 4.03 -10.00
N ASN A 124 25.36 3.73 -9.22
CA ASN A 124 25.55 3.29 -7.90
C ASN A 124 25.96 1.83 -7.84
N TYR A 125 27.01 1.55 -7.05
CA TYR A 125 27.50 0.23 -6.81
C TYR A 125 27.28 -0.13 -5.33
N ASP A 126 26.51 -1.19 -5.06
CA ASP A 126 26.22 -1.61 -3.70
C ASP A 126 27.02 -2.88 -3.43
N LEU A 127 27.86 -2.85 -2.43
CA LEU A 127 28.49 -4.07 -1.93
C LEU A 127 27.85 -4.41 -0.59
N VAL A 128 26.96 -5.41 -0.62
CA VAL A 128 26.10 -5.73 0.48
C VAL A 128 26.72 -6.92 1.28
N GLY A 129 27.59 -6.57 2.21
CA GLY A 129 28.39 -7.55 2.94
C GLY A 129 27.85 -7.85 4.31
N ASN A 130 28.59 -8.69 5.02
CA ASN A 130 28.46 -8.91 6.41
C ASN A 130 29.86 -8.83 7.04
N ASN A 131 29.96 -8.82 8.35
CA ASN A 131 31.30 -8.97 8.99
C ASN A 131 31.93 -10.32 8.73
N LEU A 132 31.17 -11.40 8.92
CA LEU A 132 31.71 -12.78 8.75
C LEU A 132 31.79 -13.10 7.23
N PRO A 133 32.81 -13.87 6.83
CA PRO A 133 33.10 -13.99 5.37
C PRO A 133 32.42 -15.14 4.63
N ILE A 134 31.61 -15.92 5.33
CA ILE A 134 30.89 -17.08 4.76
C ILE A 134 29.43 -17.05 5.19
N PHE A 135 28.65 -18.01 4.73
CA PHE A 135 27.25 -18.05 5.07
C PHE A 135 26.82 -19.47 5.49
N PHE A 136 25.62 -19.55 6.08
CA PHE A 136 25.08 -20.78 6.61
C PHE A 136 24.65 -21.74 5.49
N ILE A 137 24.27 -21.20 4.35
CA ILE A 137 23.60 -21.93 3.28
C ILE A 137 24.20 -21.46 1.95
N ARG A 138 23.97 -22.23 0.86
CA ARG A 138 24.57 -21.98 -0.46
C ARG A 138 23.56 -21.87 -1.63
N ASP A 139 22.25 -21.87 -1.30
CA ASP A 139 21.21 -21.76 -2.29
C ASP A 139 20.09 -20.87 -1.70
N ALA A 140 19.72 -19.85 -2.45
CA ALA A 140 18.70 -18.93 -2.02
C ALA A 140 17.32 -19.49 -1.78
N LEU A 141 16.99 -20.63 -2.42
CA LEU A 141 15.78 -21.31 -2.13
C LEU A 141 15.59 -21.64 -0.62
N LYS A 142 16.70 -21.82 0.12
CA LYS A 142 16.63 -22.13 1.55
C LYS A 142 16.52 -20.90 2.46
N PHE A 143 16.63 -19.69 1.91
CA PHE A 143 16.82 -18.54 2.79
C PHE A 143 15.59 -18.33 3.66
N PRO A 144 14.34 -18.40 3.10
CA PRO A 144 13.19 -18.13 4.01
C PRO A 144 13.12 -19.20 5.12
N ASP A 145 13.53 -20.43 4.80
CA ASP A 145 13.54 -21.54 5.80
C ASP A 145 14.55 -21.27 6.90
N MET A 146 15.76 -20.90 6.52
CA MET A 146 16.78 -20.57 7.51
C MET A 146 16.29 -19.43 8.44
N VAL A 147 15.86 -18.33 7.79
CA VAL A 147 15.34 -17.20 8.52
C VAL A 147 14.19 -17.57 9.46
N HIS A 148 13.17 -18.28 8.93
CA HIS A 148 12.06 -18.68 9.73
C HIS A 148 12.48 -19.53 10.96
N SER A 149 13.47 -20.37 10.80
CA SER A 149 14.00 -21.17 11.94
C SER A 149 14.74 -20.35 12.97
N LEU A 150 15.41 -19.29 12.55
CA LEU A 150 16.13 -18.36 13.44
C LEU A 150 15.26 -17.38 14.14
N LYS A 151 14.24 -16.92 13.42
CA LYS A 151 13.38 -15.82 13.89
C LYS A 151 12.61 -16.31 15.13
N PRO A 152 12.04 -15.35 15.88
CA PRO A 152 11.21 -15.77 16.97
C PRO A 152 10.12 -16.74 16.50
N ASP A 153 9.85 -17.75 17.34
CA ASP A 153 8.87 -18.73 17.07
C ASP A 153 7.57 -18.06 16.68
N PRO A 154 6.87 -18.58 15.65
CA PRO A 154 5.69 -17.92 15.20
C PRO A 154 4.50 -17.91 16.16
N VAL A 155 4.54 -18.76 17.18
CA VAL A 155 3.53 -18.78 18.23
C VAL A 155 3.94 -17.94 19.43
N THR A 156 5.15 -18.12 19.92
CA THR A 156 5.55 -17.51 21.17
C THR A 156 6.17 -16.11 21.05
N ASN A 157 6.66 -15.75 19.87
CA ASN A 157 7.49 -14.52 19.65
C ASN A 157 8.79 -14.53 20.42
N ILE A 158 9.34 -15.73 20.70
CA ILE A 158 10.69 -15.80 21.28
C ILE A 158 11.54 -16.75 20.46
N GLN A 159 12.79 -16.35 20.25
CA GLN A 159 13.70 -17.16 19.47
C GLN A 159 13.98 -18.47 20.22
N ASP A 160 14.00 -19.59 19.50
CA ASP A 160 14.10 -20.93 20.18
C ASP A 160 15.25 -21.67 19.56
N PRO A 161 16.38 -21.84 20.28
CA PRO A 161 17.47 -22.71 19.70
C PRO A 161 17.03 -24.05 19.13
N ASP A 162 16.03 -24.66 19.73
CA ASP A 162 15.60 -25.96 19.24
C ASP A 162 15.11 -25.89 17.79
N ARG A 163 14.54 -24.74 17.39
CA ARG A 163 14.10 -24.56 16.02
C ARG A 163 15.25 -24.38 15.02
N TYR A 164 16.19 -23.47 15.30
CA TYR A 164 17.21 -23.20 14.34
C TYR A 164 18.25 -24.30 14.34
N TRP A 165 18.48 -24.92 15.48
CA TRP A 165 19.40 -26.07 15.44
C TRP A 165 18.79 -27.27 14.68
N ASP A 166 17.49 -27.44 14.70
CA ASP A 166 16.83 -28.44 13.85
C ASP A 166 17.19 -28.18 12.41
N PHE A 167 16.92 -26.97 11.94
CA PHE A 167 17.31 -26.60 10.58
C PHE A 167 18.81 -26.73 10.32
N MET A 168 19.65 -26.12 11.16
CA MET A 168 21.08 -26.07 10.88
C MET A 168 21.67 -27.46 10.86
N THR A 169 21.24 -28.29 11.81
CA THR A 169 21.78 -29.70 11.81
C THR A 169 21.44 -30.51 10.55
N LEU A 170 20.24 -30.28 10.02
CA LEU A 170 19.76 -30.93 8.78
C LEU A 170 20.29 -30.24 7.52
N THR A 171 21.12 -29.23 7.72
CA THR A 171 21.71 -28.41 6.67
C THR A 171 23.21 -28.30 6.96
N PRO A 172 23.97 -29.42 6.75
CA PRO A 172 25.30 -29.50 7.33
C PRO A 172 26.28 -28.59 6.63
N GLU A 173 25.90 -28.00 5.50
CA GLU A 173 26.75 -26.93 4.93
C GLU A 173 26.89 -25.73 5.84
N SER A 174 26.03 -25.64 6.88
CA SER A 174 26.11 -24.57 7.89
C SER A 174 27.29 -24.69 8.87
N THR A 175 28.05 -25.80 8.82
CA THR A 175 28.95 -26.11 9.89
C THR A 175 30.08 -25.05 9.95
N HIS A 176 30.63 -24.65 8.80
CA HIS A 176 31.73 -23.67 8.80
C HIS A 176 31.23 -22.37 9.40
N MET A 177 30.07 -21.89 8.96
CA MET A 177 29.53 -20.64 9.52
C MET A 177 29.37 -20.64 11.02
N LEU A 178 28.79 -21.71 11.53
CA LEU A 178 28.51 -21.81 12.96
C LEU A 178 29.82 -21.80 13.74
N THR A 179 30.90 -22.34 13.15
CA THR A 179 32.21 -22.37 13.78
C THR A 179 32.81 -20.94 13.96
N TRP A 180 32.45 -20.02 13.06
CA TRP A 180 32.79 -18.62 13.22
C TRP A 180 31.81 -17.88 14.14
N LEU A 181 30.51 -18.11 13.92
CA LEU A 181 29.48 -17.35 14.65
C LEU A 181 29.45 -17.66 16.14
N PHE A 182 29.87 -18.86 16.54
CA PHE A 182 29.91 -19.19 17.95
C PHE A 182 31.25 -18.98 18.61
N SER A 183 32.22 -18.45 17.87
CA SER A 183 33.37 -17.73 18.48
C SER A 183 32.85 -16.45 19.07
N ASP A 184 33.67 -15.72 19.81
CA ASP A 184 33.15 -14.47 20.34
C ASP A 184 32.90 -13.41 19.20
N GLU A 185 33.32 -13.68 17.98
CA GLU A 185 33.10 -12.73 16.89
C GLU A 185 31.61 -12.76 16.52
N GLY A 186 30.85 -13.73 17.04
CA GLY A 186 29.40 -13.67 16.99
C GLY A 186 28.77 -12.45 17.66
N ILE A 187 29.53 -11.76 18.51
CA ILE A 187 29.08 -10.48 19.12
C ILE A 187 30.23 -9.45 19.02
N PRO A 188 30.31 -8.76 17.87
CA PRO A 188 31.21 -7.61 17.80
C PRO A 188 30.99 -6.55 18.87
N ALA A 189 32.07 -5.91 19.31
CA ALA A 189 31.98 -4.95 20.39
C ALA A 189 31.12 -3.74 19.98
N ASN A 190 31.25 -3.39 18.69
CA ASN A 190 30.50 -2.32 18.11
C ASN A 190 30.69 -2.42 16.60
N TYR A 191 30.18 -1.45 15.85
CA TYR A 191 30.26 -1.55 14.40
C TYR A 191 31.62 -1.13 13.84
N ALA A 192 32.37 -0.33 14.62
CA ALA A 192 33.66 0.22 14.16
C ALA A 192 34.77 -0.81 14.30
N GLU A 193 34.69 -1.66 15.31
CA GLU A 193 35.80 -2.57 15.66
C GLU A 193 35.43 -3.98 15.16
N MET A 194 35.25 -4.06 13.86
CA MET A 194 34.50 -5.13 13.18
C MET A 194 35.01 -5.30 11.77
N ARG A 195 35.13 -6.57 11.36
CA ARG A 195 35.51 -6.96 10.03
C ARG A 195 34.35 -6.69 9.06
N GLY A 196 34.67 -6.56 7.78
CA GLY A 196 33.67 -6.63 6.73
C GLY A 196 34.11 -7.63 5.67
N SER A 197 33.14 -8.22 5.00
CA SER A 197 33.36 -9.20 3.97
C SER A 197 32.29 -9.08 2.86
N GLY A 198 32.67 -9.23 1.59
CA GLY A 198 31.69 -9.38 0.50
C GLY A 198 30.99 -10.71 0.49
N VAL A 199 31.62 -11.70 1.12
CA VAL A 199 31.11 -13.08 1.29
C VAL A 199 31.20 -13.83 -0.03
N HIS A 200 30.42 -13.44 -1.03
CA HIS A 200 30.44 -14.13 -2.29
C HIS A 200 31.71 -13.83 -3.07
N THR A 201 32.03 -14.76 -3.90
CA THR A 201 32.78 -14.51 -5.10
C THR A 201 31.98 -13.71 -6.11
N PHE A 202 32.63 -12.65 -6.61
CA PHE A 202 32.16 -11.89 -7.75
C PHE A 202 33.09 -12.11 -8.95
N ARG A 203 32.70 -11.63 -10.08
CA ARG A 203 33.56 -11.60 -11.28
C ARG A 203 34.04 -10.17 -11.57
N TRP A 204 35.35 -10.00 -11.73
CA TRP A 204 35.92 -8.75 -12.24
C TRP A 204 36.29 -8.88 -13.70
N VAL A 205 35.91 -7.90 -14.53
CA VAL A 205 36.09 -7.94 -15.96
C VAL A 205 36.81 -6.66 -16.38
N ASN A 206 37.91 -6.83 -17.12
CA ASN A 206 38.77 -5.69 -17.47
C ASN A 206 38.46 -5.20 -18.85
N LYS A 207 39.15 -4.15 -19.28
CA LYS A 207 38.78 -3.52 -20.54
C LYS A 207 39.08 -4.42 -21.78
N TYR A 208 39.90 -5.43 -21.63
CA TYR A 208 40.12 -6.44 -22.67
C TYR A 208 39.07 -7.56 -22.60
N GLY A 209 38.16 -7.53 -21.65
CA GLY A 209 37.14 -8.59 -21.55
C GLY A 209 37.62 -9.79 -20.74
N GLU A 210 38.76 -9.70 -20.08
CA GLU A 210 39.29 -10.84 -19.32
C GLU A 210 38.66 -10.81 -17.92
N THR A 211 38.32 -11.98 -17.41
CA THR A 211 37.59 -12.14 -16.14
C THR A 211 38.42 -12.87 -15.08
N LYS A 212 38.36 -12.36 -13.84
CA LYS A 212 38.87 -13.07 -12.65
C LYS A 212 37.78 -13.17 -11.60
N TYR A 213 37.85 -14.19 -10.78
CA TYR A 213 37.06 -14.23 -9.55
C TYR A 213 37.66 -13.30 -8.51
N VAL A 214 36.77 -12.65 -7.72
CA VAL A 214 37.25 -11.72 -6.72
C VAL A 214 36.51 -11.93 -5.44
N LYS A 215 37.21 -11.74 -4.32
CA LYS A 215 36.59 -11.60 -3.01
C LYS A 215 37.03 -10.30 -2.36
N TYR A 216 36.10 -9.69 -1.61
CA TYR A 216 36.36 -8.44 -0.93
C TYR A 216 36.45 -8.58 0.58
N HIS A 217 37.35 -7.79 1.17
CA HIS A 217 37.54 -7.81 2.62
C HIS A 217 37.79 -6.43 3.13
N TRP A 218 37.16 -6.09 4.23
CA TRP A 218 37.30 -4.79 4.84
C TRP A 218 37.98 -4.95 6.19
N ARG A 219 39.08 -4.22 6.41
CA ARG A 219 39.89 -4.37 7.65
C ARG A 219 39.82 -3.08 8.44
N PRO A 220 39.26 -3.12 9.66
CA PRO A 220 38.99 -1.95 10.42
C PRO A 220 40.25 -1.28 10.92
N SER A 221 40.37 0.03 10.73
CA SER A 221 41.50 0.76 11.30
C SER A 221 41.43 0.72 12.82
N GLU A 222 40.24 0.55 13.40
CA GLU A 222 40.10 0.45 14.85
C GLU A 222 40.42 -0.93 15.44
N GLY A 223 40.81 -1.91 14.61
CA GLY A 223 41.01 -3.31 15.03
C GLY A 223 39.70 -4.04 15.18
N ILE A 224 39.77 -5.37 15.34
CA ILE A 224 38.61 -6.21 15.62
C ILE A 224 38.54 -6.46 17.10
N ARG A 225 37.41 -6.15 17.70
CA ARG A 225 37.17 -6.48 19.12
C ARG A 225 35.75 -7.08 19.27
N ASN A 226 35.65 -8.13 20.09
CA ASN A 226 34.45 -8.90 20.32
C ASN A 226 34.05 -8.84 21.79
N LEU A 227 32.81 -9.27 22.07
CA LEU A 227 32.28 -9.44 23.42
C LEU A 227 32.03 -10.90 23.77
N SER A 228 32.53 -11.33 24.94
CA SER A 228 32.10 -12.60 25.54
C SER A 228 30.62 -12.50 25.86
N MET A 229 29.97 -13.63 26.10
CA MET A 229 28.57 -13.59 26.51
C MET A 229 28.38 -12.72 27.74
N GLU A 230 29.30 -12.82 28.68
CA GLU A 230 29.24 -12.01 29.89
C GLU A 230 29.45 -10.51 29.67
N GLU A 231 30.34 -10.12 28.76
CA GLU A 231 30.57 -8.72 28.49
C GLU A 231 29.37 -8.14 27.74
N ALA A 232 28.82 -8.95 26.86
CA ALA A 232 27.54 -8.56 26.17
C ALA A 232 26.40 -8.30 27.15
N ALA A 233 26.19 -9.20 28.11
CA ALA A 233 25.13 -9.05 29.16
C ALA A 233 25.32 -7.81 29.95
N GLU A 234 26.56 -7.51 30.35
CA GLU A 234 26.82 -6.31 31.13
C GLU A 234 26.47 -5.02 30.37
N ILE A 235 26.82 -4.96 29.07
CA ILE A 235 26.38 -3.85 28.22
C ILE A 235 24.85 -3.84 28.08
N GLN A 236 24.27 -4.99 27.77
CA GLN A 236 22.83 -5.08 27.52
C GLN A 236 22.00 -4.57 28.71
N ALA A 237 22.50 -4.78 29.93
CA ALA A 237 21.85 -4.28 31.12
C ALA A 237 21.53 -2.78 31.07
N ASN A 238 22.44 -2.00 30.48
CA ASN A 238 22.37 -0.53 30.53
C ASN A 238 22.15 0.15 29.22
N ASP A 239 22.35 -0.55 28.11
CA ASP A 239 22.13 0.05 26.80
C ASP A 239 21.78 -0.96 25.75
N PHE A 240 20.60 -0.89 25.23
CA PHE A 240 20.17 -1.79 24.13
C PHE A 240 20.47 -1.21 22.71
N GLN A 241 21.14 -0.05 22.63
CA GLN A 241 21.56 0.47 21.36
C GLN A 241 22.99 0.96 21.34
N HIS A 242 23.89 0.20 21.98
CA HIS A 242 25.21 0.73 22.24
C HIS A 242 26.02 0.92 20.96
N ALA A 243 25.80 0.09 19.96
CA ALA A 243 26.57 0.19 18.74
C ALA A 243 26.12 1.37 17.89
N THR A 244 24.81 1.57 17.83
CA THR A 244 24.28 2.75 17.17
C THR A 244 24.84 4.03 17.86
N ARG A 245 24.83 4.05 19.18
CA ARG A 245 25.35 5.18 19.92
C ARG A 245 26.81 5.42 19.60
N ASP A 246 27.59 4.35 19.63
CA ASP A 246 29.04 4.42 19.46
C ASP A 246 29.35 5.00 18.11
N LEU A 247 28.69 4.50 17.07
CA LEU A 247 28.95 5.01 15.72
C LEU A 247 28.68 6.51 15.61
N TYR A 248 27.50 6.94 16.04
CA TYR A 248 27.11 8.31 15.93
C TYR A 248 28.15 9.18 16.66
N ASP A 249 28.47 8.77 17.87
CA ASP A 249 29.30 9.55 18.79
CA ASP A 249 29.31 9.55 18.79
C ASP A 249 30.76 9.68 18.31
N ARG A 250 31.34 8.58 17.83
CA ARG A 250 32.62 8.63 17.11
C ARG A 250 32.66 9.72 16.01
N ILE A 251 31.67 9.68 15.13
CA ILE A 251 31.64 10.58 13.99
C ILE A 251 31.37 12.03 14.47
N GLU A 252 30.47 12.22 15.41
CA GLU A 252 30.24 13.56 15.93
C GLU A 252 31.48 14.17 16.60
N LYS A 253 32.32 13.34 17.24
CA LYS A 253 33.54 13.81 17.91
C LYS A 253 34.75 13.92 16.99
N GLY A 254 34.60 13.49 15.72
CA GLY A 254 35.67 13.67 14.75
C GLY A 254 36.59 12.49 14.75
N ASN A 255 36.23 11.44 15.48
CA ASN A 255 37.01 10.22 15.56
C ASN A 255 36.51 9.21 14.48
N TYR A 256 36.79 9.51 13.20
CA TYR A 256 36.13 8.83 12.08
C TYR A 256 36.63 7.39 11.95
N PRO A 257 35.72 6.41 11.94
CA PRO A 257 36.19 5.05 11.73
C PRO A 257 36.51 4.79 10.27
N ALA A 258 37.43 3.87 10.03
CA ALA A 258 37.84 3.59 8.67
C ALA A 258 38.10 2.13 8.50
N TRP A 259 38.07 1.69 7.24
CA TRP A 259 38.39 0.31 6.85
C TRP A 259 39.21 0.36 5.60
N ASP A 260 40.25 -0.45 5.54
CA ASP A 260 40.93 -0.67 4.32
C ASP A 260 40.27 -1.78 3.56
N LEU A 261 40.14 -1.56 2.26
CA LEU A 261 39.63 -2.56 1.34
C LEU A 261 40.75 -3.37 0.71
N TYR A 262 40.64 -4.70 0.86
CA TYR A 262 41.50 -5.65 0.16
C TYR A 262 40.69 -6.55 -0.72
N VAL A 263 41.32 -7.09 -1.76
CA VAL A 263 40.70 -8.15 -2.55
C VAL A 263 41.60 -9.34 -2.65
N GLN A 264 40.96 -10.48 -2.91
CA GLN A 264 41.67 -11.69 -3.37
C GLN A 264 41.23 -11.91 -4.78
N LEU A 265 42.18 -12.31 -5.63
CA LEU A 265 41.87 -12.56 -7.02
C LEU A 265 42.26 -13.97 -7.44
N MET A 266 41.39 -14.63 -8.21
CA MET A 266 41.54 -16.02 -8.57
C MET A 266 41.17 -16.24 -10.02
N PRO A 267 42.06 -16.85 -10.80
CA PRO A 267 41.68 -17.26 -12.12
C PRO A 267 40.49 -18.19 -12.19
N LEU A 268 39.61 -18.01 -13.17
CA LEU A 268 38.47 -18.91 -13.40
C LEU A 268 38.90 -20.36 -13.46
N SER A 269 40.06 -20.59 -14.05
CA SER A 269 40.51 -21.94 -14.28
C SER A 269 40.93 -22.66 -12.97
N ASP A 270 41.06 -21.92 -11.86
CA ASP A 270 41.47 -22.57 -10.60
C ASP A 270 40.33 -23.39 -10.01
N TYR A 271 39.10 -23.28 -10.55
CA TYR A 271 37.98 -24.16 -10.13
C TYR A 271 38.46 -25.58 -10.03
N ASP A 272 39.07 -26.05 -11.12
CA ASP A 272 39.06 -27.47 -11.37
C ASP A 272 40.00 -28.27 -10.49
N GLU A 273 41.01 -27.58 -9.95
CA GLU A 273 41.96 -28.17 -9.00
C GLU A 273 41.78 -27.90 -7.50
N LEU A 274 40.77 -27.10 -7.12
CA LEU A 274 40.42 -26.90 -5.72
C LEU A 274 39.54 -28.05 -5.29
N ASP A 275 39.58 -28.38 -4.00
CA ASP A 275 38.70 -29.43 -3.47
C ASP A 275 37.36 -28.88 -2.91
N TYR A 276 37.06 -27.63 -3.28
CA TYR A 276 35.75 -27.03 -2.99
C TYR A 276 35.41 -26.23 -4.22
N ASP A 277 34.17 -25.78 -4.29
CA ASP A 277 33.71 -24.83 -5.34
C ASP A 277 34.01 -23.39 -4.92
N PRO A 278 34.84 -22.65 -5.68
CA PRO A 278 35.25 -21.29 -5.25
C PRO A 278 34.05 -20.31 -5.22
N CYS A 279 32.93 -20.70 -5.78
CA CYS A 279 31.65 -19.93 -5.68
C CYS A 279 30.62 -20.51 -4.68
N ASP A 280 31.10 -21.33 -3.74
CA ASP A 280 30.27 -21.86 -2.64
C ASP A 280 30.48 -20.91 -1.51
N PRO A 281 29.41 -20.17 -1.09
CA PRO A 281 29.62 -19.10 -0.09
C PRO A 281 29.73 -19.63 1.32
N THR A 282 29.75 -20.96 1.48
CA THR A 282 30.15 -21.60 2.76
C THR A 282 31.69 -21.78 2.86
N LYS A 283 32.44 -21.32 1.85
CA LYS A 283 33.89 -21.51 1.74
C LYS A 283 34.62 -20.16 1.69
N THR A 284 35.76 -20.07 2.36
CA THR A 284 36.74 -19.01 2.18
C THR A 284 37.87 -19.51 1.23
N TRP A 285 38.65 -18.55 0.72
CA TRP A 285 39.86 -18.85 -0.05
C TRP A 285 41.07 -18.58 0.84
N SER A 286 42.05 -19.52 0.80
CA SER A 286 43.26 -19.36 1.57
C SER A 286 43.98 -18.03 1.25
N GLU A 287 44.35 -17.29 2.28
CA GLU A 287 45.16 -16.07 2.12
C GLU A 287 46.62 -16.37 1.79
N GLU A 288 47.08 -17.58 2.13
CA GLU A 288 48.45 -17.97 1.68
C GLU A 288 48.39 -18.12 0.14
N ASP A 289 47.37 -18.81 -0.40
CA ASP A 289 47.30 -19.11 -1.85
C ASP A 289 46.76 -17.99 -2.71
N TYR A 290 45.91 -17.15 -2.12
CA TYR A 290 45.34 -16.00 -2.80
C TYR A 290 45.49 -14.81 -1.84
N PRO A 291 46.64 -14.12 -1.92
CA PRO A 291 46.95 -13.12 -0.94
C PRO A 291 46.05 -11.89 -1.07
N LEU A 292 45.81 -11.26 0.08
CA LEU A 292 45.07 -10.00 0.11
C LEU A 292 45.85 -8.90 -0.56
N GLN A 293 45.19 -8.18 -1.44
CA GLN A 293 45.79 -7.11 -2.23
C GLN A 293 45.10 -5.82 -1.89
N LYS A 294 45.85 -4.82 -1.44
CA LYS A 294 45.21 -3.58 -0.99
C LYS A 294 44.63 -2.78 -2.15
N VAL A 295 43.43 -2.23 -1.95
CA VAL A 295 42.76 -1.40 -2.94
C VAL A 295 42.66 0.04 -2.52
N GLY A 296 42.14 0.26 -1.32
CA GLY A 296 41.97 1.60 -0.83
C GLY A 296 41.35 1.62 0.54
N ARG A 297 40.87 2.80 0.93
CA ARG A 297 40.41 3.05 2.28
C ARG A 297 39.11 3.82 2.29
N MET A 298 38.22 3.36 3.12
CA MET A 298 36.90 4.03 3.31
C MET A 298 36.91 4.66 4.69
N THR A 299 36.55 5.93 4.76
CA THR A 299 36.42 6.63 6.03
C THR A 299 34.99 7.12 6.17
N LEU A 300 34.36 6.84 7.31
CA LEU A 300 33.03 7.38 7.58
C LEU A 300 33.15 8.66 8.44
N ASN A 301 32.66 9.76 7.88
CA ASN A 301 32.87 11.09 8.48
C ASN A 301 31.62 11.99 8.59
N ARG A 302 30.43 11.47 8.32
CA ARG A 302 29.25 12.29 8.40
C ARG A 302 28.05 11.47 8.83
N ASN A 303 27.36 11.93 9.89
CA ASN A 303 26.10 11.32 10.30
C ASN A 303 24.93 11.84 9.40
N PRO A 304 23.89 11.04 9.27
CA PRO A 304 22.76 11.50 8.48
C PRO A 304 22.07 12.61 9.16
N GLU A 305 21.32 13.36 8.39
CA GLU A 305 20.52 14.42 9.01
C GLU A 305 19.21 13.93 9.61
N ASN A 306 18.62 12.88 9.02
CA ASN A 306 17.36 12.30 9.55
C ASN A 306 17.42 10.77 9.43
N PHE A 307 17.25 10.11 10.55
CA PHE A 307 17.39 8.66 10.59
C PHE A 307 16.34 7.98 9.70
N PHE A 308 15.06 8.31 9.85
CA PHE A 308 14.06 7.68 8.95
C PHE A 308 14.38 7.88 7.47
N ALA A 309 14.56 9.16 7.04
CA ALA A 309 14.61 9.47 5.62
C ALA A 309 15.81 8.84 4.90
N GLU A 310 16.91 8.73 5.65
CA GLU A 310 18.20 8.31 5.10
C GLU A 310 18.55 6.87 5.51
N THR A 311 18.54 6.52 6.77
CA THR A 311 18.97 5.16 7.19
C THR A 311 17.84 4.16 7.08
N GLU A 312 16.65 4.51 7.61
CA GLU A 312 15.52 3.58 7.48
C GLU A 312 15.16 3.27 6.03
N GLN A 313 15.15 4.29 5.17
CA GLN A 313 14.71 4.20 3.79
C GLN A 313 15.83 3.82 2.80
N ALA A 314 17.07 3.65 3.29
CA ALA A 314 18.18 3.19 2.45
C ALA A 314 17.90 1.87 1.86
N ALA A 315 18.22 1.73 0.59
CA ALA A 315 17.92 0.51 -0.15
C ALA A 315 19.25 0.08 -0.79
N PHE A 316 19.76 -1.09 -0.41
CA PHE A 316 20.93 -1.70 -1.08
C PHE A 316 20.52 -2.93 -1.81
N THR A 317 21.25 -3.26 -2.90
CA THR A 317 21.07 -4.55 -3.53
C THR A 317 22.35 -5.09 -4.14
N PRO A 318 22.60 -6.41 -3.95
CA PRO A 318 23.82 -6.97 -4.62
C PRO A 318 23.80 -6.84 -6.13
N SER A 319 22.60 -6.66 -6.73
CA SER A 319 22.44 -6.52 -8.15
C SER A 319 22.70 -5.10 -8.63
N ALA A 320 23.01 -4.15 -7.73
CA ALA A 320 23.47 -2.84 -8.15
C ALA A 320 24.95 -2.93 -8.50
N LEU A 321 25.20 -3.48 -9.65
CA LEU A 321 26.59 -3.72 -10.12
C LEU A 321 26.92 -2.63 -11.10
N VAL A 322 28.19 -2.39 -11.35
CA VAL A 322 28.63 -1.41 -12.32
C VAL A 322 29.57 -2.07 -13.33
N PRO A 323 29.77 -1.41 -14.49
CA PRO A 323 30.62 -1.98 -15.52
C PRO A 323 31.98 -2.38 -14.96
N GLY A 324 32.39 -3.63 -15.24
CA GLY A 324 33.64 -4.15 -14.66
C GLY A 324 33.45 -5.08 -13.49
N ILE A 325 32.23 -5.08 -12.91
CA ILE A 325 31.93 -5.93 -11.71
C ILE A 325 30.61 -6.64 -11.93
N GLU A 326 30.67 -7.96 -11.84
CA GLU A 326 29.55 -8.81 -12.23
C GLU A 326 29.30 -9.91 -11.15
N ALA A 327 28.09 -10.46 -11.16
CA ALA A 327 27.76 -11.59 -10.31
C ALA A 327 28.63 -12.77 -10.68
N SER A 328 28.87 -13.63 -9.72
CA SER A 328 29.21 -15.01 -10.06
C SER A 328 28.00 -15.90 -10.08
N GLU A 329 28.28 -17.17 -10.37
CA GLU A 329 27.28 -18.22 -10.46
C GLU A 329 26.77 -18.73 -9.10
N ASP A 330 27.31 -18.22 -8.00
CA ASP A 330 26.96 -18.58 -6.66
C ASP A 330 25.41 -18.52 -6.47
N LYS A 331 24.76 -19.66 -6.06
CA LYS A 331 23.34 -19.84 -6.24
C LYS A 331 22.62 -19.01 -5.12
N LEU A 332 23.39 -18.71 -4.09
CA LEU A 332 22.95 -17.89 -3.01
C LEU A 332 22.85 -16.41 -3.47
N LEU A 333 23.95 -15.92 -4.02
CA LEU A 333 23.97 -14.59 -4.66
C LEU A 333 22.89 -14.44 -5.72
N GLN A 334 22.68 -15.46 -6.54
CA GLN A 334 21.73 -15.35 -7.63
C GLN A 334 20.34 -14.97 -7.12
N GLY A 335 19.87 -15.61 -6.06
CA GLY A 335 18.59 -15.18 -5.50
C GLY A 335 18.54 -13.81 -4.86
N ARG A 336 19.63 -13.37 -4.26
CA ARG A 336 19.74 -12.01 -3.75
C ARG A 336 19.57 -10.96 -4.80
N LEU A 337 20.01 -11.24 -6.02
CA LEU A 337 19.89 -10.29 -7.10
C LEU A 337 18.42 -9.85 -7.32
N PHE A 338 17.49 -10.80 -7.14
CA PHE A 338 16.07 -10.64 -7.23
C PHE A 338 15.49 -10.04 -5.95
N SER A 339 15.84 -10.60 -4.81
CA SER A 339 15.06 -10.42 -3.57
C SER A 339 15.16 -8.99 -3.04
N TYR A 340 16.32 -8.35 -3.22
CA TYR A 340 16.49 -6.99 -2.61
C TYR A 340 15.56 -5.97 -3.28
N PRO A 341 15.66 -5.81 -4.61
CA PRO A 341 14.76 -4.77 -5.20
C PRO A 341 13.32 -5.17 -5.08
N ASP A 342 13.06 -6.48 -4.98
CA ASP A 342 11.72 -6.99 -4.81
C ASP A 342 11.14 -6.55 -3.49
N THR A 343 11.85 -6.86 -2.41
CA THR A 343 11.39 -6.44 -1.05
C THR A 343 11.30 -4.91 -0.98
N GLN A 344 12.19 -4.17 -1.63
CA GLN A 344 12.27 -2.73 -1.52
C GLN A 344 11.10 -2.05 -2.20
N ARG A 345 10.64 -2.62 -3.29
CA ARG A 345 9.41 -2.12 -3.90
C ARG A 345 8.22 -2.20 -2.99
N HIS A 346 8.09 -3.25 -2.20
CA HIS A 346 7.13 -3.38 -1.13
C HIS A 346 7.37 -2.48 0.03
N ARG A 347 8.59 -2.52 0.57
CA ARG A 347 8.93 -1.79 1.78
C ARG A 347 8.85 -0.24 1.61
N LEU A 348 9.22 0.25 0.43
CA LEU A 348 9.55 1.67 0.20
C LEU A 348 8.69 2.31 -0.89
N GLY A 349 8.11 1.50 -1.78
CA GLY A 349 7.37 1.94 -2.94
C GLY A 349 8.05 1.69 -4.24
N ALA A 350 7.24 1.67 -5.27
CA ALA A 350 7.77 1.48 -6.64
C ALA A 350 8.87 2.44 -7.02
N ASN A 351 8.75 3.69 -6.55
CA ASN A 351 9.71 4.77 -6.84
C ASN A 351 10.78 4.96 -5.76
N TYR A 352 11.15 3.88 -5.05
CA TYR A 352 12.06 3.95 -3.91
C TYR A 352 13.43 4.52 -4.37
N MET A 353 13.74 4.34 -5.67
CA MET A 353 15.06 4.77 -6.16
C MET A 353 15.16 6.31 -6.34
N ARG A 354 14.06 7.03 -6.14
CA ARG A 354 14.07 8.47 -6.13
C ARG A 354 14.23 9.04 -4.74
N ILE A 355 14.16 8.20 -3.69
CA ILE A 355 14.41 8.68 -2.38
C ILE A 355 15.88 9.15 -2.31
N PRO A 356 16.13 10.34 -1.73
CA PRO A 356 17.48 10.94 -1.88
C PRO A 356 18.69 10.04 -1.61
N VAL A 357 18.73 9.33 -0.51
CA VAL A 357 19.87 8.47 -0.20
C VAL A 357 20.05 7.39 -1.26
N ASN A 358 18.99 6.98 -1.94
CA ASN A 358 19.08 5.94 -2.98
C ASN A 358 19.43 6.43 -4.39
N CYS A 359 19.34 7.74 -4.60
CA CYS A 359 19.56 8.34 -5.90
C CYS A 359 21.03 8.25 -6.29
N PRO A 360 21.28 7.84 -7.54
CA PRO A 360 22.63 7.94 -8.07
C PRO A 360 23.09 9.38 -8.25
N TYR A 361 24.42 9.55 -8.30
CA TYR A 361 25.04 10.79 -8.73
C TYR A 361 25.07 10.88 -10.25
N ALA A 362 25.23 9.75 -10.89
CA ALA A 362 25.17 9.64 -12.33
C ALA A 362 23.73 9.88 -12.85
N PRO A 363 23.60 10.40 -14.08
CA PRO A 363 22.29 10.72 -14.62
C PRO A 363 21.43 9.47 -14.84
N VAL A 364 20.14 9.64 -14.64
CA VAL A 364 19.20 8.62 -14.87
C VAL A 364 18.27 9.07 -15.98
N HIS A 365 18.19 8.29 -17.06
CA HIS A 365 17.29 8.64 -18.19
C HIS A 365 16.73 7.32 -18.68
N ASN A 366 15.42 7.14 -18.60
CA ASN A 366 14.79 5.95 -19.18
C ASN A 366 13.31 6.21 -19.44
N ASN A 367 12.63 5.18 -19.93
CA ASN A 367 11.25 5.33 -20.32
C ASN A 367 10.27 4.76 -19.28
N GLN A 368 10.74 4.57 -18.04
CA GLN A 368 9.86 4.15 -16.97
C GLN A 368 8.97 5.32 -16.61
N GLN A 369 7.83 5.05 -16.05
CA GLN A 369 6.94 6.18 -15.71
C GLN A 369 6.02 5.80 -14.58
N ASP A 370 5.50 6.84 -13.94
CA ASP A 370 4.34 6.76 -13.04
C ASP A 370 4.69 6.01 -11.76
N GLY A 371 3.70 5.34 -11.21
CA GLY A 371 3.85 4.66 -9.91
C GLY A 371 3.59 5.59 -8.75
N PHE A 372 3.31 4.99 -7.58
N PHE A 372 3.31 4.99 -7.61
CA PHE A 372 2.93 5.76 -6.39
CA PHE A 372 2.99 5.70 -6.40
C PHE A 372 3.99 6.82 -6.10
C PHE A 372 4.00 6.79 -6.09
N MET A 373 3.50 7.96 -5.72
CA MET A 373 4.35 9.11 -5.28
C MET A 373 5.33 9.51 -6.37
N THR A 374 4.79 9.87 -7.53
CA THR A 374 5.60 10.45 -8.58
C THR A 374 5.92 11.93 -8.30
N THR A 375 7.17 12.19 -7.90
CA THR A 375 7.54 13.50 -7.42
C THR A 375 8.58 14.18 -8.32
N THR A 376 8.98 13.53 -9.43
CA THR A 376 10.10 13.94 -10.24
C THR A 376 9.79 14.93 -11.41
N ARG A 377 8.58 15.47 -11.49
CA ARG A 377 8.21 16.41 -12.56
C ARG A 377 8.55 15.90 -13.95
N PRO A 378 8.03 14.72 -14.33
CA PRO A 378 8.34 14.20 -15.67
C PRO A 378 7.76 15.09 -16.78
N SER A 379 8.29 14.96 -17.99
CA SER A 379 7.80 15.74 -19.14
C SER A 379 8.15 15.01 -20.40
N GLY A 380 7.53 15.40 -21.49
CA GLY A 380 7.83 14.77 -22.82
C GLY A 380 6.81 13.73 -23.25
N HIS A 381 6.73 13.53 -24.56
CA HIS A 381 5.74 12.71 -25.20
C HIS A 381 6.25 11.28 -25.42
N ILE A 382 7.58 11.08 -25.31
CA ILE A 382 8.21 9.86 -25.80
C ILE A 382 8.69 9.00 -24.64
N ASN A 383 7.97 7.89 -24.41
CA ASN A 383 8.26 6.94 -23.32
C ASN A 383 8.46 5.51 -23.78
N TYR A 384 8.97 5.37 -25.00
CA TYR A 384 9.07 4.05 -25.65
C TYR A 384 10.33 4.12 -26.55
N GLU A 385 11.01 3.00 -26.66
CA GLU A 385 12.17 2.85 -27.55
C GLU A 385 12.07 1.49 -28.15
N PRO A 386 12.42 1.33 -29.42
CA PRO A 386 12.86 2.34 -30.36
C PRO A 386 11.87 3.45 -30.73
N ASN A 387 12.44 4.60 -31.12
CA ASN A 387 11.70 5.69 -31.59
C ASN A 387 12.53 6.40 -32.58
N ARG A 388 11.90 7.34 -33.26
CA ARG A 388 12.54 8.04 -34.41
C ARG A 388 13.38 9.21 -34.01
N TYR A 389 13.47 9.51 -32.73
CA TYR A 389 14.08 10.76 -32.22
C TYR A 389 15.50 10.59 -31.75
N ASP A 390 16.42 11.28 -32.40
CA ASP A 390 17.86 11.03 -32.10
C ASP A 390 18.34 11.52 -30.74
N ASP A 391 17.63 12.51 -30.20
CA ASP A 391 17.91 13.13 -28.91
C ASP A 391 17.28 12.39 -27.71
N GLN A 392 16.46 11.36 -27.94
CA GLN A 392 15.93 10.57 -26.85
C GLN A 392 16.99 9.53 -26.40
N PRO A 393 16.90 9.03 -25.17
CA PRO A 393 17.87 8.10 -24.65
C PRO A 393 17.96 6.82 -25.50
N LYS A 394 19.18 6.41 -25.83
CA LYS A 394 19.46 5.20 -26.54
C LYS A 394 20.42 4.28 -25.78
N GLU A 395 20.33 3.01 -26.11
CA GLU A 395 21.28 2.05 -25.54
C GLU A 395 22.69 2.44 -26.00
N ASN A 396 23.67 1.98 -25.25
CA ASN A 396 25.05 2.30 -25.55
C ASN A 396 25.91 1.01 -25.47
N PRO A 397 26.33 0.51 -26.62
CA PRO A 397 26.97 -0.81 -26.64
C PRO A 397 28.34 -0.89 -25.95
N HIS A 398 28.98 0.23 -25.72
CA HIS A 398 30.23 0.26 -24.90
CA HIS A 398 30.22 0.25 -24.94
C HIS A 398 29.99 -0.27 -23.49
N TYR A 399 28.74 -0.36 -23.05
CA TYR A 399 28.45 -0.77 -21.68
C TYR A 399 27.78 -2.13 -21.58
N LYS A 400 28.02 -3.02 -22.50
CA LYS A 400 27.47 -4.36 -22.38
C LYS A 400 28.22 -5.14 -21.31
N GLU A 401 27.53 -6.05 -20.64
CA GLU A 401 28.22 -6.92 -19.69
C GLU A 401 28.93 -8.09 -20.43
N SER A 402 29.78 -8.79 -19.73
CA SER A 402 30.44 -9.95 -20.27
C SER A 402 29.44 -11.07 -20.61
N GLU A 403 29.94 -12.10 -21.31
CA GLU A 403 29.16 -13.30 -21.63
C GLU A 403 29.73 -14.56 -20.96
N PRO A 404 29.42 -14.78 -19.67
CA PRO A 404 30.02 -15.98 -19.00
C PRO A 404 29.77 -17.33 -19.69
N VAL A 405 30.80 -18.18 -19.74
CA VAL A 405 30.66 -19.51 -20.31
C VAL A 405 29.82 -20.35 -19.38
N LEU A 406 28.94 -21.15 -19.99
CA LEU A 406 28.08 -22.06 -19.24
C LEU A 406 28.63 -23.47 -19.38
N HIS A 407 28.76 -24.18 -18.27
CA HIS A 407 29.29 -25.50 -18.29
C HIS A 407 28.16 -26.54 -18.36
N GLY A 408 27.04 -26.24 -17.74
CA GLY A 408 25.87 -27.10 -17.82
C GLY A 408 25.22 -27.18 -19.18
N ASP A 409 24.67 -28.33 -19.47
CA ASP A 409 23.96 -28.52 -20.71
C ASP A 409 22.43 -28.70 -20.53
N ARG A 410 21.96 -28.67 -19.28
CA ARG A 410 20.52 -28.83 -18.95
C ARG A 410 20.07 -27.85 -17.82
N MET A 411 18.79 -27.59 -17.81
CA MET A 411 18.12 -26.87 -16.71
C MET A 411 17.87 -27.88 -15.61
N VAL A 412 18.62 -27.77 -14.53
CA VAL A 412 18.58 -28.73 -13.47
CA VAL A 412 18.58 -28.74 -13.45
C VAL A 412 18.37 -28.08 -12.09
N ARG A 413 17.82 -28.85 -11.17
CA ARG A 413 17.84 -28.52 -9.74
C ARG A 413 18.70 -29.62 -9.08
N GLN A 414 19.94 -29.26 -8.75
CA GLN A 414 20.93 -30.19 -8.28
C GLN A 414 21.98 -29.48 -7.44
N LYS A 415 22.41 -30.09 -6.36
CA LYS A 415 23.45 -29.51 -5.51
C LYS A 415 24.78 -29.41 -6.27
N ILE A 416 25.59 -28.40 -5.93
CA ILE A 416 26.91 -28.29 -6.55
C ILE A 416 27.75 -29.55 -6.26
N GLU A 417 28.63 -29.86 -7.21
CA GLU A 417 29.72 -30.79 -6.93
C GLU A 417 30.71 -30.25 -5.89
N LYS A 418 31.46 -31.15 -5.28
CA LYS A 418 32.37 -30.83 -4.20
C LYS A 418 31.81 -29.94 -3.09
N PRO A 419 30.72 -30.36 -2.44
CA PRO A 419 30.17 -29.54 -1.36
C PRO A 419 31.15 -29.43 -0.21
N ASN A 420 31.85 -30.54 0.13
CA ASN A 420 32.88 -30.54 1.16
C ASN A 420 32.46 -29.79 2.44
N ASP A 421 31.43 -30.28 3.10
CA ASP A 421 30.76 -29.50 4.14
C ASP A 421 31.56 -29.31 5.39
N PHE A 422 32.59 -30.14 5.64
CA PHE A 422 33.17 -30.18 6.96
C PHE A 422 34.64 -29.73 7.03
N LYS A 423 35.35 -29.72 5.92
CA LYS A 423 36.81 -29.56 5.94
C LYS A 423 37.21 -28.19 6.45
N GLN A 424 36.60 -27.14 5.92
CA GLN A 424 37.03 -25.82 6.34
C GLN A 424 36.58 -25.49 7.79
N ALA A 425 35.48 -26.04 8.25
CA ALA A 425 35.08 -25.87 9.64
C ALA A 425 36.16 -26.42 10.54
N GLY A 426 36.69 -27.58 10.17
CA GLY A 426 37.79 -28.17 10.96
C GLY A 426 39.03 -27.29 10.95
N GLU A 427 39.36 -26.75 9.79
CA GLU A 427 40.52 -25.89 9.64
C GLU A 427 40.37 -24.64 10.46
N LYS A 428 39.18 -24.02 10.41
CA LYS A 428 38.91 -22.88 11.29
C LYS A 428 39.06 -23.23 12.78
N TYR A 429 38.47 -24.34 13.19
CA TYR A 429 38.56 -24.77 14.60
C TYR A 429 40.02 -24.86 15.01
N ARG A 430 40.80 -25.58 14.21
CA ARG A 430 42.22 -25.77 14.54
C ARG A 430 43.01 -24.44 14.51
N SER A 431 42.51 -23.42 13.79
CA SER A 431 43.18 -22.13 13.73
C SER A 431 42.94 -21.25 14.99
N TYR A 432 41.94 -21.61 15.80
CA TYR A 432 41.66 -20.94 17.04
C TYR A 432 42.75 -21.23 18.09
N SER A 433 43.07 -20.20 18.88
CA SER A 433 43.85 -20.33 20.12
C SER A 433 43.05 -21.16 21.08
N GLU A 434 43.73 -21.68 22.09
CA GLU A 434 43.07 -22.51 23.07
C GLU A 434 41.96 -21.71 23.75
N GLU A 435 42.25 -20.46 24.08
CA GLU A 435 41.29 -19.57 24.70
C GLU A 435 40.03 -19.46 23.78
N GLU A 436 40.26 -19.30 22.48
CA GLU A 436 39.17 -19.16 21.51
C GLU A 436 38.37 -20.46 21.37
N LYS A 437 39.05 -21.61 21.41
CA LYS A 437 38.33 -22.88 21.39
C LYS A 437 37.45 -23.05 22.62
N GLN A 438 37.94 -22.64 23.78
CA GLN A 438 37.12 -22.72 25.00
C GLN A 438 35.90 -21.86 24.89
N ALA A 439 36.07 -20.67 24.33
CA ALA A 439 34.92 -19.76 24.17
C ALA A 439 33.87 -20.40 23.25
N LEU A 440 34.33 -20.95 22.15
CA LEU A 440 33.47 -21.57 21.14
C LEU A 440 32.64 -22.68 21.76
N ILE A 441 33.33 -23.60 22.50
CA ILE A 441 32.63 -24.72 23.10
C ILE A 441 31.64 -24.21 24.16
N LYS A 442 32.04 -23.20 24.94
CA LYS A 442 31.19 -22.58 25.99
C LYS A 442 29.94 -22.01 25.35
N ASN A 443 30.16 -21.27 24.25
CA ASN A 443 29.01 -20.58 23.58
C ASN A 443 28.10 -21.59 22.95
N LEU A 444 28.66 -22.62 22.30
CA LEU A 444 27.81 -23.67 21.70
C LEU A 444 27.05 -24.45 22.75
N THR A 445 27.70 -24.73 23.85
CA THR A 445 27.10 -25.56 24.90
C THR A 445 25.90 -24.84 25.49
N ALA A 446 26.06 -23.55 25.76
CA ALA A 446 24.91 -22.77 26.27
C ALA A 446 23.74 -22.72 25.32
N ASP A 447 24.01 -22.76 24.03
CA ASP A 447 22.98 -22.77 23.00
C ASP A 447 22.31 -24.09 22.79
N LEU A 448 23.11 -25.19 22.92
CA LEU A 448 22.61 -26.53 22.60
C LEU A 448 21.97 -27.25 23.79
N LYS A 449 22.26 -26.78 24.99
CA LYS A 449 21.98 -27.64 26.18
C LYS A 449 20.48 -27.95 26.30
N GLY A 450 19.61 -27.07 25.82
CA GLY A 450 18.17 -27.29 25.93
C GLY A 450 17.49 -27.95 24.76
N VAL A 451 18.23 -28.27 23.71
CA VAL A 451 17.59 -28.68 22.47
C VAL A 451 17.27 -30.18 22.50
N ASN A 452 16.31 -30.58 21.68
CA ASN A 452 15.93 -31.97 21.46
C ASN A 452 17.19 -32.85 21.39
N GLU A 453 17.16 -34.00 22.08
CA GLU A 453 18.35 -34.88 22.15
C GLU A 453 18.86 -35.39 20.80
N LYS A 454 17.95 -35.76 19.91
CA LYS A 454 18.32 -36.21 18.57
C LYS A 454 19.01 -35.11 17.76
N THR A 455 18.47 -33.89 17.82
CA THR A 455 19.10 -32.76 17.18
C THR A 455 20.46 -32.42 17.79
N LYS A 456 20.52 -32.45 19.11
CA LYS A 456 21.74 -32.15 19.85
C LYS A 456 22.84 -33.12 19.39
N LEU A 457 22.46 -34.39 19.23
CA LEU A 457 23.46 -35.38 18.79
C LEU A 457 23.93 -35.12 17.35
N LEU A 458 22.99 -34.78 16.49
CA LEU A 458 23.34 -34.49 15.12
C LEU A 458 24.27 -33.28 15.03
N ALA A 459 24.06 -32.27 15.86
CA ALA A 459 25.02 -31.15 15.94
C ALA A 459 26.41 -31.59 16.33
N ILE A 460 26.47 -32.44 17.35
CA ILE A 460 27.76 -32.95 17.84
C ILE A 460 28.46 -33.70 16.72
N CYS A 461 27.71 -34.57 16.05
CA CYS A 461 28.26 -35.31 14.90
C CYS A 461 28.77 -34.45 13.73
N ASN A 462 28.02 -33.39 13.36
CA ASN A 462 28.53 -32.49 12.35
C ASN A 462 29.86 -31.88 12.82
N PHE A 463 29.94 -31.47 14.08
CA PHE A 463 31.17 -30.74 14.50
C PHE A 463 32.30 -31.74 14.66
N TYR A 464 31.94 -32.97 15.01
CA TYR A 464 32.94 -34.08 15.06
C TYR A 464 33.55 -34.39 13.66
N ARG A 465 32.69 -34.38 12.61
CA ARG A 465 33.16 -34.53 11.25
C ARG A 465 34.07 -33.39 10.78
N ALA A 466 33.86 -32.18 11.26
CA ALA A 466 34.80 -31.09 11.07
C ALA A 466 36.14 -31.37 11.76
N ASP A 467 36.11 -31.66 13.06
CA ASP A 467 37.34 -32.05 13.77
C ASP A 467 36.94 -32.95 14.97
N GLU A 468 37.60 -34.09 15.12
CA GLU A 468 37.26 -35.06 16.21
C GLU A 468 37.37 -34.44 17.61
N ASP A 469 38.33 -33.53 17.80
CA ASP A 469 38.53 -32.86 19.07
C ASP A 469 37.41 -31.85 19.34
N TYR A 470 37.07 -31.08 18.30
CA TYR A 470 35.95 -30.15 18.36
C TYR A 470 34.68 -30.85 18.83
N GLY A 471 34.30 -31.91 18.13
CA GLY A 471 33.14 -32.68 18.47
C GLY A 471 33.19 -33.36 19.84
N GLN A 472 34.34 -33.95 20.16
CA GLN A 472 34.47 -34.61 21.48
C GLN A 472 34.35 -33.64 22.64
N ARG A 473 35.04 -32.51 22.55
CA ARG A 473 34.93 -31.48 23.58
C ARG A 473 33.45 -31.02 23.78
N LEU A 474 32.76 -30.81 22.66
CA LEU A 474 31.36 -30.34 22.73
C LEU A 474 30.47 -31.41 23.37
N ALA A 475 30.66 -32.64 22.95
CA ALA A 475 29.96 -33.78 23.56
C ALA A 475 30.20 -33.82 25.06
N ASP A 476 31.45 -33.68 25.48
CA ASP A 476 31.79 -33.84 26.91
C ASP A 476 31.11 -32.72 27.67
N SER A 477 31.16 -31.53 27.07
CA SER A 477 30.60 -30.31 27.71
C SER A 477 29.09 -30.41 27.86
N LEU A 478 28.46 -31.05 26.89
CA LEU A 478 27.02 -31.29 26.93
C LEU A 478 26.57 -32.58 27.69
N GLY A 479 27.51 -33.39 28.17
CA GLY A 479 27.11 -34.59 28.86
C GLY A 479 26.47 -35.60 27.90
N VAL A 480 26.90 -35.61 26.63
CA VAL A 480 26.45 -36.60 25.66
C VAL A 480 27.52 -37.64 25.37
N ASP A 481 27.09 -38.89 25.56
CA ASP A 481 27.86 -40.10 25.30
C ASP A 481 27.73 -40.43 23.83
N ILE A 482 28.86 -40.35 23.12
CA ILE A 482 28.90 -40.56 21.67
C ILE A 482 29.46 -41.92 21.27
N ARG A 483 29.63 -42.80 22.26
CA ARG A 483 30.37 -44.05 22.05
C ARG A 483 29.79 -44.98 21.00
N SER A 484 28.50 -45.22 21.06
CA SER A 484 27.92 -46.26 20.22
C SER A 484 27.89 -45.80 18.76
N TYR A 485 28.04 -44.49 18.53
CA TYR A 485 28.44 -43.94 17.23
C TYR A 485 29.97 -43.91 17.15
N HIS B 6 -35.82 -10.17 7.59
CA HIS B 6 -35.52 -8.85 8.23
C HIS B 6 -34.23 -8.82 9.06
N LYS B 7 -33.43 -7.77 8.86
CA LYS B 7 -32.05 -7.73 9.28
C LYS B 7 -31.66 -6.35 9.72
N ASN B 8 -30.78 -6.24 10.72
CA ASN B 8 -30.26 -4.91 11.12
C ASN B 8 -29.08 -4.54 10.24
N LEU B 9 -29.05 -3.27 9.81
CA LEU B 9 -27.84 -2.65 9.37
C LEU B 9 -26.91 -2.48 10.58
N THR B 10 -25.64 -2.76 10.42
CA THR B 10 -24.68 -2.74 11.48
C THR B 10 -23.40 -2.00 11.06
N THR B 11 -22.61 -1.59 12.04
CA THR B 11 -21.22 -1.27 11.82
C THR B 11 -20.36 -2.53 11.61
N ASN B 12 -19.10 -2.34 11.23
CA ASN B 12 -18.17 -3.48 11.10
C ASN B 12 -17.77 -4.15 12.43
N GLN B 13 -18.11 -3.48 13.55
CA GLN B 13 -17.98 -3.99 14.89
C GLN B 13 -19.20 -4.80 15.25
N GLY B 14 -20.20 -4.83 14.38
CA GLY B 14 -21.43 -5.68 14.61
C GLY B 14 -22.42 -5.04 15.53
N VAL B 15 -22.26 -3.73 15.70
CA VAL B 15 -23.24 -2.92 16.42
C VAL B 15 -24.39 -2.49 15.51
N PRO B 16 -25.63 -2.86 15.83
CA PRO B 16 -26.73 -2.25 15.07
C PRO B 16 -26.74 -0.69 14.95
N VAL B 17 -27.04 -0.21 13.74
CA VAL B 17 -27.09 1.21 13.42
C VAL B 17 -28.48 1.80 13.64
N GLY B 18 -28.52 2.78 14.54
CA GLY B 18 -29.81 3.41 14.91
C GLY B 18 -30.36 4.36 13.85
N ASP B 19 -29.47 4.97 13.06
CA ASP B 19 -29.90 6.03 12.09
C ASP B 19 -28.91 6.08 10.94
N ASN B 20 -29.31 5.57 9.79
CA ASN B 20 -28.43 5.51 8.64
C ASN B 20 -28.68 6.72 7.70
N GLN B 21 -29.41 7.73 8.20
CA GLN B 21 -29.83 8.88 7.39
C GLN B 21 -29.13 10.16 7.76
N ASN B 22 -28.96 10.39 9.07
CA ASN B 22 -28.46 11.68 9.54
C ASN B 22 -27.11 11.54 10.27
N SER B 23 -26.22 12.47 9.93
CA SER B 23 -24.96 12.64 10.64
C SER B 23 -25.26 13.14 12.06
N ARG B 24 -24.30 12.94 12.97
CA ARG B 24 -24.45 13.48 14.36
C ARG B 24 -23.93 14.92 14.44
N THR B 25 -24.78 15.82 14.92
CA THR B 25 -24.57 17.27 14.71
C THR B 25 -24.96 18.04 15.96
N ALA B 26 -24.56 19.32 15.99
CA ALA B 26 -24.98 20.26 17.09
C ALA B 26 -26.37 20.85 16.81
N GLY B 27 -27.40 20.17 17.31
CA GLY B 27 -28.81 20.42 16.92
C GLY B 27 -29.03 20.04 15.48
N HIS B 28 -30.27 20.22 15.02
CA HIS B 28 -30.76 19.69 13.75
C HIS B 28 -30.10 20.37 12.57
N ARG B 29 -29.44 21.49 12.76
CA ARG B 29 -28.83 22.13 11.61
C ARG B 29 -27.37 22.51 11.78
N GLY B 30 -26.71 22.02 12.82
CA GLY B 30 -25.42 22.60 13.22
C GLY B 30 -24.34 21.76 12.56
N PRO B 31 -23.08 22.11 12.81
CA PRO B 31 -21.96 21.33 12.23
C PRO B 31 -21.82 19.94 12.88
N SER B 32 -21.00 19.11 12.25
CA SER B 32 -20.95 17.71 12.57
C SER B 32 -19.87 17.38 13.60
N PHE B 33 -20.13 16.35 14.41
CA PHE B 33 -19.24 15.94 15.47
C PHE B 33 -18.30 14.81 15.00
N LEU B 34 -17.09 14.90 15.50
CA LEU B 34 -16.11 13.89 15.26
C LEU B 34 -16.49 12.50 15.84
N ASP B 35 -17.22 12.52 16.97
CA ASP B 35 -17.72 11.30 17.57
C ASP B 35 -18.96 10.77 16.83
N ASP B 36 -18.75 10.29 15.61
CA ASP B 36 -19.80 9.63 14.84
C ASP B 36 -19.19 8.48 14.14
N TYR B 37 -19.05 7.36 14.89
CA TYR B 37 -18.19 6.27 14.44
C TYR B 37 -18.82 5.72 13.12
N HIS B 38 -20.15 5.67 13.06
CA HIS B 38 -20.79 5.07 11.87
C HIS B 38 -20.48 5.91 10.62
N LEU B 39 -20.58 7.21 10.75
CA LEU B 39 -20.27 8.12 9.62
C LEU B 39 -18.83 7.87 9.15
N ILE B 40 -17.90 7.98 10.11
CA ILE B 40 -16.47 7.91 9.75
C ILE B 40 -16.14 6.53 9.19
N GLU B 41 -16.62 5.46 9.83
CA GLU B 41 -16.37 4.15 9.33
C GLU B 41 -16.92 3.95 7.92
N LYS B 42 -18.15 4.34 7.70
CA LYS B 42 -18.78 4.20 6.40
C LYS B 42 -18.12 5.01 5.29
N LEU B 43 -17.74 6.25 5.59
CA LEU B 43 -17.05 7.08 4.60
C LEU B 43 -15.62 6.63 4.38
N ALA B 44 -14.98 6.19 5.47
CA ALA B 44 -13.53 5.70 5.38
C ALA B 44 -13.46 4.45 4.54
N HIS B 45 -14.46 3.58 4.64
CA HIS B 45 -14.42 2.43 3.77
C HIS B 45 -14.72 2.76 2.32
N PHE B 46 -15.76 3.54 2.08
CA PHE B 46 -16.04 4.07 0.76
C PHE B 46 -14.82 4.71 0.10
N ASP B 47 -14.07 5.52 0.86
CA ASP B 47 -12.87 6.24 0.42
C ASP B 47 -11.75 5.28 -0.01
N ARG B 48 -11.91 3.99 0.37
CA ARG B 48 -10.89 2.95 0.09
C ARG B 48 -11.38 1.82 -0.78
N GLU B 49 -12.50 2.01 -1.48
CA GLU B 49 -12.99 0.91 -2.31
C GLU B 49 -12.09 0.51 -3.46
N ARG B 50 -11.34 1.46 -4.03
CA ARG B 50 -10.70 1.24 -5.29
C ARG B 50 -9.27 0.68 -5.09
N ILE B 51 -8.93 -0.25 -5.93
CA ILE B 51 -7.57 -0.74 -6.08
C ILE B 51 -7.03 -0.44 -7.50
N PRO B 52 -5.72 -0.53 -7.70
CA PRO B 52 -5.22 -0.23 -9.01
C PRO B 52 -5.80 -1.15 -10.05
N GLU B 53 -6.10 -0.62 -11.25
CA GLU B 53 -6.60 -1.48 -12.34
C GLU B 53 -5.41 -2.27 -12.89
N ARG B 54 -5.71 -3.29 -13.69
CA ARG B 54 -4.63 -3.97 -14.41
C ARG B 54 -3.86 -3.06 -15.29
N VAL B 55 -2.53 -3.24 -15.31
CA VAL B 55 -1.68 -2.35 -16.18
C VAL B 55 -1.95 -2.43 -17.67
N VAL B 56 -2.39 -3.61 -18.10
CA VAL B 56 -3.04 -3.82 -19.37
C VAL B 56 -4.20 -4.77 -19.18
N HIS B 57 -5.13 -4.79 -20.15
CA HIS B 57 -6.34 -5.61 -20.08
C HIS B 57 -7.27 -5.23 -18.91
N ALA B 58 -7.23 -3.95 -18.64
CA ALA B 58 -8.03 -3.39 -17.52
C ALA B 58 -9.53 -3.60 -17.71
N ARG B 59 -10.02 -3.42 -18.91
CA ARG B 59 -11.47 -3.64 -19.24
C ARG B 59 -11.76 -5.08 -19.55
N GLY B 60 -12.64 -5.68 -18.79
CA GLY B 60 -12.96 -7.12 -19.05
C GLY B 60 -14.15 -7.62 -18.31
N ALA B 61 -14.46 -8.86 -18.56
CA ALA B 61 -15.62 -9.47 -17.98
C ALA B 61 -15.34 -10.97 -17.79
N GLY B 62 -15.93 -11.52 -16.76
CA GLY B 62 -15.65 -12.89 -16.29
C GLY B 62 -16.85 -13.82 -16.23
N ALA B 63 -16.58 -15.11 -16.32
CA ALA B 63 -17.60 -16.12 -16.10
C ALA B 63 -16.96 -17.45 -15.67
N TYR B 64 -17.72 -18.28 -14.96
CA TYR B 64 -17.30 -19.65 -14.61
C TYR B 64 -17.86 -20.68 -15.57
N GLY B 65 -17.23 -21.85 -15.62
CA GLY B 65 -17.77 -22.92 -16.42
C GLY B 65 -17.10 -24.24 -16.14
N VAL B 66 -17.19 -25.10 -17.14
CA VAL B 66 -16.63 -26.47 -17.01
C VAL B 66 -15.91 -26.82 -18.27
N PHE B 67 -14.76 -27.50 -18.13
CA PHE B 67 -14.03 -28.04 -19.24
C PHE B 67 -14.19 -29.59 -19.19
N GLU B 68 -14.54 -30.17 -20.32
CA GLU B 68 -14.67 -31.66 -20.39
C GLU B 68 -13.77 -32.23 -21.46
N VAL B 69 -12.99 -33.23 -21.08
CA VAL B 69 -12.06 -33.95 -22.00
C VAL B 69 -12.88 -34.83 -22.95
N GLU B 70 -12.63 -34.69 -24.24
CA GLU B 70 -13.17 -35.61 -25.25
C GLU B 70 -12.17 -36.70 -25.56
N ASN B 71 -10.90 -36.33 -25.73
CA ASN B 71 -9.80 -37.24 -26.12
C ASN B 71 -8.68 -37.13 -25.12
N SER B 72 -8.44 -38.16 -24.31
CA SER B 72 -7.39 -38.10 -23.31
C SER B 72 -6.02 -37.90 -23.99
N MET B 73 -5.10 -37.22 -23.32
CA MET B 73 -3.88 -36.73 -23.93
C MET B 73 -2.67 -37.34 -23.23
N GLU B 74 -2.90 -38.41 -22.49
CA GLU B 74 -1.80 -39.03 -21.69
C GLU B 74 -0.59 -39.51 -22.52
N LYS B 75 -0.77 -39.78 -23.81
CA LYS B 75 0.38 -40.14 -24.69
C LYS B 75 1.38 -38.99 -24.74
N HIS B 76 0.89 -37.75 -24.58
CA HIS B 76 1.71 -36.55 -24.84
C HIS B 76 1.98 -35.70 -23.63
N THR B 77 1.12 -35.81 -22.62
CA THR B 77 1.30 -35.05 -21.42
C THR B 77 0.75 -35.81 -20.23
N ARG B 78 1.45 -35.72 -19.11
CA ARG B 78 0.94 -36.27 -17.84
C ARG B 78 -0.08 -35.37 -17.15
N ALA B 79 -0.51 -34.25 -17.76
CA ALA B 79 -1.43 -33.35 -17.06
C ALA B 79 -2.71 -34.04 -16.59
N ALA B 80 -2.96 -33.92 -15.28
CA ALA B 80 -3.99 -34.73 -14.69
C ALA B 80 -5.35 -34.41 -15.29
N PHE B 81 -5.62 -33.13 -15.51
CA PHE B 81 -6.93 -32.74 -15.97
C PHE B 81 -7.23 -33.23 -17.41
N LEU B 82 -6.23 -33.71 -18.13
CA LEU B 82 -6.41 -34.20 -19.50
C LEU B 82 -6.31 -35.74 -19.61
N SER B 83 -6.36 -36.44 -18.48
CA SER B 83 -5.93 -37.86 -18.42
C SER B 83 -6.99 -38.93 -18.84
N GLU B 84 -8.27 -38.58 -18.85
CA GLU B 84 -9.38 -39.53 -19.08
C GLU B 84 -10.49 -38.86 -19.88
N GLU B 85 -11.04 -39.57 -20.86
CA GLU B 85 -12.27 -39.12 -21.56
C GLU B 85 -13.39 -38.84 -20.56
N GLY B 86 -14.08 -37.72 -20.76
CA GLY B 86 -15.20 -37.30 -19.89
C GLY B 86 -14.81 -36.52 -18.62
N LYS B 87 -13.52 -36.36 -18.34
CA LYS B 87 -13.09 -35.81 -17.08
C LYS B 87 -13.39 -34.34 -17.14
N GLN B 88 -14.04 -33.84 -16.10
CA GLN B 88 -14.53 -32.49 -16.02
C GLN B 88 -13.73 -31.69 -15.00
N THR B 89 -13.34 -30.49 -15.40
CA THR B 89 -12.57 -29.55 -14.59
C THR B 89 -13.26 -28.19 -14.57
N ASP B 90 -13.50 -27.64 -13.38
CA ASP B 90 -14.06 -26.29 -13.30
C ASP B 90 -13.08 -25.25 -13.77
N VAL B 91 -13.60 -24.21 -14.42
CA VAL B 91 -12.80 -23.10 -14.90
C VAL B 91 -13.41 -21.77 -14.47
N PHE B 92 -12.53 -20.77 -14.39
CA PHE B 92 -12.89 -19.38 -14.42
C PHE B 92 -12.21 -18.67 -15.58
N VAL B 93 -12.97 -17.88 -16.31
CA VAL B 93 -12.48 -17.21 -17.51
C VAL B 93 -12.69 -15.72 -17.44
N ARG B 94 -11.69 -14.94 -17.85
CA ARG B 94 -11.87 -13.48 -18.05
C ARG B 94 -11.49 -13.13 -19.48
N PHE B 95 -12.37 -12.38 -20.10
CA PHE B 95 -12.14 -11.74 -21.41
C PHE B 95 -11.91 -10.28 -21.24
N SER B 96 -11.20 -9.71 -22.18
CA SER B 96 -10.77 -8.38 -22.03
C SER B 96 -10.38 -7.73 -23.34
N THR B 97 -10.34 -6.40 -23.33
CA THR B 97 -9.56 -5.64 -24.25
C THR B 97 -8.14 -5.44 -23.71
N VAL B 98 -7.34 -4.58 -24.32
CA VAL B 98 -5.91 -4.47 -23.92
C VAL B 98 -5.47 -3.10 -23.40
N ILE B 99 -5.67 -2.02 -24.17
CA ILE B 99 -4.92 -0.81 -23.94
C ILE B 99 -5.64 0.17 -23.02
N HIS B 100 -6.92 0.40 -23.27
CA HIS B 100 -7.57 1.53 -22.58
C HIS B 100 -8.00 1.11 -21.18
N PRO B 101 -8.28 2.11 -20.33
CA PRO B 101 -8.64 1.81 -18.93
C PRO B 101 -9.97 1.12 -18.68
N LYS B 102 -10.21 0.78 -17.41
N LYS B 102 -10.23 0.83 -17.39
CA LYS B 102 -11.37 0.03 -16.97
CA LYS B 102 -11.54 0.41 -16.93
C LYS B 102 -12.71 0.31 -17.60
C LYS B 102 -12.52 1.46 -17.46
N GLY B 103 -13.05 1.58 -17.79
N GLY B 103 -13.70 1.00 -17.85
CA GLY B 103 -14.43 1.94 -18.27
CA GLY B 103 -14.70 1.91 -18.31
C GLY B 103 -14.55 2.25 -19.75
C GLY B 103 -14.62 2.24 -19.79
N SER B 104 -13.52 1.89 -20.45
CA SER B 104 -13.36 2.17 -21.86
C SER B 104 -14.26 1.28 -22.71
N PRO B 105 -14.56 1.75 -23.93
CA PRO B 105 -15.51 0.98 -24.78
C PRO B 105 -14.97 -0.38 -25.26
N GLU B 106 -15.88 -1.25 -25.54
CA GLU B 106 -15.51 -2.62 -25.95
C GLU B 106 -15.58 -2.77 -27.47
N THR B 107 -15.76 -1.62 -28.16
CA THR B 107 -15.83 -1.50 -29.61
C THR B 107 -14.52 -0.99 -30.24
N LEU B 108 -13.45 -0.82 -29.44
CA LEU B 108 -12.17 -0.37 -29.94
C LEU B 108 -11.38 -1.53 -30.55
N ARG B 109 -10.57 -1.23 -31.55
CA ARG B 109 -9.61 -2.19 -32.08
C ARG B 109 -8.58 -2.57 -30.99
N ASP B 110 -8.28 -3.85 -30.87
CA ASP B 110 -7.31 -4.35 -29.88
C ASP B 110 -7.37 -5.90 -30.03
N PRO B 111 -6.29 -6.60 -29.70
CA PRO B 111 -6.44 -7.96 -29.32
C PRO B 111 -7.41 -8.09 -28.18
N ARG B 112 -8.02 -9.25 -28.05
CA ARG B 112 -8.84 -9.52 -26.90
C ARG B 112 -8.14 -10.66 -26.02
N GLY B 113 -8.08 -10.44 -24.70
CA GLY B 113 -7.71 -11.40 -23.75
C GLY B 113 -8.70 -12.53 -23.55
N PHE B 114 -8.14 -13.71 -23.33
CA PHE B 114 -8.86 -14.95 -23.28
C PHE B 114 -8.15 -15.83 -22.21
N ALA B 115 -8.40 -15.56 -20.95
CA ALA B 115 -7.60 -16.05 -19.82
C ALA B 115 -8.42 -17.12 -19.14
N VAL B 116 -7.92 -18.40 -19.14
CA VAL B 116 -8.62 -19.57 -18.57
C VAL B 116 -7.88 -20.19 -17.39
N LYS B 117 -8.54 -20.17 -16.24
CA LYS B 117 -8.03 -20.77 -15.02
C LYS B 117 -8.73 -22.09 -14.82
N PHE B 118 -7.93 -23.18 -14.84
CA PHE B 118 -8.44 -24.58 -14.65
C PHE B 118 -8.10 -25.03 -13.26
N TYR B 119 -9.13 -25.32 -12.46
CA TYR B 119 -8.92 -25.75 -11.06
C TYR B 119 -8.66 -27.26 -10.95
N THR B 120 -7.40 -27.68 -11.21
CA THR B 120 -7.17 -29.10 -11.41
C THR B 120 -6.80 -29.79 -10.11
N GLU B 121 -6.82 -31.15 -10.15
CA GLU B 121 -6.49 -31.88 -8.94
C GLU B 121 -5.01 -31.74 -8.56
N GLU B 122 -4.15 -31.26 -9.46
CA GLU B 122 -2.72 -31.11 -9.18
C GLU B 122 -2.30 -29.65 -9.18
N GLY B 123 -3.29 -28.77 -9.01
CA GLY B 123 -3.06 -27.38 -8.84
C GLY B 123 -3.84 -26.57 -9.91
N ASN B 124 -3.80 -25.28 -9.75
CA ASN B 124 -4.42 -24.38 -10.77
C ASN B 124 -3.50 -24.24 -11.95
N TYR B 125 -4.10 -24.41 -13.14
CA TYR B 125 -3.44 -24.19 -14.40
C TYR B 125 -4.06 -22.98 -15.10
N ASP B 126 -3.26 -21.96 -15.40
CA ASP B 126 -3.73 -20.75 -16.14
C ASP B 126 -3.19 -20.77 -17.55
N LEU B 127 -4.05 -20.79 -18.51
CA LEU B 127 -3.70 -20.56 -19.89
C LEU B 127 -4.16 -19.16 -20.27
N VAL B 128 -3.19 -18.26 -20.29
CA VAL B 128 -3.43 -16.81 -20.44
C VAL B 128 -3.27 -16.43 -21.87
N GLY B 129 -4.36 -16.58 -22.64
CA GLY B 129 -4.33 -16.45 -24.08
C GLY B 129 -4.88 -15.09 -24.56
N ASN B 130 -4.90 -14.93 -25.86
CA ASN B 130 -5.58 -13.85 -26.58
C ASN B 130 -6.41 -14.51 -27.68
N ASN B 131 -7.23 -13.75 -28.39
CA ASN B 131 -7.94 -14.26 -29.56
C ASN B 131 -6.96 -14.52 -30.67
N LEU B 132 -6.08 -13.59 -30.94
CA LEU B 132 -5.15 -13.69 -32.07
C LEU B 132 -3.98 -14.60 -31.68
N PRO B 133 -3.44 -15.39 -32.65
CA PRO B 133 -2.54 -16.47 -32.27
C PRO B 133 -1.03 -16.07 -32.24
N ILE B 134 -0.72 -14.80 -32.53
CA ILE B 134 0.66 -14.34 -32.57
CA ILE B 134 0.65 -14.32 -32.59
C ILE B 134 0.75 -13.07 -31.78
N PHE B 135 1.93 -12.53 -31.68
CA PHE B 135 2.13 -11.31 -30.94
C PHE B 135 2.99 -10.30 -31.73
N PHE B 136 3.04 -9.08 -31.24
CA PHE B 136 3.71 -7.98 -31.93
C PHE B 136 5.23 -8.07 -31.78
N ILE B 137 5.68 -8.70 -30.67
CA ILE B 137 7.11 -8.69 -30.25
C ILE B 137 7.47 -10.11 -29.84
N ARG B 138 8.77 -10.39 -29.70
CA ARG B 138 9.24 -11.68 -29.32
C ARG B 138 10.18 -11.72 -28.10
N ASP B 139 10.32 -10.58 -27.42
CA ASP B 139 11.13 -10.49 -26.21
C ASP B 139 10.46 -9.59 -25.19
N ALA B 140 10.29 -10.08 -23.97
CA ALA B 140 9.60 -9.34 -22.91
C ALA B 140 10.23 -7.99 -22.57
N LEU B 141 11.54 -7.82 -22.83
CA LEU B 141 12.26 -6.60 -22.57
C LEU B 141 11.61 -5.45 -23.30
N LYS B 142 10.96 -5.73 -24.45
CA LYS B 142 10.27 -4.70 -25.22
C LYS B 142 8.83 -4.40 -24.76
N PHE B 143 8.27 -5.18 -23.85
CA PHE B 143 6.84 -5.05 -23.63
C PHE B 143 6.43 -3.69 -23.07
N PRO B 144 7.15 -3.15 -22.10
CA PRO B 144 6.80 -1.78 -21.61
C PRO B 144 6.88 -0.70 -22.70
N ASP B 145 7.82 -0.83 -23.64
CA ASP B 145 7.92 0.08 -24.78
C ASP B 145 6.73 -0.05 -25.67
N MET B 146 6.36 -1.28 -26.04
CA MET B 146 5.26 -1.50 -26.94
C MET B 146 3.96 -0.90 -26.33
N VAL B 147 3.75 -1.26 -25.08
CA VAL B 147 2.62 -0.76 -24.33
C VAL B 147 2.58 0.78 -24.22
N HIS B 148 3.68 1.40 -23.79
CA HIS B 148 3.80 2.83 -23.72
C HIS B 148 3.47 3.52 -25.07
N SER B 149 3.90 2.95 -26.16
CA SER B 149 3.63 3.46 -27.48
C SER B 149 2.15 3.37 -27.85
N LEU B 150 1.47 2.33 -27.41
CA LEU B 150 0.04 2.12 -27.74
C LEU B 150 -0.90 2.80 -26.81
N LYS B 151 -0.45 3.00 -25.57
CA LYS B 151 -1.27 3.64 -24.53
C LYS B 151 -1.48 5.15 -24.87
N PRO B 152 -2.53 5.77 -24.29
CA PRO B 152 -2.70 7.20 -24.47
C PRO B 152 -1.41 7.94 -24.21
N ASP B 153 -1.15 8.95 -25.04
CA ASP B 153 0.01 9.82 -24.91
C ASP B 153 0.14 10.38 -23.51
N PRO B 154 1.35 10.41 -22.92
CA PRO B 154 1.46 10.68 -21.48
C PRO B 154 1.25 12.12 -21.15
N VAL B 155 1.15 12.97 -22.18
CA VAL B 155 0.81 14.39 -22.03
C VAL B 155 -0.71 14.62 -22.28
N THR B 156 -1.22 14.14 -23.39
CA THR B 156 -2.60 14.44 -23.80
C THR B 156 -3.68 13.50 -23.26
N ASN B 157 -3.30 12.32 -22.82
CA ASN B 157 -4.25 11.23 -22.45
C ASN B 157 -5.11 10.75 -23.60
N ILE B 158 -4.60 10.84 -24.85
CA ILE B 158 -5.27 10.27 -25.98
C ILE B 158 -4.29 9.39 -26.75
N GLN B 159 -4.81 8.26 -27.20
CA GLN B 159 -4.01 7.37 -28.03
C GLN B 159 -3.62 8.03 -29.34
N ASP B 160 -2.38 7.84 -29.77
CA ASP B 160 -1.91 8.56 -30.95
C ASP B 160 -1.27 7.53 -31.92
N PRO B 161 -1.90 7.28 -33.09
CA PRO B 161 -1.23 6.40 -34.08
C PRO B 161 0.23 6.73 -34.42
N ASP B 162 0.58 8.00 -34.39
CA ASP B 162 1.92 8.40 -34.71
C ASP B 162 2.96 7.85 -33.75
N ARG B 163 2.56 7.59 -32.50
CA ARG B 163 3.40 7.01 -31.50
C ARG B 163 3.55 5.49 -31.64
N TYR B 164 2.46 4.76 -31.80
CA TYR B 164 2.59 3.29 -31.84
C TYR B 164 3.11 2.85 -33.19
N TRP B 165 2.79 3.61 -34.26
CA TRP B 165 3.39 3.25 -35.56
C TRP B 165 4.86 3.52 -35.61
N ASP B 166 5.34 4.52 -34.88
CA ASP B 166 6.75 4.78 -34.77
C ASP B 166 7.41 3.53 -34.17
N PHE B 167 6.92 3.10 -33.03
CA PHE B 167 7.47 1.89 -32.41
C PHE B 167 7.32 0.67 -33.34
N MET B 168 6.13 0.43 -33.87
CA MET B 168 5.90 -0.82 -34.66
C MET B 168 6.73 -0.87 -35.90
N THR B 169 6.82 0.24 -36.61
CA THR B 169 7.64 0.28 -37.85
C THR B 169 9.14 -0.01 -37.61
N LEU B 170 9.65 0.49 -36.48
CA LEU B 170 11.02 0.21 -36.05
C LEU B 170 11.21 -1.18 -35.40
N THR B 171 10.12 -1.93 -35.32
CA THR B 171 10.04 -3.28 -34.69
C THR B 171 9.34 -4.16 -35.73
N PRO B 172 10.05 -4.43 -36.84
CA PRO B 172 9.43 -5.10 -37.97
C PRO B 172 8.97 -6.50 -37.70
N GLU B 173 9.39 -7.10 -36.59
CA GLU B 173 8.77 -8.37 -36.20
C GLU B 173 7.24 -8.24 -35.91
N SER B 174 6.76 -7.01 -35.82
CA SER B 174 5.34 -6.74 -35.62
C SER B 174 4.46 -6.94 -36.85
N THR B 175 5.08 -7.26 -37.99
CA THR B 175 4.38 -7.10 -39.26
C THR B 175 3.30 -8.19 -39.38
N HIS B 176 3.61 -9.42 -38.96
CA HIS B 176 2.58 -10.48 -38.98
C HIS B 176 1.35 -10.09 -38.11
N MET B 177 1.59 -9.66 -36.90
CA MET B 177 0.50 -9.35 -35.97
C MET B 177 -0.39 -8.25 -36.53
N LEU B 178 0.23 -7.19 -37.05
CA LEU B 178 -0.56 -6.09 -37.62
C LEU B 178 -1.44 -6.56 -38.79
N THR B 179 -0.95 -7.54 -39.57
CA THR B 179 -1.71 -8.12 -40.66
C THR B 179 -2.99 -8.86 -40.21
N TRP B 180 -2.97 -9.40 -39.01
CA TRP B 180 -4.17 -9.94 -38.41
C TRP B 180 -5.03 -8.90 -37.69
N LEU B 181 -4.38 -8.04 -36.90
CA LEU B 181 -5.11 -7.03 -36.13
C LEU B 181 -5.84 -5.99 -36.96
N PHE B 182 -5.33 -5.69 -38.15
CA PHE B 182 -6.03 -4.72 -38.99
C PHE B 182 -6.95 -5.33 -40.04
N SER B 183 -7.08 -6.65 -40.02
CA SER B 183 -8.31 -7.27 -40.52
C SER B 183 -9.47 -6.89 -39.63
N ASP B 184 -10.69 -7.24 -40.00
CA ASP B 184 -11.78 -6.87 -39.10
C ASP B 184 -11.81 -7.72 -37.78
N GLU B 185 -10.93 -8.72 -37.67
CA GLU B 185 -10.84 -9.50 -36.44
C GLU B 185 -10.22 -8.63 -35.32
N GLY B 186 -9.65 -7.50 -35.70
CA GLY B 186 -9.23 -6.52 -34.68
C GLY B 186 -10.36 -6.01 -33.79
N ILE B 187 -11.63 -6.16 -34.24
CA ILE B 187 -12.79 -5.79 -33.41
C ILE B 187 -13.75 -6.96 -33.45
N PRO B 188 -13.50 -7.97 -32.60
CA PRO B 188 -14.53 -9.02 -32.44
C PRO B 188 -15.93 -8.48 -32.11
N ALA B 189 -16.97 -9.16 -32.58
CA ALA B 189 -18.33 -8.69 -32.36
C ALA B 189 -18.72 -8.71 -30.88
N ASN B 190 -18.17 -9.67 -30.15
CA ASN B 190 -18.34 -9.76 -28.70
C ASN B 190 -17.36 -10.85 -28.24
N TYR B 191 -17.40 -11.21 -26.97
CA TYR B 191 -16.43 -12.17 -26.44
C TYR B 191 -16.77 -13.60 -26.78
N ALA B 192 -18.02 -13.88 -27.09
CA ALA B 192 -18.47 -15.27 -27.42
C ALA B 192 -18.09 -15.70 -28.84
N GLU B 193 -18.15 -14.77 -29.79
CA GLU B 193 -18.01 -15.06 -31.19
C GLU B 193 -16.61 -14.73 -31.61
N MET B 194 -15.69 -15.42 -30.97
CA MET B 194 -14.28 -15.01 -30.90
C MET B 194 -13.41 -16.25 -30.79
N ARG B 195 -12.29 -16.24 -31.49
CA ARG B 195 -11.25 -17.20 -31.39
C ARG B 195 -10.51 -17.09 -30.07
N GLY B 196 -9.84 -18.16 -29.63
CA GLY B 196 -8.87 -18.09 -28.56
C GLY B 196 -7.57 -18.82 -28.96
N SER B 197 -6.44 -18.38 -28.43
CA SER B 197 -5.15 -18.93 -28.77
C SER B 197 -4.24 -18.91 -27.55
N GLY B 198 -3.41 -19.94 -27.35
CA GLY B 198 -2.32 -19.85 -26.33
C GLY B 198 -1.21 -18.90 -26.71
N VAL B 199 -1.08 -18.65 -28.01
CA VAL B 199 -0.01 -17.85 -28.62
C VAL B 199 1.34 -18.54 -28.62
N HIS B 200 1.89 -18.76 -27.43
CA HIS B 200 3.22 -19.29 -27.27
C HIS B 200 3.11 -20.78 -27.58
N THR B 201 4.21 -21.26 -28.09
CA THR B 201 4.62 -22.63 -27.87
C THR B 201 4.90 -22.96 -26.39
N PHE B 202 4.29 -24.05 -25.91
CA PHE B 202 4.59 -24.63 -24.61
C PHE B 202 5.24 -26.03 -24.79
N ARG B 203 5.71 -26.62 -23.69
CA ARG B 203 6.25 -28.01 -23.72
C ARG B 203 5.25 -28.89 -23.02
N TRP B 204 4.82 -29.95 -23.72
CA TRP B 204 4.14 -31.06 -23.04
C TRP B 204 5.09 -32.23 -22.74
N VAL B 205 4.99 -32.76 -21.52
CA VAL B 205 5.93 -33.80 -21.06
C VAL B 205 5.09 -34.97 -20.52
N ASN B 206 5.36 -36.18 -21.00
CA ASN B 206 4.54 -37.31 -20.65
C ASN B 206 5.17 -38.06 -19.50
N LYS B 207 4.54 -39.15 -19.07
CA LYS B 207 5.02 -39.81 -17.85
C LYS B 207 6.39 -40.46 -18.05
N TYR B 208 6.79 -40.67 -19.30
CA TYR B 208 8.13 -41.21 -19.63
C TYR B 208 9.18 -40.10 -19.71
N GLY B 209 8.78 -38.86 -19.56
CA GLY B 209 9.73 -37.77 -19.71
C GLY B 209 9.96 -37.31 -21.14
N GLU B 210 9.14 -37.79 -22.09
CA GLU B 210 9.29 -37.36 -23.47
C GLU B 210 8.59 -36.03 -23.64
N THR B 211 9.21 -35.13 -24.42
CA THR B 211 8.69 -33.75 -24.60
C THR B 211 8.29 -33.48 -26.05
N LYS B 212 7.16 -32.78 -26.23
CA LYS B 212 6.76 -32.18 -27.50
C LYS B 212 6.49 -30.72 -27.32
N TYR B 213 6.72 -29.93 -28.35
CA TYR B 213 6.13 -28.56 -28.42
C TYR B 213 4.66 -28.62 -28.68
N VAL B 214 3.91 -27.75 -28.02
CA VAL B 214 2.44 -27.75 -28.15
C VAL B 214 1.94 -26.31 -28.40
N LYS B 215 0.93 -26.16 -29.26
CA LYS B 215 0.12 -24.95 -29.38
C LYS B 215 -1.31 -25.24 -29.06
N TYR B 216 -1.95 -24.30 -28.38
CA TYR B 216 -3.36 -24.36 -28.06
C TYR B 216 -4.24 -23.41 -28.90
N HIS B 217 -5.43 -23.90 -29.24
CA HIS B 217 -6.42 -23.13 -30.02
C HIS B 217 -7.82 -23.37 -29.49
N TRP B 218 -8.60 -22.30 -29.33
CA TRP B 218 -9.99 -22.41 -28.86
C TRP B 218 -10.88 -22.03 -30.01
N ARG B 219 -11.84 -22.87 -30.37
CA ARG B 219 -12.72 -22.62 -31.51
C ARG B 219 -14.12 -22.41 -30.94
N PRO B 220 -14.68 -21.21 -31.14
CA PRO B 220 -16.00 -20.87 -30.62
C PRO B 220 -17.17 -21.65 -31.24
N SER B 221 -18.02 -22.27 -30.41
CA SER B 221 -19.20 -22.93 -30.91
C SER B 221 -20.10 -21.94 -31.58
N GLU B 222 -20.04 -20.66 -31.16
CA GLU B 222 -20.85 -19.61 -31.73
C GLU B 222 -20.31 -19.04 -33.03
N GLY B 223 -19.17 -19.54 -33.51
CA GLY B 223 -18.52 -19.02 -34.74
C GLY B 223 -17.73 -17.80 -34.44
N ILE B 224 -16.91 -17.38 -35.40
CA ILE B 224 -16.18 -16.13 -35.31
C ILE B 224 -16.98 -15.04 -36.04
N ARG B 225 -17.26 -13.92 -35.40
CA ARG B 225 -17.89 -12.77 -36.06
C ARG B 225 -17.16 -11.45 -35.61
N ASN B 226 -16.85 -10.59 -36.57
CA ASN B 226 -16.13 -9.36 -36.42
C ASN B 226 -17.01 -8.13 -36.78
N LEU B 227 -16.56 -6.94 -36.37
CA LEU B 227 -17.19 -5.68 -36.69
C LEU B 227 -16.28 -4.89 -37.62
N SER B 228 -16.86 -4.34 -38.67
CA SER B 228 -16.16 -3.27 -39.45
C SER B 228 -15.98 -2.06 -38.57
N MET B 229 -15.16 -1.10 -38.98
CA MET B 229 -15.05 0.18 -38.26
CA MET B 229 -15.05 0.18 -38.26
C MET B 229 -16.42 0.84 -38.11
N GLU B 230 -17.18 0.83 -39.18
CA GLU B 230 -18.49 1.45 -39.17
C GLU B 230 -19.51 0.73 -38.26
N GLU B 231 -19.49 -0.59 -38.21
CA GLU B 231 -20.41 -1.33 -37.34
C GLU B 231 -20.03 -1.10 -35.90
N ALA B 232 -18.70 -1.10 -35.63
CA ALA B 232 -18.21 -0.75 -34.27
C ALA B 232 -18.69 0.64 -33.79
N ALA B 233 -18.56 1.68 -34.65
CA ALA B 233 -19.02 3.04 -34.32
C ALA B 233 -20.52 3.06 -34.01
N GLU B 234 -21.32 2.31 -34.77
CA GLU B 234 -22.75 2.28 -34.55
C GLU B 234 -23.14 1.69 -33.19
N ILE B 235 -22.43 0.64 -32.77
CA ILE B 235 -22.59 0.08 -31.46
C ILE B 235 -22.11 1.09 -30.44
N GLN B 236 -20.96 1.70 -30.70
CA GLN B 236 -20.29 2.52 -29.66
C GLN B 236 -21.21 3.68 -29.29
N ALA B 237 -21.98 4.17 -30.30
CA ALA B 237 -22.88 5.30 -30.09
C ALA B 237 -23.84 5.07 -28.93
N ASN B 238 -24.23 3.82 -28.75
CA ASN B 238 -25.28 3.47 -27.80
C ASN B 238 -24.85 2.62 -26.63
N ASP B 239 -23.73 1.98 -26.73
CA ASP B 239 -23.29 1.12 -25.63
C ASP B 239 -21.77 1.00 -25.60
N PHE B 240 -21.17 1.48 -24.53
CA PHE B 240 -19.71 1.35 -24.39
C PHE B 240 -19.31 0.08 -23.58
N GLN B 241 -20.26 -0.81 -23.27
CA GLN B 241 -19.93 -2.09 -22.64
C GLN B 241 -20.69 -3.24 -23.23
N HIS B 242 -20.80 -3.26 -24.55
CA HIS B 242 -21.69 -4.22 -25.22
C HIS B 242 -21.24 -5.68 -25.10
N ALA B 243 -19.92 -5.90 -24.99
CA ALA B 243 -19.42 -7.29 -24.88
C ALA B 243 -19.59 -7.84 -23.48
N THR B 244 -19.33 -7.02 -22.47
CA THR B 244 -19.65 -7.33 -21.09
C THR B 244 -21.15 -7.65 -20.94
N ARG B 245 -21.99 -6.88 -21.56
CA ARG B 245 -23.44 -7.10 -21.49
C ARG B 245 -23.82 -8.40 -22.15
N ASP B 246 -23.27 -8.59 -23.34
CA ASP B 246 -23.60 -9.78 -24.16
C ASP B 246 -23.25 -11.06 -23.44
N LEU B 247 -22.05 -11.10 -22.86
CA LEU B 247 -21.61 -12.30 -22.12
C LEU B 247 -22.51 -12.61 -20.93
N TYR B 248 -22.78 -11.60 -20.09
CA TYR B 248 -23.65 -11.81 -18.93
C TYR B 248 -25.03 -12.34 -19.36
N ASP B 249 -25.57 -11.65 -20.36
CA ASP B 249 -26.92 -11.90 -20.85
CA ASP B 249 -26.91 -11.92 -20.85
C ASP B 249 -27.08 -13.31 -21.45
N ARG B 250 -26.11 -13.74 -22.29
CA ARG B 250 -26.09 -15.10 -22.79
C ARG B 250 -26.19 -16.08 -21.64
N ILE B 251 -25.37 -15.87 -20.61
CA ILE B 251 -25.30 -16.87 -19.53
C ILE B 251 -26.56 -16.79 -18.68
N GLU B 252 -27.07 -15.60 -18.42
CA GLU B 252 -28.31 -15.49 -17.66
C GLU B 252 -29.49 -16.15 -18.35
N LYS B 253 -29.54 -16.12 -19.67
CA LYS B 253 -30.66 -16.75 -20.37
C LYS B 253 -30.46 -18.22 -20.74
N GLY B 254 -29.30 -18.79 -20.37
CA GLY B 254 -29.05 -20.25 -20.54
C GLY B 254 -28.40 -20.55 -21.85
N ASN B 255 -28.02 -19.52 -22.61
CA ASN B 255 -27.45 -19.69 -23.91
C ASN B 255 -25.91 -19.69 -23.74
N TYR B 256 -25.41 -20.79 -23.18
CA TYR B 256 -24.04 -20.84 -22.72
C TYR B 256 -23.08 -20.88 -23.88
N PRO B 257 -22.15 -19.92 -23.95
CA PRO B 257 -21.13 -20.04 -24.99
C PRO B 257 -20.10 -21.13 -24.68
N ALA B 258 -19.56 -21.70 -25.73
CA ALA B 258 -18.60 -22.76 -25.60
C ALA B 258 -17.52 -22.64 -26.64
N TRP B 259 -16.40 -23.28 -26.35
CA TRP B 259 -15.26 -23.37 -27.24
C TRP B 259 -14.69 -24.77 -27.17
N ASP B 260 -14.37 -25.32 -28.34
CA ASP B 260 -13.59 -26.53 -28.37
C ASP B 260 -12.10 -26.22 -28.34
N LEU B 261 -11.39 -26.99 -27.56
CA LEU B 261 -9.95 -26.94 -27.44
C LEU B 261 -9.27 -27.91 -28.41
N TYR B 262 -8.38 -27.40 -29.24
CA TYR B 262 -7.51 -28.16 -30.08
C TYR B 262 -6.06 -27.90 -29.72
N VAL B 263 -5.19 -28.83 -30.06
CA VAL B 263 -3.78 -28.58 -29.98
C VAL B 263 -3.10 -28.95 -31.28
N GLN B 264 -1.94 -28.35 -31.47
CA GLN B 264 -0.95 -28.82 -32.45
C GLN B 264 0.25 -29.32 -31.68
N LEU B 265 0.87 -30.41 -32.18
CA LEU B 265 2.05 -30.94 -31.56
C LEU B 265 3.21 -31.00 -32.53
N MET B 266 4.41 -30.70 -32.05
CA MET B 266 5.58 -30.68 -32.87
C MET B 266 6.79 -31.27 -32.12
N PRO B 267 7.53 -32.21 -32.76
CA PRO B 267 8.78 -32.63 -32.16
C PRO B 267 9.80 -31.50 -31.96
N LEU B 268 10.52 -31.54 -30.85
CA LEU B 268 11.67 -30.64 -30.63
C LEU B 268 12.66 -30.64 -31.83
N SER B 269 12.84 -31.82 -32.42
CA SER B 269 13.83 -31.97 -33.48
C SER B 269 13.41 -31.31 -34.80
N ASP B 270 12.18 -30.83 -34.90
CA ASP B 270 11.77 -30.11 -36.13
C ASP B 270 12.37 -28.70 -36.31
N TYR B 271 13.07 -28.20 -35.28
CA TYR B 271 13.67 -26.86 -35.34
C TYR B 271 14.41 -26.67 -36.61
N ASP B 272 15.26 -27.63 -36.99
CA ASP B 272 16.06 -27.47 -38.17
C ASP B 272 15.30 -27.61 -39.49
N GLU B 273 14.16 -28.26 -39.43
CA GLU B 273 13.34 -28.43 -40.63
C GLU B 273 12.64 -27.16 -41.05
N LEU B 274 12.59 -26.16 -40.17
CA LEU B 274 11.80 -24.95 -40.39
C LEU B 274 12.64 -23.72 -40.74
N ASP B 275 12.02 -22.82 -41.47
CA ASP B 275 12.69 -21.53 -41.76
C ASP B 275 12.28 -20.39 -40.80
N TYR B 276 11.70 -20.78 -39.68
CA TYR B 276 11.43 -19.85 -38.60
C TYR B 276 11.66 -20.66 -37.32
N ASP B 277 11.75 -19.94 -36.21
CA ASP B 277 11.94 -20.55 -34.90
C ASP B 277 10.56 -20.94 -34.36
N PRO B 278 10.34 -22.23 -34.02
CA PRO B 278 9.00 -22.66 -33.55
C PRO B 278 8.56 -22.04 -32.24
N CYS B 279 9.52 -21.47 -31.50
CA CYS B 279 9.21 -20.72 -30.27
C CYS B 279 9.23 -19.16 -30.44
N ASP B 280 9.18 -18.67 -31.67
CA ASP B 280 9.06 -17.22 -31.94
C ASP B 280 7.55 -16.99 -31.95
N PRO B 281 7.02 -16.14 -31.01
CA PRO B 281 5.58 -15.97 -30.90
C PRO B 281 5.00 -14.95 -31.93
N THR B 282 5.85 -14.48 -32.84
CA THR B 282 5.38 -13.81 -34.07
C THR B 282 5.03 -14.79 -35.19
N LYS B 283 5.11 -16.10 -34.92
CA LYS B 283 4.98 -17.16 -35.94
C LYS B 283 3.84 -18.11 -35.53
N THR B 284 3.01 -18.47 -36.50
CA THR B 284 2.15 -19.65 -36.38
C THR B 284 2.84 -20.91 -36.97
N TRP B 285 2.26 -22.08 -36.65
CA TRP B 285 2.61 -23.35 -37.28
C TRP B 285 1.52 -23.72 -38.27
N SER B 286 1.96 -24.17 -39.46
CA SER B 286 1.03 -24.65 -40.49
C SER B 286 0.08 -25.73 -39.95
N GLU B 287 -1.23 -25.58 -40.19
CA GLU B 287 -2.20 -26.62 -39.83
C GLU B 287 -2.11 -27.83 -40.79
N GLU B 288 -1.56 -27.61 -41.96
CA GLU B 288 -1.35 -28.74 -42.91
C GLU B 288 -0.26 -29.61 -42.39
N ASP B 289 0.84 -29.00 -41.98
CA ASP B 289 1.98 -29.75 -41.41
C ASP B 289 1.83 -30.27 -39.97
N TYR B 290 1.09 -29.53 -39.14
CA TYR B 290 0.87 -29.84 -37.77
C TYR B 290 -0.62 -29.74 -37.50
N PRO B 291 -1.38 -30.76 -37.83
CA PRO B 291 -2.83 -30.68 -37.80
C PRO B 291 -3.43 -30.48 -36.39
N LEU B 292 -4.56 -29.79 -36.38
CA LEU B 292 -5.29 -29.55 -35.14
C LEU B 292 -5.87 -30.86 -34.63
N GLN B 293 -5.68 -31.11 -33.36
CA GLN B 293 -6.12 -32.34 -32.71
C GLN B 293 -7.09 -31.95 -31.60
N LYS B 294 -8.33 -32.47 -31.67
CA LYS B 294 -9.33 -32.11 -30.68
C LYS B 294 -9.04 -32.67 -29.29
N VAL B 295 -9.23 -31.82 -28.27
CA VAL B 295 -8.98 -32.24 -26.89
C VAL B 295 -10.25 -32.33 -26.13
N GLY B 296 -11.03 -31.28 -26.17
CA GLY B 296 -12.23 -31.21 -25.39
C GLY B 296 -12.94 -29.90 -25.53
N ARG B 297 -13.92 -29.64 -24.63
CA ARG B 297 -14.82 -28.49 -24.79
C ARG B 297 -15.00 -27.76 -23.45
N MET B 298 -15.00 -26.42 -23.52
CA MET B 298 -15.23 -25.56 -22.38
C MET B 298 -16.55 -24.91 -22.58
N THR B 299 -17.40 -24.95 -21.56
CA THR B 299 -18.71 -24.27 -21.63
C THR B 299 -18.78 -23.30 -20.46
N LEU B 300 -19.15 -22.04 -20.71
CA LEU B 300 -19.31 -21.07 -19.64
C LEU B 300 -20.78 -20.93 -19.27
N ASN B 301 -21.07 -21.18 -18.01
CA ASN B 301 -22.48 -21.35 -17.59
C ASN B 301 -22.87 -20.68 -16.32
N ARG B 302 -22.00 -19.86 -15.73
CA ARG B 302 -22.28 -19.24 -14.48
C ARG B 302 -21.61 -17.85 -14.39
N ASN B 303 -22.41 -16.83 -14.12
CA ASN B 303 -21.91 -15.48 -13.89
C ASN B 303 -21.38 -15.37 -12.45
N PRO B 304 -20.43 -14.45 -12.21
CA PRO B 304 -19.97 -14.25 -10.85
C PRO B 304 -21.02 -13.65 -9.98
N GLU B 305 -20.91 -13.87 -8.70
CA GLU B 305 -21.83 -13.21 -7.75
C GLU B 305 -21.47 -11.76 -7.47
N ASN B 306 -20.18 -11.41 -7.56
CA ASN B 306 -19.71 -9.95 -7.38
C ASN B 306 -18.58 -9.64 -8.31
N PHE B 307 -18.75 -8.63 -9.15
CA PHE B 307 -17.77 -8.33 -10.15
C PHE B 307 -16.40 -7.96 -9.52
N PHE B 308 -16.38 -7.05 -8.54
CA PHE B 308 -15.12 -6.71 -7.95
C PHE B 308 -14.38 -7.90 -7.34
N ALA B 309 -15.07 -8.66 -6.49
CA ALA B 309 -14.42 -9.73 -5.70
C ALA B 309 -13.89 -10.89 -6.55
N GLU B 310 -14.60 -11.18 -7.62
CA GLU B 310 -14.30 -12.29 -8.47
C GLU B 310 -13.61 -11.88 -9.78
N THR B 311 -14.19 -11.03 -10.62
CA THR B 311 -13.62 -10.64 -11.89
C THR B 311 -12.48 -9.62 -11.75
N GLU B 312 -12.73 -8.57 -11.00
CA GLU B 312 -11.66 -7.57 -10.79
C GLU B 312 -10.42 -8.12 -10.12
N GLN B 313 -10.59 -8.92 -9.09
CA GLN B 313 -9.47 -9.44 -8.29
C GLN B 313 -8.92 -10.76 -8.82
N ALA B 314 -9.45 -11.25 -9.92
CA ALA B 314 -8.89 -12.49 -10.56
C ALA B 314 -7.48 -12.27 -10.98
N ALA B 315 -6.63 -13.29 -10.74
CA ALA B 315 -5.22 -13.22 -11.01
C ALA B 315 -4.85 -14.44 -11.83
N PHE B 316 -4.36 -14.24 -13.07
CA PHE B 316 -3.93 -15.30 -13.90
C PHE B 316 -2.42 -15.14 -14.15
N THR B 317 -1.67 -16.28 -14.30
CA THR B 317 -0.27 -16.19 -14.70
C THR B 317 0.15 -17.31 -15.64
N PRO B 318 0.86 -16.98 -16.75
CA PRO B 318 1.38 -18.12 -17.58
C PRO B 318 2.30 -19.07 -16.81
N SER B 319 2.89 -18.62 -15.69
CA SER B 319 3.68 -19.44 -14.81
C SER B 319 2.89 -20.36 -13.85
N ALA B 320 1.55 -20.30 -13.87
CA ALA B 320 0.73 -21.27 -13.12
C ALA B 320 0.64 -22.53 -14.00
N LEU B 321 1.74 -23.25 -14.04
CA LEU B 321 1.83 -24.51 -14.83
C LEU B 321 1.63 -25.74 -13.93
N VAL B 322 1.21 -26.88 -14.49
CA VAL B 322 0.91 -28.07 -13.70
C VAL B 322 1.76 -29.16 -14.30
N PRO B 323 2.01 -30.20 -13.50
CA PRO B 323 2.84 -31.30 -13.98
C PRO B 323 2.40 -31.81 -15.31
N GLY B 324 3.35 -31.92 -16.26
CA GLY B 324 3.05 -32.30 -17.60
C GLY B 324 3.02 -31.15 -18.61
N ILE B 325 2.97 -29.90 -18.12
CA ILE B 325 2.89 -28.70 -18.93
C ILE B 325 3.89 -27.65 -18.45
N GLU B 326 4.78 -27.25 -19.35
CA GLU B 326 5.96 -26.48 -19.01
C GLU B 326 6.13 -25.35 -20.00
N ALA B 327 6.89 -24.33 -19.58
CA ALA B 327 7.23 -23.19 -20.49
C ALA B 327 8.06 -23.68 -21.61
N SER B 328 7.99 -23.02 -22.75
CA SER B 328 9.06 -23.10 -23.70
C SER B 328 10.08 -22.00 -23.47
N GLU B 329 11.10 -22.00 -24.33
CA GLU B 329 12.16 -21.02 -24.34
C GLU B 329 11.81 -19.66 -24.95
N ASP B 330 10.59 -19.54 -25.42
CA ASP B 330 10.08 -18.28 -26.00
C ASP B 330 10.41 -17.11 -25.05
N LYS B 331 11.18 -16.11 -25.52
CA LYS B 331 11.74 -15.08 -24.63
C LYS B 331 10.62 -14.16 -24.12
N LEU B 332 9.56 -14.13 -24.89
CA LEU B 332 8.38 -13.32 -24.55
C LEU B 332 7.69 -14.02 -23.39
N LEU B 333 7.37 -15.28 -23.59
CA LEU B 333 6.83 -16.07 -22.48
C LEU B 333 7.69 -16.03 -21.22
N GLN B 334 9.00 -16.12 -21.37
CA GLN B 334 9.88 -16.14 -20.20
C GLN B 334 9.68 -14.94 -19.29
N GLY B 335 9.56 -13.75 -19.87
CA GLY B 335 9.26 -12.58 -19.03
C GLY B 335 7.88 -12.49 -18.38
N ARG B 336 6.88 -13.05 -19.04
CA ARG B 336 5.52 -13.14 -18.50
C ARG B 336 5.52 -14.00 -17.28
N LEU B 337 6.38 -15.01 -17.23
CA LEU B 337 6.41 -15.89 -16.05
C LEU B 337 6.70 -15.14 -14.77
N PHE B 338 7.49 -14.05 -14.87
CA PHE B 338 7.77 -13.15 -13.79
C PHE B 338 6.67 -12.10 -13.59
N SER B 339 6.28 -11.40 -14.68
CA SER B 339 5.57 -10.13 -14.61
C SER B 339 4.17 -10.28 -14.00
N TYR B 340 3.49 -11.41 -14.24
CA TYR B 340 2.11 -11.54 -13.76
C TYR B 340 2.03 -11.62 -12.22
N PRO B 341 2.74 -12.57 -11.55
CA PRO B 341 2.64 -12.62 -10.10
C PRO B 341 3.24 -11.35 -9.50
N ASP B 342 4.21 -10.75 -10.21
CA ASP B 342 4.88 -9.56 -9.74
C ASP B 342 3.83 -8.43 -9.65
N THR B 343 3.14 -8.18 -10.77
CA THR B 343 2.13 -7.10 -10.78
C THR B 343 1.00 -7.41 -9.83
N GLN B 344 0.65 -8.66 -9.67
CA GLN B 344 -0.49 -9.04 -8.80
C GLN B 344 -0.21 -8.83 -7.33
N ARG B 345 1.05 -9.08 -6.89
CA ARG B 345 1.40 -8.72 -5.55
C ARG B 345 1.20 -7.26 -5.23
N HIS B 346 1.52 -6.35 -6.16
CA HIS B 346 1.21 -4.92 -6.09
C HIS B 346 -0.25 -4.66 -6.18
N ARG B 347 -0.90 -5.23 -7.19
CA ARG B 347 -2.31 -4.86 -7.47
C ARG B 347 -3.27 -5.37 -6.40
N LEU B 348 -3.00 -6.54 -5.86
CA LEU B 348 -3.99 -7.29 -5.05
C LEU B 348 -3.53 -7.57 -3.61
N GLY B 349 -2.21 -7.50 -3.34
CA GLY B 349 -1.56 -7.79 -2.06
C GLY B 349 -0.74 -9.08 -2.08
N ALA B 350 0.22 -9.20 -1.16
CA ALA B 350 1.08 -10.36 -1.07
C ALA B 350 0.29 -11.64 -0.99
N ASN B 351 -0.88 -11.58 -0.33
CA ASN B 351 -1.74 -12.76 -0.15
C ASN B 351 -2.89 -12.92 -1.14
N TYR B 352 -2.65 -12.49 -2.38
CA TYR B 352 -3.72 -12.42 -3.43
C TYR B 352 -4.19 -13.86 -3.77
N MET B 353 -3.30 -14.81 -3.51
CA MET B 353 -3.64 -16.24 -3.76
C MET B 353 -4.63 -16.86 -2.79
N ARG B 354 -5.00 -16.12 -1.74
CA ARG B 354 -6.07 -16.51 -0.85
C ARG B 354 -7.41 -15.90 -1.18
N ILE B 355 -7.47 -15.00 -2.18
CA ILE B 355 -8.72 -14.45 -2.58
C ILE B 355 -9.53 -15.57 -3.25
N PRO B 356 -10.80 -15.69 -2.93
CA PRO B 356 -11.48 -16.97 -3.31
C PRO B 356 -11.34 -17.42 -4.78
N VAL B 357 -11.57 -16.54 -5.76
CA VAL B 357 -11.45 -16.91 -7.13
C VAL B 357 -10.06 -17.41 -7.46
N ASN B 358 -9.05 -16.97 -6.73
CA ASN B 358 -7.70 -17.40 -7.05
C ASN B 358 -7.23 -18.71 -6.33
N CYS B 359 -8.00 -19.10 -5.32
CA CYS B 359 -7.68 -20.30 -4.51
C CYS B 359 -7.75 -21.58 -5.39
N PRO B 360 -6.75 -22.45 -5.24
CA PRO B 360 -6.83 -23.79 -5.82
C PRO B 360 -7.88 -24.63 -5.18
N TYR B 361 -8.35 -25.64 -5.92
CA TYR B 361 -9.14 -26.72 -5.33
C TYR B 361 -8.22 -27.69 -4.59
N ALA B 362 -7.05 -27.94 -5.15
CA ALA B 362 -6.03 -28.79 -4.57
C ALA B 362 -5.50 -28.20 -3.27
N PRO B 363 -5.03 -29.06 -2.37
CA PRO B 363 -4.58 -28.53 -1.10
C PRO B 363 -3.34 -27.66 -1.25
N VAL B 364 -3.24 -26.66 -0.38
CA VAL B 364 -2.06 -25.83 -0.27
C VAL B 364 -1.43 -26.02 1.11
N HIS B 365 -0.14 -26.36 1.16
CA HIS B 365 0.56 -26.49 2.41
C HIS B 365 2.01 -26.09 2.15
N ASN B 366 2.47 -25.02 2.82
CA ASN B 366 3.82 -24.61 2.73
C ASN B 366 4.19 -23.79 3.91
N ASN B 367 5.41 -23.27 3.93
CA ASN B 367 5.99 -22.63 5.05
C ASN B 367 6.03 -21.08 4.89
N GLN B 368 5.26 -20.58 3.93
CA GLN B 368 5.12 -19.11 3.73
C GLN B 368 4.29 -18.62 4.89
N GLN B 369 4.45 -17.36 5.28
CA GLN B 369 3.69 -16.82 6.34
C GLN B 369 3.49 -15.32 6.17
N ASP B 370 2.49 -14.83 6.90
CA ASP B 370 2.33 -13.45 7.27
C ASP B 370 1.97 -12.65 5.97
N GLY B 371 2.34 -11.39 5.93
CA GLY B 371 1.93 -10.52 4.85
C GLY B 371 0.59 -9.82 5.14
N PHE B 372 0.37 -8.70 4.43
CA PHE B 372 -0.83 -7.89 4.63
CA PHE B 372 -0.80 -7.90 4.58
C PHE B 372 -2.07 -8.80 4.51
N MET B 373 -3.01 -8.56 5.39
CA MET B 373 -4.31 -9.17 5.35
C MET B 373 -4.24 -10.69 5.44
N THR B 374 -3.58 -11.15 6.50
CA THR B 374 -3.55 -12.58 6.82
C THR B 374 -4.87 -13.05 7.44
N THR B 375 -5.68 -13.76 6.66
CA THR B 375 -7.07 -14.09 7.04
C THR B 375 -7.31 -15.56 7.25
N THR B 376 -6.24 -16.36 7.13
CA THR B 376 -6.31 -17.82 7.02
C THR B 376 -6.16 -18.63 8.33
N ARG B 377 -6.17 -17.97 9.50
CA ARG B 377 -6.00 -18.68 10.78
C ARG B 377 -4.83 -19.73 10.76
N PRO B 378 -3.61 -19.27 10.53
CA PRO B 378 -2.43 -20.15 10.57
C PRO B 378 -2.18 -20.71 11.98
N SER B 379 -1.48 -21.84 12.07
CA SER B 379 -1.18 -22.47 13.37
C SER B 379 0.12 -23.25 13.26
N GLY B 380 0.69 -23.63 14.39
CA GLY B 380 1.86 -24.51 14.41
C GLY B 380 3.16 -23.76 14.63
N HIS B 381 4.17 -24.50 15.08
CA HIS B 381 5.47 -23.95 15.42
C HIS B 381 6.46 -24.03 14.30
N ILE B 382 6.15 -24.84 13.28
CA ILE B 382 7.15 -25.23 12.28
C ILE B 382 6.88 -24.61 10.92
N ASN B 383 7.72 -23.65 10.56
CA ASN B 383 7.56 -22.84 9.35
C ASN B 383 8.83 -22.85 8.52
N TYR B 384 9.62 -23.94 8.65
CA TYR B 384 10.89 -24.09 7.98
C TYR B 384 11.06 -25.57 7.58
N GLU B 385 11.77 -25.78 6.47
CA GLU B 385 12.16 -27.14 6.03
C GLU B 385 13.59 -27.02 5.51
N PRO B 386 14.45 -28.05 5.77
CA PRO B 386 14.15 -29.31 6.51
C PRO B 386 13.84 -29.16 7.95
N ASN B 387 13.07 -30.09 8.45
CA ASN B 387 12.80 -30.15 9.86
C ASN B 387 12.73 -31.63 10.26
N ARG B 388 12.65 -31.88 11.56
CA ARG B 388 12.73 -33.29 12.08
C ARG B 388 11.35 -33.96 12.14
N TYR B 389 10.28 -33.30 11.69
CA TYR B 389 8.90 -33.77 11.88
C TYR B 389 8.30 -34.43 10.65
N ASP B 390 7.93 -35.69 10.76
CA ASP B 390 7.56 -36.47 9.54
C ASP B 390 6.21 -36.06 8.95
N ASP B 391 5.39 -35.50 9.83
CA ASP B 391 4.03 -35.11 9.47
C ASP B 391 3.99 -33.71 8.84
N GLN B 392 5.09 -32.95 8.87
CA GLN B 392 5.13 -31.62 8.26
C GLN B 392 5.34 -31.76 6.74
N PRO B 393 4.90 -30.76 5.94
CA PRO B 393 4.92 -30.89 4.49
C PRO B 393 6.34 -31.09 3.99
N LYS B 394 6.49 -32.05 3.09
CA LYS B 394 7.77 -32.42 2.45
C LYS B 394 7.70 -32.39 0.92
N GLU B 395 8.87 -32.17 0.32
CA GLU B 395 8.95 -32.16 -1.15
C GLU B 395 8.59 -33.59 -1.64
N ASN B 396 8.11 -33.70 -2.86
CA ASN B 396 7.68 -34.97 -3.42
C ASN B 396 8.33 -35.17 -4.82
N PRO B 397 9.38 -36.00 -4.90
CA PRO B 397 10.16 -36.12 -6.15
C PRO B 397 9.39 -36.66 -7.36
N HIS B 398 8.23 -37.28 -7.15
CA HIS B 398 7.37 -37.64 -8.27
C HIS B 398 6.89 -36.40 -9.08
N TYR B 399 7.02 -35.21 -8.52
CA TYR B 399 6.53 -34.00 -9.21
C TYR B 399 7.63 -33.07 -9.71
N LYS B 400 8.79 -33.59 -10.04
CA LYS B 400 9.87 -32.73 -10.55
C LYS B 400 9.58 -32.38 -11.97
N GLU B 401 9.98 -31.18 -12.39
CA GLU B 401 9.75 -30.79 -13.77
C GLU B 401 10.87 -31.41 -14.61
N SER B 402 10.69 -31.41 -15.91
CA SER B 402 11.70 -31.88 -16.83
C SER B 402 12.99 -31.09 -16.73
N GLU B 403 14.01 -31.58 -17.43
CA GLU B 403 15.29 -30.86 -17.55
C GLU B 403 15.64 -30.50 -18.99
N PRO B 404 15.08 -29.44 -19.52
CA PRO B 404 15.32 -29.08 -20.94
C PRO B 404 16.82 -28.96 -21.27
N VAL B 405 17.17 -29.45 -22.47
CA VAL B 405 18.52 -29.31 -22.95
C VAL B 405 18.76 -27.88 -23.34
N LEU B 406 19.94 -27.38 -22.97
CA LEU B 406 20.37 -26.03 -23.33
C LEU B 406 21.34 -26.15 -24.52
N HIS B 407 21.13 -25.34 -25.54
CA HIS B 407 21.99 -25.40 -26.71
C HIS B 407 23.11 -24.36 -26.64
N GLY B 408 22.83 -23.22 -26.06
CA GLY B 408 23.86 -22.23 -25.83
C GLY B 408 24.90 -22.59 -24.79
N ASP B 409 26.09 -22.10 -25.03
CA ASP B 409 27.18 -22.29 -24.08
C ASP B 409 27.57 -20.99 -23.35
N ARG B 410 26.91 -19.86 -23.67
CA ARG B 410 27.22 -18.58 -23.03
C ARG B 410 25.93 -17.85 -22.63
N MET B 411 26.02 -17.02 -21.58
CA MET B 411 24.96 -16.09 -21.23
C MET B 411 25.04 -14.91 -22.16
N VAL B 412 24.02 -14.72 -23.04
CA VAL B 412 24.06 -13.72 -24.10
C VAL B 412 22.80 -12.85 -24.15
N ARG B 413 22.96 -11.66 -24.71
CA ARG B 413 21.83 -10.84 -25.17
C ARG B 413 21.89 -10.68 -26.68
N GLN B 414 21.06 -11.46 -27.37
CA GLN B 414 21.19 -11.65 -28.78
C GLN B 414 19.83 -12.07 -29.37
N LYS B 415 19.47 -11.51 -30.51
CA LYS B 415 18.24 -11.88 -31.19
C LYS B 415 18.30 -13.31 -31.62
N ILE B 416 17.16 -13.99 -31.62
CA ILE B 416 17.13 -15.34 -32.21
C ILE B 416 17.65 -15.32 -33.63
N GLU B 417 18.27 -16.42 -34.03
CA GLU B 417 18.46 -16.73 -35.44
C GLU B 417 17.10 -17.00 -36.20
N LYS B 418 17.13 -16.85 -37.54
CA LYS B 418 15.95 -16.91 -38.40
C LYS B 418 14.70 -16.14 -37.87
N PRO B 419 14.89 -14.86 -37.57
CA PRO B 419 13.76 -14.02 -37.24
C PRO B 419 12.66 -14.06 -38.32
N ASN B 420 13.06 -14.04 -39.61
CA ASN B 420 12.12 -14.14 -40.72
C ASN B 420 10.88 -13.23 -40.53
N ASP B 421 11.10 -11.93 -40.45
CA ASP B 421 10.02 -11.02 -40.01
C ASP B 421 8.87 -10.86 -40.98
N PHE B 422 9.02 -11.22 -42.26
CA PHE B 422 8.02 -10.80 -43.24
C PHE B 422 7.24 -11.92 -43.89
N LYS B 423 7.80 -13.12 -43.91
CA LYS B 423 7.27 -14.17 -44.74
C LYS B 423 5.87 -14.62 -44.34
N GLN B 424 5.64 -14.85 -43.06
CA GLN B 424 4.32 -15.29 -42.62
C GLN B 424 3.29 -14.21 -42.83
N ALA B 425 3.69 -12.94 -42.66
CA ALA B 425 2.72 -11.80 -42.92
C ALA B 425 2.22 -11.83 -44.34
N GLY B 426 3.14 -12.09 -45.26
CA GLY B 426 2.76 -12.25 -46.67
C GLY B 426 1.85 -13.44 -46.94
N GLU B 427 2.15 -14.56 -46.31
CA GLU B 427 1.30 -15.74 -46.39
C GLU B 427 -0.09 -15.45 -45.87
N LYS B 428 -0.18 -14.79 -44.72
CA LYS B 428 -1.50 -14.41 -44.19
C LYS B 428 -2.25 -13.50 -45.15
N TYR B 429 -1.54 -12.49 -45.64
CA TYR B 429 -2.18 -11.52 -46.59
C TYR B 429 -2.81 -12.32 -47.76
N ARG B 430 -2.01 -13.17 -48.35
CA ARG B 430 -2.44 -13.91 -49.53
C ARG B 430 -3.57 -14.86 -49.21
N SER B 431 -3.72 -15.25 -47.95
CA SER B 431 -4.78 -16.17 -47.53
C SER B 431 -6.12 -15.47 -47.39
N TYR B 432 -6.09 -14.15 -47.27
CA TYR B 432 -7.32 -13.36 -47.22
C TYR B 432 -8.09 -13.43 -48.54
N SER B 433 -9.41 -13.47 -48.45
CA SER B 433 -10.31 -13.19 -49.57
C SER B 433 -10.11 -11.77 -50.05
N GLU B 434 -10.60 -11.48 -51.26
CA GLU B 434 -10.50 -10.11 -51.79
C GLU B 434 -11.20 -9.14 -50.85
N GLU B 435 -12.40 -9.50 -50.39
CA GLU B 435 -13.17 -8.66 -49.45
C GLU B 435 -12.34 -8.37 -48.15
N GLU B 436 -11.71 -9.40 -47.60
CA GLU B 436 -10.86 -9.25 -46.43
C GLU B 436 -9.62 -8.37 -46.71
N LYS B 437 -8.99 -8.50 -47.88
CA LYS B 437 -7.88 -7.64 -48.26
C LYS B 437 -8.29 -6.19 -48.37
N GLN B 438 -9.48 -5.93 -48.91
CA GLN B 438 -9.98 -4.56 -48.94
C GLN B 438 -10.18 -4.00 -47.56
N ALA B 439 -10.74 -4.80 -46.66
CA ALA B 439 -10.93 -4.34 -45.28
C ALA B 439 -9.59 -4.00 -44.60
N LEU B 440 -8.62 -4.87 -44.77
CA LEU B 440 -7.29 -4.68 -44.18
C LEU B 440 -6.68 -3.37 -44.67
N ILE B 441 -6.72 -3.15 -46.00
CA ILE B 441 -6.15 -1.94 -46.57
C ILE B 441 -6.86 -0.71 -46.08
N LYS B 442 -8.18 -0.79 -46.03
CA LYS B 442 -9.03 0.31 -45.57
C LYS B 442 -8.69 0.68 -44.13
N ASN B 443 -8.62 -0.35 -43.27
CA ASN B 443 -8.39 -0.12 -41.86
C ASN B 443 -6.98 0.45 -41.68
N LEU B 444 -6.00 -0.07 -42.42
CA LEU B 444 -4.61 0.42 -42.25
C LEU B 444 -4.47 1.83 -42.75
N THR B 445 -5.19 2.12 -43.83
CA THR B 445 -5.16 3.45 -44.43
C THR B 445 -5.73 4.49 -43.44
N ALA B 446 -6.88 4.19 -42.82
CA ALA B 446 -7.45 5.12 -41.83
C ALA B 446 -6.51 5.39 -40.63
N ASP B 447 -5.72 4.39 -40.25
CA ASP B 447 -4.79 4.48 -39.12
C ASP B 447 -3.53 5.20 -39.47
N LEU B 448 -3.04 5.01 -40.73
CA LEU B 448 -1.76 5.56 -41.18
C LEU B 448 -1.82 6.92 -41.87
N LYS B 449 -3.00 7.33 -42.29
CA LYS B 449 -3.07 8.56 -43.14
C LYS B 449 -2.55 9.83 -42.44
N GLY B 450 -2.66 9.94 -41.12
CA GLY B 450 -2.13 11.09 -40.39
C GLY B 450 -0.76 11.01 -39.73
N VAL B 451 -0.06 9.91 -39.93
CA VAL B 451 1.19 9.72 -39.26
C VAL B 451 2.32 10.41 -40.01
N ASN B 452 3.39 10.69 -39.29
CA ASN B 452 4.69 11.18 -39.81
C ASN B 452 5.03 10.46 -41.16
N GLU B 453 5.39 11.23 -42.17
CA GLU B 453 5.67 10.64 -43.51
C GLU B 453 6.75 9.57 -43.56
N LYS B 454 7.84 9.78 -42.85
CA LYS B 454 8.89 8.82 -42.78
C LYS B 454 8.44 7.48 -42.15
N THR B 455 7.66 7.57 -41.08
CA THR B 455 7.07 6.44 -40.47
C THR B 455 6.05 5.75 -41.38
N LYS B 456 5.21 6.55 -42.06
CA LYS B 456 4.24 6.04 -42.99
C LYS B 456 4.93 5.22 -44.10
N LEU B 457 6.03 5.74 -44.62
CA LEU B 457 6.78 5.01 -45.68
C LEU B 457 7.38 3.71 -45.15
N LEU B 458 7.92 3.72 -43.94
CA LEU B 458 8.52 2.57 -43.38
C LEU B 458 7.45 1.50 -43.16
N ALA B 459 6.26 1.87 -42.71
CA ALA B 459 5.17 0.92 -42.63
C ALA B 459 4.87 0.26 -43.96
N ILE B 460 4.77 1.10 -45.00
CA ILE B 460 4.53 0.58 -46.36
C ILE B 460 5.59 -0.40 -46.77
N CYS B 461 6.86 -0.05 -46.53
CA CYS B 461 7.99 -0.93 -46.88
CA CYS B 461 8.03 -0.93 -46.86
C CYS B 461 7.94 -2.26 -46.14
N ASN B 462 7.57 -2.24 -44.84
CA ASN B 462 7.46 -3.49 -44.10
C ASN B 462 6.35 -4.34 -44.73
N PHE B 463 5.24 -3.73 -45.09
CA PHE B 463 4.16 -4.54 -45.66
C PHE B 463 4.52 -5.02 -47.07
N TYR B 464 5.25 -4.18 -47.80
CA TYR B 464 5.72 -4.54 -49.17
C TYR B 464 6.66 -5.76 -49.12
N ARG B 465 7.56 -5.77 -48.12
CA ARG B 465 8.41 -6.91 -47.88
C ARG B 465 7.65 -8.18 -47.54
N ALA B 466 6.52 -8.05 -46.84
CA ALA B 466 5.61 -9.16 -46.67
C ALA B 466 5.05 -9.65 -47.99
N ASP B 467 4.41 -8.76 -48.73
CA ASP B 467 3.89 -9.13 -50.05
C ASP B 467 3.89 -7.83 -50.89
N GLU B 468 4.44 -7.89 -52.10
CA GLU B 468 4.44 -6.72 -52.99
C GLU B 468 3.10 -6.06 -53.29
N ASP B 469 2.07 -6.87 -53.47
CA ASP B 469 0.71 -6.43 -53.74
C ASP B 469 0.17 -5.76 -52.51
N TYR B 470 0.41 -6.38 -51.35
CA TYR B 470 -0.06 -5.79 -50.05
C TYR B 470 0.47 -4.36 -49.94
N GLY B 471 1.78 -4.23 -50.08
CA GLY B 471 2.48 -2.98 -49.97
C GLY B 471 2.07 -1.95 -51.03
N GLN B 472 1.96 -2.39 -52.26
CA GLN B 472 1.56 -1.51 -53.35
C GLN B 472 0.14 -0.96 -53.12
N ARG B 473 -0.82 -1.81 -52.74
CA ARG B 473 -2.19 -1.39 -52.48
C ARG B 473 -2.27 -0.34 -51.35
N LEU B 474 -1.48 -0.57 -50.33
CA LEU B 474 -1.46 0.34 -49.22
C LEU B 474 -0.83 1.68 -49.60
N ALA B 475 0.25 1.60 -50.35
CA ALA B 475 0.88 2.79 -50.90
C ALA B 475 -0.10 3.59 -51.80
N ASP B 476 -0.80 2.90 -52.69
CA ASP B 476 -1.74 3.59 -53.61
C ASP B 476 -2.88 4.26 -52.78
N SER B 477 -3.35 3.55 -51.76
CA SER B 477 -4.47 4.02 -50.93
C SER B 477 -4.06 5.23 -50.11
N LEU B 478 -2.81 5.27 -49.70
CA LEU B 478 -2.25 6.41 -48.97
C LEU B 478 -1.64 7.53 -49.86
N GLY B 479 -1.63 7.35 -51.18
CA GLY B 479 -1.10 8.41 -52.07
C GLY B 479 0.45 8.49 -52.02
N VAL B 480 1.13 7.42 -51.61
CA VAL B 480 2.59 7.42 -51.44
C VAL B 480 3.24 6.71 -52.60
N ASP B 481 4.11 7.41 -53.31
CA ASP B 481 4.73 6.87 -54.53
C ASP B 481 5.97 6.14 -54.14
N ILE B 482 5.99 4.84 -54.38
CA ILE B 482 7.12 4.04 -53.91
C ILE B 482 8.01 3.61 -55.06
N ARG B 483 7.82 4.22 -56.26
CA ARG B 483 8.54 3.80 -57.44
C ARG B 483 10.08 3.89 -57.27
N SER B 484 10.56 4.93 -56.64
CA SER B 484 12.02 5.08 -56.46
C SER B 484 12.66 3.99 -55.55
N TYR B 485 11.84 3.27 -54.78
CA TYR B 485 12.19 1.98 -54.19
C TYR B 485 11.46 0.79 -54.82
N HIS C 6 22.00 14.15 -27.29
CA HIS C 6 22.30 12.67 -27.16
C HIS C 6 22.50 12.20 -25.71
N LYS C 7 21.84 11.11 -25.37
CA LYS C 7 21.67 10.69 -23.98
C LYS C 7 21.72 9.17 -23.93
N ASN C 8 22.32 8.63 -22.85
CA ASN C 8 22.25 7.18 -22.57
C ASN C 8 20.97 6.80 -21.91
N LEU C 9 20.35 5.74 -22.37
CA LEU C 9 19.38 5.02 -21.56
CA LEU C 9 19.39 5.01 -21.56
C LEU C 9 20.09 4.38 -20.37
N THR C 10 19.48 4.47 -19.18
CA THR C 10 20.15 3.98 -17.97
C THR C 10 19.17 3.21 -17.17
N THR C 11 19.69 2.41 -16.28
CA THR C 11 18.87 1.86 -15.19
C THR C 11 18.59 2.93 -14.18
N ASN C 12 17.73 2.59 -13.18
CA ASN C 12 17.50 3.53 -12.09
C ASN C 12 18.70 3.76 -11.14
N GLN C 13 19.72 2.93 -11.29
CA GLN C 13 20.98 3.09 -10.58
C GLN C 13 21.94 4.03 -11.29
N GLY C 14 21.54 4.50 -12.48
CA GLY C 14 22.34 5.39 -13.31
C GLY C 14 23.41 4.64 -14.14
N VAL C 15 23.29 3.32 -14.29
CA VAL C 15 24.19 2.53 -15.15
C VAL C 15 23.70 2.51 -16.58
N PRO C 16 24.56 2.92 -17.54
CA PRO C 16 24.10 2.91 -18.91
C PRO C 16 23.72 1.52 -19.38
N VAL C 17 22.66 1.43 -20.14
CA VAL C 17 22.12 0.18 -20.66
C VAL C 17 22.75 -0.18 -21.98
N GLY C 18 23.41 -1.33 -22.00
CA GLY C 18 24.09 -1.78 -23.23
C GLY C 18 23.16 -2.35 -24.32
N ASP C 19 22.04 -2.93 -23.89
CA ASP C 19 21.13 -3.54 -24.84
C ASP C 19 19.73 -3.42 -24.28
N ASN C 20 18.91 -2.63 -24.95
CA ASN C 20 17.49 -2.42 -24.54
C ASN C 20 16.53 -3.23 -25.39
N GLN C 21 17.08 -4.21 -26.13
CA GLN C 21 16.27 -5.03 -27.05
C GLN C 21 16.11 -6.51 -26.62
N ASN C 22 17.18 -7.11 -26.08
CA ASN C 22 17.27 -8.55 -25.81
C ASN C 22 17.48 -8.87 -24.33
N SER C 23 16.63 -9.74 -23.86
CA SER C 23 16.81 -10.39 -22.56
C SER C 23 18.10 -11.22 -22.55
N ARG C 24 18.57 -11.50 -21.37
CA ARG C 24 19.76 -12.29 -21.17
C ARG C 24 19.42 -13.78 -21.03
N THR C 25 20.01 -14.63 -21.90
CA THR C 25 19.50 -15.96 -22.21
C THR C 25 20.66 -16.94 -22.34
N ALA C 26 20.34 -18.21 -22.20
CA ALA C 26 21.26 -19.31 -22.51
C ALA C 26 21.41 -19.51 -24.04
N GLY C 27 22.38 -18.81 -24.61
CA GLY C 27 22.53 -18.72 -26.07
C GLY C 27 21.42 -17.88 -26.69
N HIS C 28 21.45 -17.79 -28.02
CA HIS C 28 20.58 -16.92 -28.76
C HIS C 28 19.11 -17.26 -28.64
N ARG C 29 18.75 -18.50 -28.32
CA ARG C 29 17.31 -18.86 -28.23
C ARG C 29 16.86 -19.55 -26.96
N GLY C 30 17.68 -19.55 -25.91
CA GLY C 30 17.47 -20.44 -24.74
C GLY C 30 16.65 -19.64 -23.72
N PRO C 31 16.33 -20.27 -22.57
CA PRO C 31 15.56 -19.62 -21.53
C PRO C 31 16.35 -18.49 -20.87
N SER C 32 15.62 -17.66 -20.14
CA SER C 32 16.16 -16.43 -19.64
C SER C 32 16.75 -16.56 -18.24
N PHE C 33 17.73 -15.71 -17.98
CA PHE C 33 18.40 -15.74 -16.76
C PHE C 33 17.82 -14.78 -15.76
N LEU C 34 17.85 -15.23 -14.49
CA LEU C 34 17.48 -14.37 -13.36
C LEU C 34 18.39 -13.15 -13.18
N ASP C 35 19.67 -13.34 -13.49
CA ASP C 35 20.61 -12.25 -13.45
C ASP C 35 20.47 -11.34 -14.72
N ASP C 36 19.37 -10.62 -14.80
CA ASP C 36 19.16 -9.57 -15.84
C ASP C 36 18.52 -8.40 -15.11
N TYR C 37 19.34 -7.57 -14.50
CA TYR C 37 18.82 -6.52 -13.57
C TYR C 37 17.95 -5.53 -14.40
N HIS C 38 18.38 -5.19 -15.61
CA HIS C 38 17.61 -4.28 -16.44
C HIS C 38 16.22 -4.83 -16.79
N LEU C 39 16.13 -6.13 -17.20
CA LEU C 39 14.84 -6.70 -17.51
C LEU C 39 13.92 -6.58 -16.25
N ILE C 40 14.45 -7.01 -15.11
CA ILE C 40 13.62 -7.14 -13.94
C ILE C 40 13.20 -5.73 -13.48
N GLU C 41 14.16 -4.82 -13.42
CA GLU C 41 13.88 -3.46 -12.97
C GLU C 41 12.81 -2.82 -13.89
N LYS C 42 13.00 -2.95 -15.19
CA LYS C 42 12.11 -2.41 -16.15
C LYS C 42 10.71 -3.01 -16.10
N LEU C 43 10.57 -4.31 -16.01
CA LEU C 43 9.27 -4.95 -15.88
C LEU C 43 8.60 -4.66 -14.52
N ALA C 44 9.42 -4.70 -13.45
CA ALA C 44 8.89 -4.47 -12.12
C ALA C 44 8.34 -3.07 -12.01
N HIS C 45 8.98 -2.07 -12.61
CA HIS C 45 8.35 -0.77 -12.56
C HIS C 45 7.09 -0.67 -13.41
N PHE C 46 7.13 -1.18 -14.63
CA PHE C 46 5.95 -1.30 -15.46
C PHE C 46 4.81 -1.91 -14.68
N ASP C 47 5.10 -3.00 -13.94
CA ASP C 47 4.09 -3.73 -13.17
C ASP C 47 3.42 -2.91 -12.04
N ARG C 48 4.06 -1.78 -11.68
CA ARG C 48 3.63 -0.91 -10.60
C ARG C 48 3.20 0.53 -11.07
N GLU C 49 2.93 0.70 -12.36
CA GLU C 49 2.58 2.04 -12.87
C GLU C 49 1.26 2.53 -12.28
N ARG C 50 0.30 1.65 -12.04
CA ARG C 50 -1.09 2.06 -11.80
C ARG C 50 -1.33 2.28 -10.29
N ILE C 51 -2.04 3.35 -9.96
CA ILE C 51 -2.54 3.59 -8.67
C ILE C 51 -4.08 3.57 -8.73
N PRO C 52 -4.76 3.44 -7.56
CA PRO C 52 -6.21 3.49 -7.61
C PRO C 52 -6.74 4.76 -8.28
N GLU C 53 -7.81 4.64 -9.07
CA GLU C 53 -8.46 5.81 -9.64
C GLU C 53 -9.29 6.46 -8.50
N ARG C 54 -9.64 7.71 -8.69
CA ARG C 54 -10.61 8.37 -7.79
C ARG C 54 -11.95 7.60 -7.64
N VAL C 55 -12.47 7.47 -6.41
CA VAL C 55 -13.63 6.67 -6.13
C VAL C 55 -14.88 7.20 -6.86
N VAL C 56 -14.95 8.53 -7.03
CA VAL C 56 -15.82 9.19 -7.99
C VAL C 56 -14.96 10.19 -8.77
N HIS C 57 -15.47 10.70 -9.87
CA HIS C 57 -14.83 11.66 -10.74
C HIS C 57 -13.53 11.13 -11.28
N ALA C 58 -13.52 9.83 -11.56
CA ALA C 58 -12.27 9.15 -12.02
C ALA C 58 -11.83 9.64 -13.39
N ARG C 59 -12.79 9.91 -14.29
CA ARG C 59 -12.51 10.46 -15.63
C ARG C 59 -12.41 11.99 -15.62
N GLY C 60 -11.29 12.53 -16.04
CA GLY C 60 -11.11 13.97 -15.99
C GLY C 60 -9.93 14.50 -16.73
N ALA C 61 -9.82 15.83 -16.74
CA ALA C 61 -8.75 16.51 -17.43
C ALA C 61 -8.44 17.82 -16.68
N GLY C 62 -7.18 18.21 -16.75
CA GLY C 62 -6.64 19.34 -16.03
C GLY C 62 -5.93 20.40 -16.86
N ALA C 63 -5.80 21.55 -16.27
CA ALA C 63 -5.05 22.63 -16.88
C ALA C 63 -4.67 23.68 -15.83
N TYR C 64 -3.61 24.39 -16.12
CA TYR C 64 -3.20 25.50 -15.23
C TYR C 64 -3.66 26.79 -15.80
N GLY C 65 -3.71 27.81 -14.94
CA GLY C 65 -4.02 29.20 -15.45
C GLY C 65 -3.85 30.23 -14.39
N VAL C 66 -4.61 31.31 -14.53
CA VAL C 66 -4.46 32.46 -13.60
C VAL C 66 -5.87 32.96 -13.26
N PHE C 67 -6.08 33.38 -12.00
CA PHE C 67 -7.24 34.11 -11.56
C PHE C 67 -6.84 35.56 -11.29
N GLU C 68 -7.62 36.45 -11.82
CA GLU C 68 -7.36 37.91 -11.60
C GLU C 68 -8.59 38.52 -10.98
N VAL C 69 -8.34 39.26 -9.91
CA VAL C 69 -9.42 39.99 -9.18
C VAL C 69 -9.84 41.23 -9.98
N GLU C 70 -11.14 41.40 -10.20
CA GLU C 70 -11.68 42.66 -10.82
C GLU C 70 -12.16 43.62 -9.71
N ASN C 71 -12.86 43.08 -8.71
CA ASN C 71 -13.40 43.85 -7.54
C ASN C 71 -12.95 43.26 -6.25
N SER C 72 -12.16 44.01 -5.45
CA SER C 72 -11.74 43.51 -4.13
C SER C 72 -12.93 43.16 -3.28
N MET C 73 -12.80 42.10 -2.49
CA MET C 73 -13.88 41.61 -1.71
C MET C 73 -13.64 41.90 -0.25
N GLU C 74 -12.71 42.85 0.08
CA GLU C 74 -12.33 43.08 1.48
C GLU C 74 -13.48 43.62 2.43
N LYS C 75 -14.57 44.11 1.89
CA LYS C 75 -15.73 44.41 2.74
CA LYS C 75 -15.76 44.39 2.73
C LYS C 75 -16.30 43.13 3.38
N HIS C 76 -16.17 42.01 2.66
CA HIS C 76 -16.86 40.78 3.02
C HIS C 76 -15.95 39.62 3.46
N THR C 77 -14.71 39.61 3.02
CA THR C 77 -13.80 38.57 3.40
C THR C 77 -12.39 39.13 3.47
N ARG C 78 -11.62 38.61 4.43
CA ARG C 78 -10.22 38.95 4.56
CA ARG C 78 -10.21 38.95 4.59
C ARG C 78 -9.33 38.07 3.70
N ALA C 79 -9.94 37.22 2.88
CA ALA C 79 -9.10 36.31 2.04
C ALA C 79 -8.09 37.08 1.25
N ALA C 80 -6.83 36.63 1.34
CA ALA C 80 -5.77 37.37 0.76
C ALA C 80 -5.82 37.47 -0.74
N PHE C 81 -6.17 36.37 -1.42
CA PHE C 81 -6.19 36.35 -2.86
C PHE C 81 -7.28 37.20 -3.47
N LEU C 82 -8.21 37.73 -2.63
CA LEU C 82 -9.31 38.50 -3.15
C LEU C 82 -9.23 40.01 -2.66
N SER C 83 -8.08 40.41 -2.16
CA SER C 83 -7.98 41.65 -1.37
C SER C 83 -7.86 42.92 -2.21
N GLU C 84 -7.40 42.82 -3.46
CA GLU C 84 -7.00 44.01 -4.25
C GLU C 84 -7.39 43.78 -5.69
N GLU C 85 -7.94 44.82 -6.34
CA GLU C 85 -8.10 44.86 -7.80
C GLU C 85 -6.81 44.53 -8.47
N GLY C 86 -6.88 43.70 -9.51
CA GLY C 86 -5.67 43.31 -10.27
C GLY C 86 -4.82 42.14 -9.74
N LYS C 87 -5.11 41.66 -8.55
CA LYS C 87 -4.26 40.67 -7.90
C LYS C 87 -4.46 39.32 -8.59
N GLN C 88 -3.34 38.73 -8.98
CA GLN C 88 -3.31 37.51 -9.81
C GLN C 88 -2.83 36.38 -8.93
N THR C 89 -3.53 35.27 -9.07
CA THR C 89 -3.21 34.05 -8.31
C THR C 89 -3.18 32.90 -9.36
N ASP C 90 -2.14 32.09 -9.34
CA ASP C 90 -2.09 30.91 -10.17
C ASP C 90 -3.13 29.88 -9.70
N VAL C 91 -3.63 29.11 -10.64
CA VAL C 91 -4.55 28.06 -10.37
C VAL C 91 -4.16 26.78 -11.10
N PHE C 92 -4.55 25.65 -10.50
CA PHE C 92 -4.73 24.42 -11.24
C PHE C 92 -6.21 23.99 -11.19
N VAL C 93 -6.73 23.53 -12.31
CA VAL C 93 -8.11 23.11 -12.42
C VAL C 93 -8.25 21.73 -13.04
N ARG C 94 -9.09 20.90 -12.42
CA ARG C 94 -9.47 19.61 -13.01
C ARG C 94 -10.99 19.64 -13.22
N PHE C 95 -11.35 19.17 -14.41
CA PHE C 95 -12.74 18.89 -14.82
C PHE C 95 -12.98 17.40 -14.93
N SER C 96 -14.20 16.96 -14.73
CA SER C 96 -14.46 15.54 -14.68
C SER C 96 -15.93 15.17 -14.86
N THR C 97 -16.18 13.95 -15.21
CA THR C 97 -17.46 13.35 -15.03
C THR C 97 -17.55 12.83 -13.60
N VAL C 98 -18.53 12.01 -13.31
CA VAL C 98 -18.72 11.54 -11.91
C VAL C 98 -18.64 10.04 -11.72
N ILE C 99 -19.48 9.24 -12.40
CA ILE C 99 -19.79 7.92 -11.92
C ILE C 99 -18.85 6.86 -12.55
N HIS C 100 -18.63 6.92 -13.86
CA HIS C 100 -17.92 5.80 -14.51
C HIS C 100 -16.41 5.85 -14.33
N PRO C 101 -15.69 4.74 -14.62
CA PRO C 101 -14.25 4.73 -14.41
C PRO C 101 -13.40 5.56 -15.37
N LYS C 102 -12.09 5.55 -15.13
N LYS C 102 -12.10 5.57 -15.10
CA LYS C 102 -11.09 6.08 -16.05
CA LYS C 102 -11.12 6.39 -15.79
C LYS C 102 -11.38 5.38 -17.34
C LYS C 102 -11.21 6.52 -17.27
N GLY C 103 -11.24 6.09 -18.45
N GLY C 103 -11.50 5.42 -17.96
CA GLY C 103 -11.45 5.50 -19.73
CA GLY C 103 -11.50 5.42 -19.43
C GLY C 103 -12.89 5.55 -20.22
C GLY C 103 -12.86 5.48 -20.12
N SER C 104 -13.85 5.87 -19.35
CA SER C 104 -15.21 5.97 -19.74
C SER C 104 -15.49 7.20 -20.65
N PRO C 105 -16.61 7.15 -21.40
CA PRO C 105 -16.89 8.28 -22.28
C PRO C 105 -17.28 9.61 -21.55
N GLU C 106 -17.01 10.73 -22.20
CA GLU C 106 -17.32 12.03 -21.69
C GLU C 106 -18.66 12.59 -22.26
N THR C 107 -19.41 11.70 -22.92
CA THR C 107 -20.74 11.91 -23.51
C THR C 107 -21.91 11.37 -22.64
N LEU C 108 -21.61 10.86 -21.44
CA LEU C 108 -22.62 10.36 -20.55
C LEU C 108 -23.27 11.48 -19.73
N ARG C 109 -24.55 11.32 -19.37
CA ARG C 109 -25.21 12.20 -18.44
C ARG C 109 -24.54 12.13 -17.08
N ASP C 110 -24.31 13.28 -16.47
CA ASP C 110 -23.67 13.27 -15.14
C ASP C 110 -23.51 14.75 -14.80
N PRO C 111 -23.46 15.07 -13.52
CA PRO C 111 -22.80 16.35 -13.17
C PRO C 111 -21.36 16.34 -13.64
N ARG C 112 -20.81 17.53 -13.88
CA ARG C 112 -19.40 17.64 -14.18
C ARG C 112 -18.66 18.34 -13.04
N GLY C 113 -17.52 17.77 -12.64
CA GLY C 113 -16.70 18.42 -11.72
C GLY C 113 -15.99 19.62 -12.25
N PHE C 114 -15.70 20.55 -11.32
CA PHE C 114 -15.08 21.85 -11.64
C PHE C 114 -14.29 22.26 -10.38
N ALA C 115 -13.08 21.72 -10.27
CA ALA C 115 -12.27 21.75 -9.09
C ALA C 115 -11.15 22.75 -9.34
N VAL C 116 -11.11 23.83 -8.54
CA VAL C 116 -10.10 24.85 -8.68
C VAL C 116 -9.20 24.93 -7.47
N LYS C 117 -7.89 24.80 -7.70
CA LYS C 117 -6.91 25.06 -6.67
C LYS C 117 -6.22 26.37 -6.87
N PHE C 118 -6.31 27.23 -5.87
CA PHE C 118 -5.70 28.61 -5.94
C PHE C 118 -4.47 28.58 -5.04
N TYR C 119 -3.33 28.83 -5.63
CA TYR C 119 -2.05 28.82 -4.92
C TYR C 119 -1.77 30.16 -4.22
N THR C 120 -2.44 30.38 -3.09
CA THR C 120 -2.47 31.77 -2.55
C THR C 120 -1.28 32.05 -1.61
N GLU C 121 -1.07 33.34 -1.29
CA GLU C 121 0.01 33.69 -0.38
C GLU C 121 -0.21 33.23 1.06
N GLU C 122 -1.47 32.90 1.41
CA GLU C 122 -1.79 32.38 2.73
C GLU C 122 -2.20 30.93 2.68
N GLY C 123 -1.78 30.25 1.62
CA GLY C 123 -1.96 28.77 1.54
C GLY C 123 -2.83 28.41 0.34
N ASN C 124 -2.95 27.11 0.08
CA ASN C 124 -3.78 26.66 -1.03
C ASN C 124 -5.24 26.68 -0.62
N TYR C 125 -6.08 27.22 -1.51
CA TYR C 125 -7.51 27.29 -1.37
C TYR C 125 -8.16 26.50 -2.45
N ASP C 126 -8.85 25.42 -2.09
CA ASP C 126 -9.51 24.59 -3.07
C ASP C 126 -11.00 24.92 -3.07
N LEU C 127 -11.54 25.27 -4.21
CA LEU C 127 -12.97 25.34 -4.43
C LEU C 127 -13.40 24.19 -5.31
N VAL C 128 -13.97 23.19 -4.68
CA VAL C 128 -14.21 21.91 -5.32
C VAL C 128 -15.67 21.83 -5.73
N GLY C 129 -15.94 22.37 -6.93
CA GLY C 129 -17.31 22.58 -7.38
C GLY C 129 -17.74 21.57 -8.41
N ASN C 130 -19.00 21.74 -8.88
CA ASN C 130 -19.55 21.03 -10.03
C ASN C 130 -20.15 22.08 -10.98
N ASN C 131 -20.52 21.71 -12.17
CA ASN C 131 -21.26 22.61 -13.01
C ASN C 131 -22.61 22.98 -12.41
N LEU C 132 -23.36 21.99 -11.92
CA LEU C 132 -24.71 22.24 -11.44
C LEU C 132 -24.66 22.80 -10.03
N PRO C 133 -25.63 23.63 -9.63
CA PRO C 133 -25.43 24.44 -8.38
C PRO C 133 -26.02 23.84 -7.11
N ILE C 134 -26.64 22.68 -7.25
CA ILE C 134 -27.29 21.98 -6.12
CA ILE C 134 -27.28 21.96 -6.13
C ILE C 134 -26.81 20.52 -6.13
N PHE C 135 -27.25 19.76 -5.16
CA PHE C 135 -26.91 18.39 -5.10
C PHE C 135 -28.12 17.48 -4.83
N PHE C 136 -27.93 16.17 -4.95
CA PHE C 136 -29.01 15.19 -4.83
C PHE C 136 -29.45 14.96 -3.38
N ILE C 137 -28.52 15.17 -2.45
CA ILE C 137 -28.65 14.75 -1.04
C ILE C 137 -28.13 15.93 -0.23
N ARG C 138 -28.41 15.90 1.07
CA ARG C 138 -28.01 17.03 2.00
C ARG C 138 -27.26 16.57 3.29
N ASP C 139 -26.91 15.29 3.33
CA ASP C 139 -26.12 14.72 4.46
C ASP C 139 -25.11 13.68 3.91
N ALA C 140 -23.85 13.87 4.29
CA ALA C 140 -22.77 13.03 3.82
C ALA C 140 -22.92 11.56 4.15
N LEU C 141 -23.65 11.21 5.22
CA LEU C 141 -23.91 9.83 5.59
C LEU C 141 -24.54 9.11 4.46
N LYS C 142 -25.24 9.81 3.57
CA LYS C 142 -25.90 9.15 2.42
C LYS C 142 -25.06 9.01 1.17
N PHE C 143 -23.84 9.55 1.18
CA PHE C 143 -23.10 9.67 -0.07
C PHE C 143 -22.71 8.31 -0.63
N PRO C 144 -22.20 7.40 0.23
CA PRO C 144 -21.91 6.05 -0.29
C PRO C 144 -23.10 5.33 -0.83
N ASP C 145 -24.26 5.51 -0.22
CA ASP C 145 -25.48 4.95 -0.79
C ASP C 145 -25.86 5.50 -2.15
N MET C 146 -25.85 6.82 -2.27
CA MET C 146 -26.22 7.46 -3.52
C MET C 146 -25.29 6.93 -4.64
N VAL C 147 -24.00 6.95 -4.32
CA VAL C 147 -22.94 6.55 -5.30
C VAL C 147 -23.12 5.11 -5.69
N HIS C 148 -23.27 4.22 -4.71
CA HIS C 148 -23.45 2.84 -4.98
C HIS C 148 -24.71 2.61 -5.90
N SER C 149 -25.77 3.34 -5.69
CA SER C 149 -27.02 3.24 -6.51
C SER C 149 -26.78 3.68 -7.97
N LEU C 150 -25.92 4.66 -8.15
CA LEU C 150 -25.59 5.21 -9.47
C LEU C 150 -24.53 4.44 -10.21
N LYS C 151 -23.58 3.85 -9.47
CA LYS C 151 -22.46 3.12 -10.04
C LYS C 151 -22.99 1.85 -10.77
N PRO C 152 -22.29 1.39 -11.79
CA PRO C 152 -22.57 0.06 -12.30
C PRO C 152 -22.91 -0.98 -11.20
N ASP C 153 -23.93 -1.75 -11.46
CA ASP C 153 -24.42 -2.80 -10.57
C ASP C 153 -23.27 -3.68 -10.15
N PRO C 154 -23.22 -4.08 -8.87
CA PRO C 154 -22.02 -4.72 -8.37
C PRO C 154 -21.90 -6.19 -8.82
N VAL C 155 -22.96 -6.65 -9.49
CA VAL C 155 -22.95 -7.96 -10.13
C VAL C 155 -22.61 -7.88 -11.61
N THR C 156 -23.31 -7.06 -12.34
CA THR C 156 -23.21 -7.02 -13.77
C THR C 156 -22.17 -6.04 -14.35
N ASN C 157 -21.70 -5.10 -13.54
CA ASN C 157 -20.81 -4.01 -14.03
C ASN C 157 -21.45 -3.13 -15.07
N ILE C 158 -22.78 -2.96 -15.00
CA ILE C 158 -23.51 -2.03 -15.88
C ILE C 158 -24.45 -1.17 -15.03
N GLN C 159 -24.48 0.16 -15.31
CA GLN C 159 -25.31 1.11 -14.60
C GLN C 159 -26.77 0.73 -14.88
N ASP C 160 -27.63 0.78 -13.87
CA ASP C 160 -28.96 0.32 -13.99
C ASP C 160 -29.94 1.41 -13.44
N PRO C 161 -30.71 2.09 -14.32
CA PRO C 161 -31.68 3.09 -13.79
C PRO C 161 -32.60 2.58 -12.71
N ASP C 162 -32.94 1.29 -12.74
CA ASP C 162 -33.83 0.76 -11.71
C ASP C 162 -33.22 0.91 -10.30
N ARG C 163 -31.89 0.87 -10.21
CA ARG C 163 -31.21 0.97 -8.93
C ARG C 163 -31.16 2.43 -8.42
N TYR C 164 -30.72 3.35 -9.26
CA TYR C 164 -30.56 4.71 -8.79
C TYR C 164 -31.88 5.42 -8.70
N TRP C 165 -32.86 5.04 -9.51
CA TRP C 165 -34.22 5.60 -9.30
C TRP C 165 -34.84 5.08 -8.03
N ASP C 166 -34.49 3.89 -7.63
CA ASP C 166 -35.03 3.35 -6.35
C ASP C 166 -34.55 4.26 -5.27
N PHE C 167 -33.22 4.45 -5.21
CA PHE C 167 -32.67 5.41 -4.20
C PHE C 167 -33.23 6.78 -4.32
N MET C 168 -33.23 7.38 -5.53
CA MET C 168 -33.60 8.79 -5.63
C MET C 168 -35.03 8.97 -5.22
N THR C 169 -35.88 8.06 -5.66
CA THR C 169 -37.34 8.24 -5.39
C THR C 169 -37.64 8.15 -3.88
N LEU C 170 -36.86 7.38 -3.15
CA LEU C 170 -36.97 7.23 -1.70
C LEU C 170 -36.19 8.31 -0.93
N THR C 171 -35.57 9.21 -1.68
CA THR C 171 -34.72 10.33 -1.19
C THR C 171 -35.23 11.58 -1.90
N PRO C 172 -36.43 12.01 -1.53
CA PRO C 172 -37.11 13.03 -2.35
C PRO C 172 -36.43 14.38 -2.31
N GLU C 173 -35.49 14.61 -1.40
CA GLU C 173 -34.70 15.80 -1.52
C GLU C 173 -33.90 15.88 -2.81
N SER C 174 -33.80 14.78 -3.55
CA SER C 174 -33.14 14.76 -4.84
C SER C 174 -33.92 15.40 -5.98
N THR C 175 -35.17 15.82 -5.75
CA THR C 175 -36.05 16.17 -6.84
C THR C 175 -35.57 17.47 -7.59
N HIS C 176 -35.09 18.48 -6.85
CA HIS C 176 -34.56 19.70 -7.46
C HIS C 176 -33.34 19.30 -8.38
N MET C 177 -32.37 18.57 -7.86
CA MET C 177 -31.23 18.16 -8.66
C MET C 177 -31.59 17.48 -9.94
N LEU C 178 -32.48 16.52 -9.83
CA LEU C 178 -32.91 15.77 -11.02
C LEU C 178 -33.59 16.68 -12.09
N THR C 179 -34.28 17.72 -11.62
CA THR C 179 -34.90 18.72 -12.52
C THR C 179 -33.88 19.55 -13.32
N TRP C 180 -32.67 19.74 -12.77
CA TRP C 180 -31.55 20.26 -13.55
C TRP C 180 -30.83 19.22 -14.40
N LEU C 181 -30.50 18.08 -13.79
CA LEU C 181 -29.69 17.07 -14.46
C LEU C 181 -30.34 16.45 -15.67
N PHE C 182 -31.68 16.42 -15.71
CA PHE C 182 -32.36 15.81 -16.85
C PHE C 182 -32.85 16.86 -17.87
N SER C 183 -32.50 18.11 -17.66
CA SER C 183 -32.37 19.06 -18.77
C SER C 183 -31.20 18.66 -19.62
N ASP C 184 -30.99 19.32 -20.75
CA ASP C 184 -29.84 18.93 -21.53
C ASP C 184 -28.52 19.37 -20.86
N GLU C 185 -28.57 20.16 -19.80
CA GLU C 185 -27.32 20.54 -19.10
C GLU C 185 -26.72 19.34 -18.41
N GLY C 186 -27.50 18.28 -18.27
CA GLY C 186 -26.93 16.98 -17.86
C GLY C 186 -25.77 16.44 -18.72
N ILE C 187 -25.64 16.92 -19.95
CA ILE C 187 -24.53 16.49 -20.88
C ILE C 187 -23.96 17.77 -21.49
N PRO C 188 -23.07 18.42 -20.75
CA PRO C 188 -22.34 19.53 -21.33
C PRO C 188 -21.59 19.12 -22.59
N ALA C 189 -21.47 20.08 -23.53
CA ALA C 189 -20.81 19.80 -24.79
C ALA C 189 -19.30 19.47 -24.60
N ASN C 190 -18.69 20.16 -23.66
CA ASN C 190 -17.27 19.99 -23.34
C ASN C 190 -17.08 20.77 -22.01
N TYR C 191 -15.83 20.79 -21.54
CA TYR C 191 -15.57 21.42 -20.22
C TYR C 191 -15.54 22.96 -20.27
N ALA C 192 -15.31 23.54 -21.44
CA ALA C 192 -15.16 24.98 -21.61
C ALA C 192 -16.52 25.66 -21.67
N GLU C 193 -17.47 25.04 -22.33
CA GLU C 193 -18.77 25.66 -22.60
C GLU C 193 -19.77 25.17 -21.51
N MET C 194 -19.40 25.47 -20.28
CA MET C 194 -19.95 24.83 -19.10
C MET C 194 -19.97 25.79 -17.92
N ARG C 195 -21.01 25.72 -17.15
CA ARG C 195 -21.17 26.49 -15.87
C ARG C 195 -20.24 25.86 -14.78
N GLY C 196 -19.86 26.62 -13.77
CA GLY C 196 -19.32 26.14 -12.53
C GLY C 196 -20.05 26.74 -11.31
N SER C 197 -20.07 25.97 -10.22
CA SER C 197 -20.79 26.34 -8.98
C SER C 197 -20.05 25.79 -7.77
N GLY C 198 -19.95 26.54 -6.67
CA GLY C 198 -19.45 26.06 -5.40
C GLY C 198 -20.41 25.04 -4.75
N VAL C 199 -21.68 25.10 -5.16
CA VAL C 199 -22.78 24.36 -4.61
C VAL C 199 -23.13 24.82 -3.20
N HIS C 200 -22.25 24.60 -2.26
CA HIS C 200 -22.55 24.89 -0.85
C HIS C 200 -22.49 26.31 -0.60
N THR C 201 -23.30 26.74 0.37
CA THR C 201 -22.99 27.88 1.16
C THR C 201 -21.68 27.73 1.96
N PHE C 202 -20.84 28.74 1.85
CA PHE C 202 -19.68 28.90 2.69
C PHE C 202 -19.88 30.15 3.59
N ARG C 203 -18.95 30.35 4.49
CA ARG C 203 -18.93 31.57 5.33
C ARG C 203 -17.75 32.45 4.98
N TRP C 204 -18.06 33.69 4.64
CA TRP C 204 -17.02 34.71 4.47
C TRP C 204 -16.88 35.56 5.72
N VAL C 205 -15.64 35.72 6.14
CA VAL C 205 -15.38 36.48 7.42
C VAL C 205 -14.42 37.62 7.13
N ASN C 206 -14.82 38.86 7.51
CA ASN C 206 -14.03 39.99 7.14
C ASN C 206 -13.08 40.38 8.25
N LYS C 207 -12.37 41.51 8.04
CA LYS C 207 -11.34 41.95 9.01
C LYS C 207 -11.93 42.31 10.38
N TYR C 208 -13.22 42.60 10.44
CA TYR C 208 -13.93 42.97 11.73
C TYR C 208 -14.47 41.69 12.39
N GLY C 209 -14.32 40.50 11.75
CA GLY C 209 -14.86 39.31 12.31
C GLY C 209 -16.33 39.10 11.98
N GLU C 210 -16.90 39.90 11.09
CA GLU C 210 -18.31 39.76 10.70
C GLU C 210 -18.38 38.69 9.61
N THR C 211 -19.48 37.95 9.63
CA THR C 211 -19.63 36.85 8.74
C THR C 211 -20.81 37.08 7.85
N LYS C 212 -20.69 36.66 6.59
CA LYS C 212 -21.81 36.49 5.67
C LYS C 212 -21.78 35.10 5.04
N TYR C 213 -22.95 34.59 4.71
CA TYR C 213 -23.03 33.41 3.85
C TYR C 213 -22.68 33.83 2.43
N VAL C 214 -21.98 32.94 1.70
CA VAL C 214 -21.65 33.16 0.32
C VAL C 214 -21.97 31.91 -0.52
N LYS C 215 -22.37 32.16 -1.76
CA LYS C 215 -22.33 31.20 -2.85
C LYS C 215 -21.43 31.68 -3.96
N TYR C 216 -20.76 30.71 -4.62
CA TYR C 216 -19.92 30.96 -5.82
C TYR C 216 -20.45 30.44 -7.13
N HIS C 217 -20.25 31.24 -8.19
CA HIS C 217 -20.70 30.86 -9.52
C HIS C 217 -19.60 31.16 -10.51
N TRP C 218 -19.36 30.27 -11.46
CA TRP C 218 -18.44 30.53 -12.57
C TRP C 218 -19.26 30.63 -13.88
N ARG C 219 -19.06 31.71 -14.65
CA ARG C 219 -19.77 31.91 -15.90
C ARG C 219 -18.77 31.80 -17.04
N PRO C 220 -18.94 30.84 -17.96
CA PRO C 220 -17.99 30.62 -19.04
C PRO C 220 -17.99 31.76 -20.06
N SER C 221 -16.81 32.26 -20.41
CA SER C 221 -16.70 33.26 -21.48
C SER C 221 -17.17 32.60 -22.78
N GLU C 222 -17.03 31.28 -22.88
CA GLU C 222 -17.42 30.54 -24.10
C GLU C 222 -18.91 30.26 -24.22
N GLY C 223 -19.72 30.70 -23.23
CA GLY C 223 -21.15 30.42 -23.16
C GLY C 223 -21.36 28.97 -22.80
N ILE C 224 -22.60 28.59 -22.56
CA ILE C 224 -23.00 27.25 -22.14
C ILE C 224 -23.48 26.54 -23.41
N ARG C 225 -22.99 25.33 -23.71
CA ARG C 225 -23.54 24.50 -24.79
C ARG C 225 -23.68 23.08 -24.26
N ASN C 226 -24.84 22.48 -24.51
CA ASN C 226 -25.25 21.21 -23.98
C ASN C 226 -25.53 20.32 -25.15
N LEU C 227 -25.56 19.01 -24.89
CA LEU C 227 -25.85 18.00 -25.91
C LEU C 227 -27.20 17.36 -25.62
N SER C 228 -28.05 17.29 -26.63
CA SER C 228 -29.20 16.41 -26.58
C SER C 228 -28.72 14.95 -26.50
N MET C 229 -29.60 14.03 -26.10
CA MET C 229 -29.20 12.59 -26.07
C MET C 229 -28.72 12.11 -27.44
N GLU C 230 -29.37 12.60 -28.50
CA GLU C 230 -28.93 12.28 -29.86
C GLU C 230 -27.59 12.85 -30.25
N GLU C 231 -27.30 14.07 -29.88
CA GLU C 231 -26.01 14.66 -30.20
C GLU C 231 -24.92 13.91 -29.41
N ALA C 232 -25.23 13.55 -28.16
CA ALA C 232 -24.27 12.81 -27.29
C ALA C 232 -23.93 11.47 -27.88
N ALA C 233 -24.94 10.72 -28.33
CA ALA C 233 -24.70 9.49 -29.08
C ALA C 233 -23.80 9.66 -30.27
N GLU C 234 -24.05 10.67 -31.11
CA GLU C 234 -23.28 10.87 -32.32
C GLU C 234 -21.79 11.13 -31.96
N ILE C 235 -21.54 11.94 -30.93
CA ILE C 235 -20.18 12.19 -30.48
C ILE C 235 -19.58 10.87 -29.86
N GLN C 236 -20.37 10.12 -29.08
CA GLN C 236 -19.86 8.91 -28.41
C GLN C 236 -19.37 7.91 -29.45
N ALA C 237 -20.01 7.88 -30.61
CA ALA C 237 -19.63 7.01 -31.68
C ALA C 237 -18.18 7.26 -32.16
N ASN C 238 -17.79 8.51 -32.21
CA ASN C 238 -16.56 8.92 -32.88
C ASN C 238 -15.48 9.17 -31.87
N ASP C 239 -15.87 9.65 -30.69
CA ASP C 239 -14.84 10.07 -29.73
C ASP C 239 -15.32 9.86 -28.30
N PHE C 240 -14.70 8.98 -27.56
CA PHE C 240 -15.14 8.76 -26.16
C PHE C 240 -14.45 9.75 -25.20
N GLN C 241 -13.59 10.61 -25.75
CA GLN C 241 -12.78 11.48 -24.91
C GLN C 241 -12.78 12.90 -25.47
N HIS C 242 -13.95 13.32 -25.98
CA HIS C 242 -13.97 14.57 -26.70
C HIS C 242 -13.71 15.80 -25.78
N ALA C 243 -14.16 15.76 -24.52
CA ALA C 243 -13.97 16.90 -23.67
C ALA C 243 -12.53 17.04 -23.22
N THR C 244 -11.88 15.94 -22.90
CA THR C 244 -10.47 15.96 -22.67
C THR C 244 -9.65 16.50 -23.90
N ARG C 245 -10.01 16.03 -25.08
CA ARG C 245 -9.38 16.50 -26.31
C ARG C 245 -9.58 18.01 -26.51
N ASP C 246 -10.82 18.48 -26.34
CA ASP C 246 -11.17 19.86 -26.57
C ASP C 246 -10.39 20.75 -25.66
N LEU C 247 -10.30 20.40 -24.36
CA LEU C 247 -9.63 21.27 -23.42
C LEU C 247 -8.17 21.39 -23.75
N TYR C 248 -7.51 20.28 -24.04
CA TYR C 248 -6.09 20.32 -24.38
C TYR C 248 -5.89 21.20 -25.67
N ASP C 249 -6.70 20.91 -26.65
CA ASP C 249 -6.57 21.51 -27.98
C ASP C 249 -6.79 23.01 -27.96
N ARG C 250 -7.81 23.47 -27.24
CA ARG C 250 -8.06 24.89 -27.07
C ARG C 250 -6.84 25.58 -26.53
N ILE C 251 -6.25 24.98 -25.51
CA ILE C 251 -5.07 25.59 -24.88
C ILE C 251 -3.89 25.51 -25.81
N GLU C 252 -3.70 24.39 -26.48
CA GLU C 252 -2.53 24.28 -27.38
C GLU C 252 -2.60 25.30 -28.52
N LYS C 253 -3.81 25.60 -28.99
CA LYS C 253 -3.93 26.62 -30.04
C LYS C 253 -4.04 28.11 -29.60
N GLY C 254 -3.99 28.36 -28.30
CA GLY C 254 -3.97 29.68 -27.76
C GLY C 254 -5.37 30.18 -27.58
N ASN C 255 -6.39 29.34 -27.73
CA ASN C 255 -7.78 29.74 -27.56
C ASN C 255 -8.19 29.45 -26.09
N TYR C 256 -7.70 30.26 -25.16
CA TYR C 256 -7.77 29.96 -23.71
C TYR C 256 -9.20 30.17 -23.18
N PRO C 257 -9.77 29.14 -22.54
CA PRO C 257 -11.10 29.32 -22.01
C PRO C 257 -11.06 30.07 -20.68
N ALA C 258 -12.13 30.79 -20.41
CA ALA C 258 -12.16 31.64 -19.21
C ALA C 258 -13.57 31.61 -18.61
N TRP C 259 -13.60 31.91 -17.32
CA TRP C 259 -14.83 31.98 -16.57
C TRP C 259 -14.74 33.22 -15.66
N ASP C 260 -15.84 33.96 -15.64
CA ASP C 260 -15.98 34.97 -14.61
C ASP C 260 -16.52 34.38 -13.34
N LEU C 261 -15.92 34.81 -12.21
CA LEU C 261 -16.37 34.40 -10.90
C LEU C 261 -17.32 35.42 -10.30
N TYR C 262 -18.52 34.99 -9.93
CA TYR C 262 -19.51 35.83 -9.22
C TYR C 262 -19.78 35.22 -7.85
N VAL C 263 -20.24 36.06 -6.90
CA VAL C 263 -20.72 35.53 -5.63
C VAL C 263 -22.12 36.04 -5.39
N GLN C 264 -22.86 35.28 -4.61
CA GLN C 264 -24.04 35.81 -3.88
C GLN C 264 -23.72 35.92 -2.44
N LEU C 265 -24.25 36.96 -1.77
CA LEU C 265 -24.00 37.11 -0.34
C LEU C 265 -25.29 37.24 0.44
N MET C 266 -25.36 36.60 1.59
CA MET C 266 -26.58 36.58 2.42
C MET C 266 -26.23 36.76 3.90
N PRO C 267 -26.93 37.68 4.57
CA PRO C 267 -26.75 37.74 6.03
C PRO C 267 -27.13 36.49 6.74
N LEU C 268 -26.38 36.12 7.79
CA LEU C 268 -26.72 35.01 8.66
C LEU C 268 -28.16 35.06 9.14
N SER C 269 -28.60 36.25 9.48
CA SER C 269 -29.91 36.39 10.06
C SER C 269 -31.03 36.02 9.08
N ASP C 270 -30.74 35.89 7.78
CA ASP C 270 -31.80 35.67 6.84
C ASP C 270 -32.33 34.27 6.95
N TYR C 271 -31.65 33.37 7.68
CA TYR C 271 -32.13 32.04 7.96
C TYR C 271 -33.58 32.06 8.33
N ASP C 272 -33.88 32.86 9.31
CA ASP C 272 -35.09 32.63 10.09
C ASP C 272 -36.33 33.02 9.34
N GLU C 273 -36.17 33.92 8.35
CA GLU C 273 -37.23 34.42 7.48
C GLU C 273 -37.50 33.61 6.18
N LEU C 274 -36.54 32.77 5.73
CA LEU C 274 -36.66 31.99 4.50
C LEU C 274 -37.48 30.73 4.73
N ASP C 275 -38.07 30.19 3.66
CA ASP C 275 -38.84 28.96 3.81
C ASP C 275 -38.05 27.67 3.54
N TYR C 276 -36.73 27.85 3.46
CA TYR C 276 -35.84 26.74 3.27
C TYR C 276 -34.65 27.06 4.17
N ASP C 277 -33.78 26.08 4.35
CA ASP C 277 -32.52 26.29 5.04
C ASP C 277 -31.46 26.78 4.04
N PRO C 278 -30.84 27.96 4.27
CA PRO C 278 -29.90 28.47 3.24
C PRO C 278 -28.63 27.64 3.13
N CYS C 279 -28.38 26.74 4.09
CA CYS C 279 -27.24 25.77 4.02
C CYS C 279 -27.68 24.34 3.64
N ASP C 280 -28.88 24.19 3.06
CA ASP C 280 -29.32 22.96 2.43
C ASP C 280 -28.80 22.98 1.00
N PRO C 281 -27.84 22.09 0.66
CA PRO C 281 -27.30 22.14 -0.71
C PRO C 281 -28.23 21.63 -1.79
N THR C 282 -29.46 21.24 -1.46
CA THR C 282 -30.52 20.99 -2.46
C THR C 282 -31.24 22.26 -2.88
N LYS C 283 -30.84 23.42 -2.29
CA LYS C 283 -31.44 24.71 -2.57
C LYS C 283 -30.48 25.65 -3.27
N THR C 284 -31.02 26.47 -4.17
CA THR C 284 -30.38 27.69 -4.63
C THR C 284 -30.91 28.91 -3.90
N TRP C 285 -30.21 30.03 -4.03
CA TRP C 285 -30.71 31.36 -3.57
C TRP C 285 -31.17 32.18 -4.76
N SER C 286 -32.34 32.82 -4.64
CA SER C 286 -32.88 33.62 -5.75
C SER C 286 -31.90 34.74 -6.17
N GLU C 287 -31.62 34.87 -7.47
CA GLU C 287 -30.71 35.92 -7.96
C GLU C 287 -31.42 37.27 -7.95
N GLU C 288 -32.74 37.25 -7.90
CA GLU C 288 -33.48 38.50 -7.70
C GLU C 288 -33.19 39.01 -6.30
N ASP C 289 -33.29 38.12 -5.30
CA ASP C 289 -33.16 38.53 -3.90
C ASP C 289 -31.72 38.64 -3.41
N TYR C 290 -30.82 37.87 -4.02
CA TYR C 290 -29.38 37.88 -3.68
C TYR C 290 -28.58 37.96 -4.97
N PRO C 291 -28.37 39.17 -5.47
CA PRO C 291 -27.84 39.36 -6.80
C PRO C 291 -26.39 38.86 -6.94
N LEU C 292 -26.05 38.34 -8.12
CA LEU C 292 -24.68 37.98 -8.45
C LEU C 292 -23.79 39.23 -8.47
N GLN C 293 -22.64 39.12 -7.82
CA GLN C 293 -21.69 40.20 -7.73
C GLN C 293 -20.41 39.74 -8.34
N LYS C 294 -19.90 40.45 -9.34
CA LYS C 294 -18.66 40.04 -10.01
C LYS C 294 -17.41 40.16 -9.15
N VAL C 295 -16.55 39.11 -9.17
CA VAL C 295 -15.34 39.10 -8.41
C VAL C 295 -14.11 39.20 -9.27
N GLY C 296 -14.03 38.36 -10.29
CA GLY C 296 -12.89 38.33 -11.14
C GLY C 296 -13.02 37.36 -12.25
N ARG C 297 -11.89 37.04 -12.87
CA ARG C 297 -11.91 36.15 -14.06
C ARG C 297 -10.77 35.11 -13.93
N MET C 298 -11.06 33.87 -14.34
CA MET C 298 -10.02 32.83 -14.40
C MET C 298 -9.80 32.41 -15.82
N THR C 299 -8.56 32.34 -16.24
CA THR C 299 -8.22 31.97 -17.61
C THR C 299 -7.31 30.79 -17.52
N LEU C 300 -7.63 29.75 -18.27
CA LEU C 300 -6.76 28.56 -18.31
C LEU C 300 -5.89 28.54 -19.57
N ASN C 301 -4.59 28.54 -19.35
CA ASN C 301 -3.62 28.83 -20.42
C ASN C 301 -2.44 27.94 -20.52
N ARG C 302 -2.43 26.82 -19.80
CA ARG C 302 -1.26 25.97 -19.84
C ARG C 302 -1.68 24.55 -19.58
N ASN C 303 -1.32 23.63 -20.50
CA ASN C 303 -1.50 22.20 -20.25
C ASN C 303 -0.45 21.64 -19.38
N PRO C 304 -0.74 20.49 -18.66
CA PRO C 304 0.29 19.93 -17.85
C PRO C 304 1.38 19.33 -18.68
N GLU C 305 2.52 19.16 -18.08
CA GLU C 305 3.64 18.46 -18.78
C GLU C 305 3.46 16.95 -18.77
N ASN C 306 2.79 16.39 -17.74
CA ASN C 306 2.60 14.90 -17.63
C ASN C 306 1.24 14.66 -17.01
N PHE C 307 0.40 13.93 -17.72
CA PHE C 307 -0.97 13.74 -17.24
C PHE C 307 -1.00 12.99 -15.95
N PHE C 308 -0.25 11.89 -15.84
CA PHE C 308 -0.30 11.14 -14.54
C PHE C 308 0.20 11.93 -13.35
N ALA C 309 1.35 12.52 -13.48
CA ALA C 309 1.98 13.22 -12.35
C ALA C 309 1.22 14.42 -11.86
N GLU C 310 0.51 15.10 -12.76
CA GLU C 310 -0.13 16.35 -12.45
C GLU C 310 -1.63 16.18 -12.36
N THR C 311 -2.28 15.72 -13.37
CA THR C 311 -3.76 15.64 -13.35
C THR C 311 -4.22 14.42 -12.56
N GLU C 312 -3.64 13.27 -12.86
CA GLU C 312 -4.05 12.05 -12.09
C GLU C 312 -3.82 12.13 -10.59
N GLN C 313 -2.67 12.70 -10.20
CA GLN C 313 -2.24 12.72 -8.81
C GLN C 313 -2.77 13.99 -8.11
N ALA C 314 -3.44 14.88 -8.83
CA ALA C 314 -4.00 16.13 -8.23
C ALA C 314 -4.92 15.78 -7.09
N ALA C 315 -4.79 16.51 -5.94
CA ALA C 315 -5.66 16.25 -4.78
C ALA C 315 -6.34 17.58 -4.40
N PHE C 316 -7.66 17.62 -4.45
CA PHE C 316 -8.42 18.80 -3.95
C PHE C 316 -9.27 18.42 -2.77
N THR C 317 -9.48 19.37 -1.84
CA THR C 317 -10.37 19.16 -0.73
C THR C 317 -11.18 20.42 -0.38
N PRO C 318 -12.49 20.28 -0.10
CA PRO C 318 -13.21 21.43 0.36
C PRO C 318 -12.71 21.96 1.67
N SER C 319 -11.99 21.15 2.45
CA SER C 319 -11.36 21.62 3.69
C SER C 319 -10.01 22.38 3.54
N ALA C 320 -9.51 22.56 2.32
CA ALA C 320 -8.41 23.46 2.04
C ALA C 320 -8.91 24.92 1.95
N LEU C 321 -9.23 25.45 3.13
CA LEU C 321 -9.77 26.74 3.30
C LEU C 321 -8.66 27.68 3.67
N VAL C 322 -8.84 28.95 3.35
CA VAL C 322 -7.82 29.99 3.76
C VAL C 322 -8.46 31.00 4.71
N PRO C 323 -7.62 31.77 5.44
CA PRO C 323 -8.21 32.79 6.30
C PRO C 323 -9.19 33.71 5.58
N GLY C 324 -10.38 33.92 6.18
CA GLY C 324 -11.42 34.69 5.54
C GLY C 324 -12.54 33.85 4.91
N ILE C 325 -12.26 32.52 4.72
CA ILE C 325 -13.19 31.59 4.10
C ILE C 325 -13.30 30.37 4.96
N GLU C 326 -14.51 30.03 5.34
CA GLU C 326 -14.80 28.97 6.23
C GLU C 326 -15.94 28.12 5.73
N ALA C 327 -16.04 26.91 6.30
CA ALA C 327 -17.19 26.00 6.05
C ALA C 327 -18.43 26.62 6.61
N SER C 328 -19.57 26.30 6.02
CA SER C 328 -20.83 26.44 6.72
C SER C 328 -21.18 25.09 7.38
N GLU C 329 -22.31 25.15 8.07
CA GLU C 329 -22.89 24.04 8.82
C GLU C 329 -23.54 22.98 7.93
N ASP C 330 -23.52 23.19 6.62
CA ASP C 330 -24.08 22.26 5.61
C ASP C 330 -23.54 20.82 5.87
N LYS C 331 -24.43 19.87 6.14
CA LYS C 331 -24.06 18.55 6.69
C LYS C 331 -23.43 17.69 5.59
N LEU C 332 -23.68 18.06 4.37
CA LEU C 332 -23.08 17.47 3.23
C LEU C 332 -21.60 17.94 3.15
N LEU C 333 -21.41 19.25 3.11
CA LEU C 333 -20.07 19.83 3.18
C LEU C 333 -19.28 19.26 4.33
N GLN C 334 -19.89 19.14 5.53
CA GLN C 334 -19.12 18.67 6.67
C GLN C 334 -18.43 17.34 6.43
N GLY C 335 -19.14 16.34 5.92
CA GLY C 335 -18.52 15.12 5.54
C GLY C 335 -17.44 15.15 4.51
N ARG C 336 -17.59 16.03 3.54
CA ARG C 336 -16.53 16.28 2.55
C ARG C 336 -15.25 16.77 3.14
N LEU C 337 -15.33 17.53 4.22
CA LEU C 337 -14.10 18.00 4.86
C LEU C 337 -13.18 16.86 5.24
N PHE C 338 -13.78 15.78 5.69
CA PHE C 338 -13.09 14.56 6.08
C PHE C 338 -12.70 13.64 4.90
N SER C 339 -13.65 13.38 4.03
CA SER C 339 -13.54 12.30 3.04
C SER C 339 -12.43 12.56 2.01
N TYR C 340 -12.19 13.83 1.63
CA TYR C 340 -11.20 14.03 0.53
C TYR C 340 -9.74 13.71 0.97
N PRO C 341 -9.24 14.41 2.02
CA PRO C 341 -7.84 14.06 2.46
C PRO C 341 -7.76 12.61 2.91
N ASP C 342 -8.87 12.08 3.41
CA ASP C 342 -8.93 10.66 3.82
C ASP C 342 -8.68 9.79 2.59
N THR C 343 -9.45 9.96 1.53
CA THR C 343 -9.31 9.13 0.33
C THR C 343 -7.95 9.34 -0.26
N GLN C 344 -7.44 10.56 -0.18
CA GLN C 344 -6.18 10.89 -0.87
C GLN C 344 -4.98 10.28 -0.20
N ARG C 345 -5.02 10.16 1.11
CA ARG C 345 -3.97 9.40 1.81
C ARG C 345 -3.89 7.98 1.31
N HIS C 346 -5.02 7.35 1.05
CA HIS C 346 -5.08 6.00 0.42
C HIS C 346 -4.64 6.00 -1.00
N ARG C 347 -5.23 6.86 -1.79
CA ARG C 347 -5.04 6.85 -3.24
C ARG C 347 -3.63 7.21 -3.65
N LEU C 348 -3.03 8.15 -2.94
CA LEU C 348 -1.79 8.83 -3.31
C LEU C 348 -0.58 8.64 -2.36
N GLY C 349 -0.85 8.26 -1.09
CA GLY C 349 0.15 8.13 -0.06
C GLY C 349 0.05 9.20 1.00
N ALA C 350 0.60 8.88 2.17
CA ALA C 350 0.57 9.77 3.33
C ALA C 350 1.14 11.14 3.03
N ASN C 351 2.17 11.16 2.16
CA ASN C 351 2.82 12.35 1.76
C ASN C 351 2.36 12.99 0.44
N TYR C 352 1.09 12.81 0.12
CA TYR C 352 0.53 13.26 -1.14
C TYR C 352 0.66 14.80 -1.30
N MET C 353 0.69 15.50 -0.17
CA MET C 353 0.83 16.94 -0.21
C MET C 353 2.19 17.42 -0.65
N ARG C 354 3.16 16.53 -0.81
CA ARG C 354 4.47 16.87 -1.35
C ARG C 354 4.56 16.64 -2.84
N ILE C 355 3.53 16.09 -3.44
CA ILE C 355 3.52 15.88 -4.88
C ILE C 355 3.43 17.23 -5.51
N PRO C 356 4.21 17.54 -6.56
CA PRO C 356 4.37 18.96 -6.97
C PRO C 356 3.10 19.77 -7.22
N VAL C 357 2.12 19.21 -7.93
CA VAL C 357 0.87 19.89 -8.20
C VAL C 357 0.12 20.20 -6.92
N ASN C 358 0.31 19.40 -5.88
CA ASN C 358 -0.39 19.62 -4.63
C ASN C 358 0.29 20.61 -3.67
N CYS C 359 1.55 20.88 -3.91
CA CYS C 359 2.33 21.73 -3.03
C CYS C 359 1.80 23.17 -3.02
N PRO C 360 1.77 23.81 -1.83
CA PRO C 360 1.51 25.27 -1.76
C PRO C 360 2.65 26.09 -2.26
N TYR C 361 2.37 27.30 -2.69
CA TYR C 361 3.42 28.29 -2.95
C TYR C 361 3.88 28.87 -1.62
N ALA C 362 2.95 29.03 -0.68
CA ALA C 362 3.26 29.52 0.67
C ALA C 362 4.09 28.51 1.43
N PRO C 363 4.94 28.99 2.33
CA PRO C 363 5.86 28.08 3.02
C PRO C 363 5.11 27.10 3.91
N VAL C 364 5.67 25.92 4.03
CA VAL C 364 5.15 24.84 4.90
C VAL C 364 6.20 24.52 5.96
N HIS C 365 5.83 24.66 7.23
CA HIS C 365 6.71 24.34 8.32
C HIS C 365 5.86 23.73 9.38
N ASN C 366 6.13 22.47 9.71
CA ASN C 366 5.48 21.86 10.85
C ASN C 366 6.26 20.67 11.37
N ASN C 367 5.69 19.96 12.34
CA ASN C 367 6.41 18.92 13.08
C ASN C 367 5.95 17.53 12.64
N GLN C 368 5.25 17.47 11.52
CA GLN C 368 4.93 16.15 10.92
C GLN C 368 6.19 15.52 10.38
N GLN C 369 6.22 14.18 10.29
CA GLN C 369 7.43 13.50 9.79
C GLN C 369 7.12 12.17 9.20
N ASP C 370 8.09 11.69 8.44
CA ASP C 370 8.18 10.27 7.97
C ASP C 370 6.98 9.93 7.08
N GLY C 371 6.54 8.71 7.08
CA GLY C 371 5.61 8.25 6.09
C GLY C 371 6.22 7.78 4.75
N PHE C 372 5.48 6.93 4.05
N PHE C 372 5.46 6.94 4.05
CA PHE C 372 5.99 6.32 2.80
CA PHE C 372 5.79 6.38 2.73
C PHE C 372 6.46 7.43 1.87
C PHE C 372 6.40 7.44 1.83
N MET C 373 7.56 7.17 1.23
CA MET C 373 8.13 8.03 0.20
C MET C 373 8.44 9.41 0.74
N THR C 374 9.28 9.46 1.78
CA THR C 374 9.83 10.67 2.27
C THR C 374 10.97 11.13 1.37
N THR C 375 10.71 12.21 0.61
CA THR C 375 11.62 12.69 -0.43
C THR C 375 12.17 14.05 -0.14
N THR C 376 11.77 14.66 0.96
CA THR C 376 12.00 16.07 1.24
C THR C 376 13.29 16.44 2.00
N ARG C 377 14.23 15.54 2.20
CA ARG C 377 15.48 15.88 3.00
C ARG C 377 15.27 16.58 4.34
N PRO C 378 14.46 16.00 5.23
CA PRO C 378 14.24 16.62 6.51
C PRO C 378 15.51 16.63 7.36
N SER C 379 15.56 17.50 8.35
CA SER C 379 16.72 17.67 9.21
C SER C 379 16.24 18.26 10.52
N GLY C 380 17.11 18.23 11.55
CA GLY C 380 16.83 18.89 12.81
C GLY C 380 16.36 17.86 13.88
N HIS C 381 16.52 18.26 15.13
CA HIS C 381 16.28 17.44 16.29
C HIS C 381 14.88 17.69 16.83
N ILE C 382 14.24 18.77 16.40
CA ILE C 382 13.05 19.28 17.12
C ILE C 382 11.78 19.08 16.25
N ASN C 383 10.97 18.09 16.63
CA ASN C 383 9.79 17.74 15.92
C ASN C 383 8.55 17.74 16.81
N TYR C 384 8.61 18.58 17.82
CA TYR C 384 7.56 18.66 18.85
C TYR C 384 7.40 20.09 19.31
N GLU C 385 6.17 20.41 19.70
CA GLU C 385 5.85 21.81 20.21
C GLU C 385 4.83 21.57 21.32
N PRO C 386 5.03 22.19 22.52
CA PRO C 386 5.94 23.33 22.78
C PRO C 386 7.34 22.89 22.97
N ASN C 387 8.24 23.77 22.68
CA ASN C 387 9.65 23.54 22.82
C ASN C 387 10.27 24.86 23.22
N ARG C 388 11.51 24.79 23.66
CA ARG C 388 12.17 25.96 24.22
C ARG C 388 12.85 26.85 23.20
N TYR C 389 12.74 26.53 21.91
CA TYR C 389 13.53 27.17 20.86
C TYR C 389 12.75 28.24 20.11
N ASP C 390 13.22 29.48 20.18
CA ASP C 390 12.41 30.58 19.69
C ASP C 390 12.31 30.64 18.17
N ASP C 391 13.30 30.06 17.51
CA ASP C 391 13.38 30.00 16.06
C ASP C 391 12.58 28.85 15.44
N GLN C 392 12.05 27.93 16.25
CA GLN C 392 11.26 26.84 15.69
C GLN C 392 9.87 27.38 15.38
N PRO C 393 9.16 26.77 14.43
CA PRO C 393 7.80 27.19 14.14
C PRO C 393 6.86 27.28 15.33
N LYS C 394 6.10 28.40 15.41
CA LYS C 394 5.08 28.62 16.44
C LYS C 394 3.74 28.90 15.86
N GLU C 395 2.72 28.64 16.64
CA GLU C 395 1.36 29.10 16.27
C GLU C 395 1.34 30.63 16.14
N ASN C 396 0.37 31.14 15.37
CA ASN C 396 0.27 32.53 15.12
C ASN C 396 -1.18 32.99 15.31
N PRO C 397 -1.46 33.67 16.45
CA PRO C 397 -2.85 33.97 16.78
C PRO C 397 -3.57 34.91 15.81
N HIS C 398 -2.82 35.64 14.99
CA HIS C 398 -3.44 36.47 13.95
C HIS C 398 -4.28 35.61 12.96
N TYR C 399 -4.05 34.29 12.96
CA TYR C 399 -4.71 33.46 11.98
C TYR C 399 -5.75 32.53 12.56
N LYS C 400 -6.37 32.90 13.66
CA LYS C 400 -7.41 32.06 14.23
C LYS C 400 -8.67 32.13 13.38
N GLU C 401 -9.42 31.03 13.32
CA GLU C 401 -10.68 31.06 12.57
C GLU C 401 -11.78 31.68 13.44
N SER C 402 -12.91 31.98 12.84
CA SER C 402 -14.05 32.49 13.57
C SER C 402 -14.63 31.45 14.53
N GLU C 403 -15.55 31.88 15.39
CA GLU C 403 -16.22 31.01 16.35
C GLU C 403 -17.70 30.99 16.09
N PRO C 404 -18.15 30.21 15.11
CA PRO C 404 -19.59 30.23 14.81
C PRO C 404 -20.49 29.94 16.05
N VAL C 405 -21.61 30.65 16.14
CA VAL C 405 -22.60 30.39 17.15
C VAL C 405 -23.34 29.11 16.84
N LEU C 406 -23.60 28.34 17.88
CA LEU C 406 -24.33 27.08 17.78
C LEU C 406 -25.75 27.30 18.26
N HIS C 407 -26.71 26.88 17.47
CA HIS C 407 -28.09 27.02 17.84
C HIS C 407 -28.61 25.77 18.57
N GLY C 408 -28.08 24.61 18.24
CA GLY C 408 -28.37 23.38 18.97
C GLY C 408 -27.91 23.27 20.43
N ASP C 409 -28.74 22.57 21.18
CA ASP C 409 -28.65 22.26 22.60
C ASP C 409 -27.90 20.96 22.87
N ARG C 410 -28.01 20.06 21.89
CA ARG C 410 -27.72 18.65 22.08
C ARG C 410 -27.04 18.03 20.82
N MET C 411 -26.28 16.96 21.06
CA MET C 411 -25.70 16.10 19.98
C MET C 411 -26.85 15.26 19.46
N VAL C 412 -27.30 15.54 18.25
CA VAL C 412 -28.47 14.86 17.69
C VAL C 412 -28.19 14.29 16.27
N ARG C 413 -28.97 13.29 15.89
CA ARG C 413 -29.08 12.88 14.52
C ARG C 413 -30.46 13.12 14.06
N GLN C 414 -30.65 14.23 13.34
CA GLN C 414 -31.98 14.75 13.08
C GLN C 414 -31.94 15.51 11.74
N LYS C 415 -32.95 15.28 10.89
CA LYS C 415 -33.04 16.03 9.65
C LYS C 415 -33.14 17.51 9.95
N ILE C 416 -32.58 18.33 9.08
CA ILE C 416 -32.87 19.81 9.16
C ILE C 416 -34.37 20.12 9.15
N GLU C 417 -34.69 21.17 9.86
CA GLU C 417 -36.00 21.80 9.71
C GLU C 417 -36.13 22.45 8.34
N LYS C 418 -37.35 22.63 7.91
CA LYS C 418 -37.70 23.21 6.59
C LYS C 418 -37.02 22.50 5.39
N PRO C 419 -37.20 21.22 5.30
CA PRO C 419 -36.56 20.48 4.18
C PRO C 419 -37.13 20.98 2.84
N ASN C 420 -38.44 21.24 2.81
CA ASN C 420 -39.05 21.78 1.59
C ASN C 420 -38.53 21.14 0.29
N ASP C 421 -38.78 19.86 0.14
CA ASP C 421 -38.13 19.10 -0.89
C ASP C 421 -38.63 19.41 -2.33
N PHE C 422 -39.79 20.07 -2.51
CA PHE C 422 -40.39 20.10 -3.83
C PHE C 422 -40.54 21.45 -4.44
N LYS C 423 -40.49 22.50 -3.62
CA LYS C 423 -40.83 23.83 -4.11
C LYS C 423 -39.89 24.37 -5.14
N GLN C 424 -38.57 24.29 -4.89
CA GLN C 424 -37.65 24.84 -5.84
C GLN C 424 -37.64 24.05 -7.15
N ALA C 425 -37.83 22.74 -7.06
CA ALA C 425 -37.87 21.91 -8.27
C ALA C 425 -39.01 22.45 -9.17
N GLY C 426 -40.12 22.77 -8.56
CA GLY C 426 -41.25 23.36 -9.30
C GLY C 426 -40.93 24.74 -9.90
N GLU C 427 -40.23 25.57 -9.13
CA GLU C 427 -39.80 26.83 -9.63
C GLU C 427 -38.91 26.67 -10.81
N LYS C 428 -37.95 25.75 -10.70
CA LYS C 428 -37.03 25.50 -11.86
C LYS C 428 -37.79 25.07 -13.07
N TYR C 429 -38.73 24.18 -12.88
CA TYR C 429 -39.48 23.63 -13.98
C TYR C 429 -40.20 24.77 -14.67
N ARG C 430 -40.90 25.62 -13.89
CA ARG C 430 -41.66 26.69 -14.47
C ARG C 430 -40.74 27.72 -15.17
N SER C 431 -39.45 27.76 -14.82
CA SER C 431 -38.53 28.74 -15.38
C SER C 431 -38.06 28.30 -16.78
N TYR C 432 -38.17 27.00 -17.05
CA TYR C 432 -37.79 26.42 -18.33
C TYR C 432 -38.69 26.94 -19.47
N SER C 433 -38.08 27.21 -20.63
CA SER C 433 -38.79 27.46 -21.85
C SER C 433 -39.56 26.22 -22.23
N GLU C 434 -40.50 26.37 -23.11
CA GLU C 434 -41.26 25.21 -23.57
C GLU C 434 -40.34 24.15 -24.18
N GLU C 435 -39.39 24.58 -25.01
CA GLU C 435 -38.42 23.61 -25.57
C GLU C 435 -37.67 22.87 -24.46
N GLU C 436 -37.22 23.59 -23.44
CA GLU C 436 -36.49 23.00 -22.35
C GLU C 436 -37.35 22.07 -21.53
N LYS C 437 -38.63 22.39 -21.34
CA LYS C 437 -39.54 21.44 -20.66
C LYS C 437 -39.76 20.19 -21.49
N GLN C 438 -39.87 20.33 -22.80
CA GLN C 438 -39.90 19.12 -23.63
C GLN C 438 -38.67 18.26 -23.50
N ALA C 439 -37.50 18.87 -23.50
CA ALA C 439 -36.26 18.08 -23.39
C ALA C 439 -36.22 17.32 -22.07
N LEU C 440 -36.61 18.00 -21.01
CA LEU C 440 -36.60 17.42 -19.69
C LEU C 440 -37.46 16.17 -19.69
N ILE C 441 -38.71 16.34 -20.13
CA ILE C 441 -39.62 15.26 -20.06
C ILE C 441 -39.14 14.09 -20.93
N LYS C 442 -38.58 14.40 -22.09
CA LYS C 442 -38.06 13.40 -22.99
C LYS C 442 -36.95 12.61 -22.33
N ASN C 443 -36.07 13.37 -21.68
CA ASN C 443 -34.84 12.68 -21.07
C ASN C 443 -35.26 11.86 -19.86
N LEU C 444 -36.21 12.38 -19.05
CA LEU C 444 -36.73 11.63 -17.92
C LEU C 444 -37.45 10.34 -18.39
N THR C 445 -38.23 10.47 -19.45
CA THR C 445 -39.02 9.40 -19.95
C THR C 445 -38.12 8.26 -20.42
N ALA C 446 -37.08 8.59 -21.17
CA ALA C 446 -36.18 7.53 -21.67
C ALA C 446 -35.47 6.78 -20.51
N ASP C 447 -35.22 7.50 -19.41
CA ASP C 447 -34.58 6.93 -18.21
C ASP C 447 -35.48 6.11 -17.38
N LEU C 448 -36.76 6.53 -17.30
CA LEU C 448 -37.70 5.85 -16.38
C LEU C 448 -38.49 4.69 -17.02
N LYS C 449 -38.57 4.68 -18.32
CA LYS C 449 -39.57 3.82 -18.98
C LYS C 449 -39.39 2.32 -18.61
N GLY C 450 -38.18 1.89 -18.31
CA GLY C 450 -37.93 0.49 -17.98
C GLY C 450 -37.85 0.16 -16.50
N VAL C 451 -38.08 1.15 -15.63
CA VAL C 451 -37.92 0.97 -14.21
C VAL C 451 -39.13 0.28 -13.63
N ASN C 452 -38.94 -0.37 -12.50
CA ASN C 452 -40.02 -0.98 -11.66
C ASN C 452 -41.23 -0.06 -11.59
N GLU C 453 -42.45 -0.59 -11.78
CA GLU C 453 -43.62 0.24 -11.82
C GLU C 453 -43.83 1.07 -10.56
N LYS C 454 -43.59 0.47 -9.39
CA LYS C 454 -43.83 1.20 -8.13
C LYS C 454 -42.84 2.39 -7.99
N THR C 455 -41.59 2.16 -8.36
CA THR C 455 -40.60 3.22 -8.38
C THR C 455 -40.92 4.28 -9.39
N LYS C 456 -41.33 3.84 -10.58
CA LYS C 456 -41.79 4.76 -11.63
C LYS C 456 -42.91 5.72 -11.16
N LEU C 457 -43.91 5.17 -10.48
CA LEU C 457 -45.01 5.96 -9.96
C LEU C 457 -44.54 6.92 -8.87
N LEU C 458 -43.64 6.48 -8.02
CA LEU C 458 -43.09 7.35 -7.00
C LEU C 458 -42.28 8.51 -7.59
N ALA C 459 -41.49 8.27 -8.62
CA ALA C 459 -40.85 9.37 -9.34
C ALA C 459 -41.88 10.36 -9.85
N ILE C 460 -42.90 9.85 -10.52
CA ILE C 460 -43.93 10.74 -11.07
C ILE C 460 -44.55 11.62 -9.95
N CYS C 461 -44.91 10.98 -8.85
CA CYS C 461 -45.48 11.67 -7.69
CA CYS C 461 -45.47 11.67 -7.67
C CYS C 461 -44.55 12.75 -7.15
N ASN C 462 -43.22 12.47 -7.09
CA ASN C 462 -42.31 13.50 -6.58
C ASN C 462 -42.31 14.70 -7.53
N PHE C 463 -42.27 14.45 -8.83
CA PHE C 463 -42.25 15.56 -9.76
C PHE C 463 -43.61 16.27 -9.76
N TYR C 464 -44.68 15.52 -9.57
CA TYR C 464 -46.06 16.13 -9.49
C TYR C 464 -46.19 17.07 -8.32
N ARG C 465 -45.62 16.66 -7.19
CA ARG C 465 -45.48 17.55 -6.03
C ARG C 465 -44.66 18.79 -6.26
N ALA C 466 -43.61 18.72 -7.09
CA ALA C 466 -42.87 19.90 -7.52
C ALA C 466 -43.77 20.83 -8.35
N ASP C 467 -44.40 20.27 -9.37
CA ASP C 467 -45.33 21.04 -10.19
C ASP C 467 -46.33 20.04 -10.87
N GLU C 468 -47.63 20.31 -10.77
CA GLU C 468 -48.63 19.44 -11.36
C GLU C 468 -48.45 19.18 -12.83
N ASP C 469 -48.09 20.22 -13.59
CA ASP C 469 -47.96 20.16 -15.02
C ASP C 469 -46.71 19.32 -15.38
N TYR C 470 -45.68 19.57 -14.63
CA TYR C 470 -44.44 18.71 -14.71
C TYR C 470 -44.74 17.20 -14.54
N GLY C 471 -45.38 16.85 -13.42
CA GLY C 471 -45.74 15.49 -13.12
C GLY C 471 -46.74 14.90 -14.09
N GLN C 472 -47.73 15.69 -14.46
CA GLN C 472 -48.73 15.18 -15.42
C GLN C 472 -48.06 14.88 -16.78
N ARG C 473 -47.25 15.80 -17.27
CA ARG C 473 -46.55 15.57 -18.60
C ARG C 473 -45.69 14.33 -18.56
N LEU C 474 -45.01 14.13 -17.46
CA LEU C 474 -44.15 12.94 -17.31
C LEU C 474 -45.00 11.65 -17.32
N ALA C 475 -46.09 11.69 -16.55
CA ALA C 475 -47.04 10.60 -16.55
C ALA C 475 -47.59 10.33 -17.94
N ASP C 476 -47.99 11.38 -18.68
CA ASP C 476 -48.57 11.22 -20.04
C ASP C 476 -47.51 10.56 -20.93
N SER C 477 -46.29 11.07 -20.83
CA SER C 477 -45.20 10.60 -21.69
C SER C 477 -44.86 9.11 -21.37
N LEU C 478 -44.98 8.73 -20.09
CA LEU C 478 -44.73 7.34 -19.66
C LEU C 478 -45.96 6.40 -19.79
N GLY C 479 -47.12 6.92 -20.23
CA GLY C 479 -48.29 6.08 -20.36
C GLY C 479 -48.89 5.69 -19.02
N VAL C 480 -48.63 6.46 -17.96
CA VAL C 480 -49.11 6.13 -16.64
C VAL C 480 -50.32 7.03 -16.36
N ASP C 481 -51.46 6.43 -16.01
CA ASP C 481 -52.64 7.23 -15.60
C ASP C 481 -52.56 7.50 -14.11
N ILE C 482 -52.42 8.75 -13.72
CA ILE C 482 -52.37 9.10 -12.30
C ILE C 482 -53.65 9.73 -11.76
N ARG C 483 -54.75 9.68 -12.52
CA ARG C 483 -56.01 10.30 -12.10
C ARG C 483 -56.55 9.77 -10.76
N SER C 484 -56.45 8.47 -10.52
CA SER C 484 -56.88 7.90 -9.21
C SER C 484 -56.14 8.47 -7.95
N TYR C 485 -54.97 9.07 -8.17
CA TYR C 485 -54.30 9.96 -7.20
C TYR C 485 -54.26 11.43 -7.64
N HIS D 6 0.78 -37.05 7.00
CA HIS D 6 1.69 -36.85 5.81
C HIS D 6 1.12 -35.92 4.73
N LYS D 7 1.95 -34.98 4.27
CA LYS D 7 1.52 -33.85 3.45
C LYS D 7 2.59 -33.48 2.42
N ASN D 8 2.16 -33.06 1.22
CA ASN D 8 3.07 -32.47 0.24
C ASN D 8 3.30 -31.04 0.54
N LEU D 9 4.55 -30.62 0.47
CA LEU D 9 4.82 -29.18 0.26
C LEU D 9 4.31 -28.75 -1.13
N THR D 10 3.61 -27.62 -1.22
CA THR D 10 3.02 -27.16 -2.46
C THR D 10 3.39 -25.71 -2.68
N THR D 11 3.24 -25.27 -3.91
CA THR D 11 3.13 -23.82 -4.19
C THR D 11 1.76 -23.27 -3.76
N ASN D 12 1.58 -21.96 -3.85
CA ASN D 12 0.28 -21.38 -3.56
C ASN D 12 -0.79 -21.70 -4.63
N GLN D 13 -0.36 -22.22 -5.79
CA GLN D 13 -1.23 -22.72 -6.80
C GLN D 13 -1.71 -24.14 -6.53
N GLY D 14 -1.15 -24.79 -5.49
CA GLY D 14 -1.52 -26.17 -5.08
C GLY D 14 -0.78 -27.23 -5.88
N VAL D 15 0.29 -26.84 -6.55
CA VAL D 15 1.16 -27.78 -7.26
C VAL D 15 2.18 -28.32 -6.26
N PRO D 16 2.29 -29.69 -6.16
CA PRO D 16 3.32 -30.23 -5.29
C PRO D 16 4.71 -29.84 -5.73
N VAL D 17 5.53 -29.50 -4.78
CA VAL D 17 6.92 -29.10 -4.98
C VAL D 17 7.83 -30.36 -5.05
N GLY D 18 8.55 -30.50 -6.15
CA GLY D 18 9.48 -31.61 -6.32
C GLY D 18 10.79 -31.52 -5.62
N ASP D 19 11.26 -30.30 -5.44
CA ASP D 19 12.57 -30.08 -4.83
C ASP D 19 12.53 -28.76 -4.11
N ASN D 20 12.59 -28.82 -2.77
CA ASN D 20 12.60 -27.59 -1.95
C ASN D 20 13.99 -27.21 -1.49
N GLN D 21 15.01 -27.78 -2.13
CA GLN D 21 16.38 -27.52 -1.75
C GLN D 21 17.16 -26.68 -2.79
N ASN D 22 17.01 -26.99 -4.08
CA ASN D 22 17.83 -26.42 -5.13
C ASN D 22 17.06 -25.51 -6.04
N SER D 23 17.67 -24.37 -6.32
CA SER D 23 17.24 -23.50 -7.39
C SER D 23 17.44 -24.17 -8.74
N ARG D 24 16.74 -23.67 -9.74
CA ARG D 24 16.89 -24.17 -11.09
C ARG D 24 17.96 -23.40 -11.81
N THR D 25 18.96 -24.13 -12.30
CA THR D 25 20.24 -23.53 -12.74
C THR D 25 20.77 -24.20 -14.02
N ALA D 26 21.73 -23.52 -14.66
CA ALA D 26 22.39 -24.06 -15.85
C ALA D 26 23.43 -25.07 -15.38
N GLY D 27 23.02 -26.34 -15.33
CA GLY D 27 23.83 -27.40 -14.72
C GLY D 27 23.93 -27.20 -13.22
N HIS D 28 24.71 -28.05 -12.57
CA HIS D 28 24.78 -28.09 -11.15
C HIS D 28 25.50 -26.89 -10.54
N ARG D 29 26.31 -26.15 -11.31
CA ARG D 29 27.01 -25.01 -10.71
C ARG D 29 26.76 -23.66 -11.38
N GLY D 30 25.75 -23.58 -12.24
CA GLY D 30 25.67 -22.44 -13.18
C GLY D 30 24.70 -21.43 -12.56
N PRO D 31 24.50 -20.34 -13.27
CA PRO D 31 23.54 -19.30 -12.82
C PRO D 31 22.09 -19.78 -12.87
N SER D 32 21.23 -19.00 -12.23
CA SER D 32 19.86 -19.38 -12.05
C SER D 32 18.94 -18.92 -13.15
N PHE D 33 17.89 -19.71 -13.37
CA PHE D 33 16.93 -19.39 -14.36
C PHE D 33 15.75 -18.58 -13.79
N LEU D 34 15.25 -17.69 -14.62
CA LEU D 34 14.01 -16.99 -14.30
C LEU D 34 12.80 -17.96 -14.16
N ASP D 35 12.71 -18.97 -15.01
CA ASP D 35 11.59 -19.92 -14.95
C ASP D 35 11.79 -20.89 -13.77
N ASP D 36 11.69 -20.37 -12.57
CA ASP D 36 11.70 -21.17 -11.35
C ASP D 36 10.58 -20.58 -10.46
N TYR D 37 9.35 -21.03 -10.69
CA TYR D 37 8.20 -20.37 -10.11
C TYR D 37 8.22 -20.56 -8.63
N HIS D 38 8.62 -21.77 -8.18
CA HIS D 38 8.69 -22.03 -6.75
C HIS D 38 9.69 -21.10 -6.04
N LEU D 39 10.86 -20.92 -6.59
CA LEU D 39 11.84 -19.96 -6.02
C LEU D 39 11.25 -18.52 -5.89
N ILE D 40 10.74 -18.02 -7.02
CA ILE D 40 10.29 -16.66 -7.07
C ILE D 40 9.08 -16.48 -6.14
N GLU D 41 8.13 -17.42 -6.18
CA GLU D 41 6.98 -17.29 -5.32
C GLU D 41 7.35 -17.29 -3.85
N LYS D 42 8.22 -18.23 -3.46
CA LYS D 42 8.68 -18.35 -2.11
C LYS D 42 9.47 -17.14 -1.65
N LEU D 43 10.39 -16.61 -2.49
CA LEU D 43 11.16 -15.42 -2.09
C LEU D 43 10.24 -14.14 -2.06
N ALA D 44 9.36 -14.03 -3.04
CA ALA D 44 8.51 -12.86 -3.14
C ALA D 44 7.61 -12.81 -1.93
N HIS D 45 7.08 -13.93 -1.44
CA HIS D 45 6.24 -13.82 -0.25
C HIS D 45 7.04 -13.48 0.95
N PHE D 46 8.18 -14.17 1.14
CA PHE D 46 9.13 -13.81 2.13
C PHE D 46 9.41 -12.32 2.17
N ASP D 47 9.62 -11.72 0.99
CA ASP D 47 10.00 -10.33 0.83
C ASP D 47 8.89 -9.38 1.29
N ARG D 48 7.68 -9.92 1.44
CA ARG D 48 6.44 -9.13 1.76
C ARG D 48 5.83 -9.55 3.11
N GLU D 49 6.58 -10.24 3.95
CA GLU D 49 6.01 -10.67 5.27
C GLU D 49 5.67 -9.52 6.18
N ARG D 50 6.43 -8.45 6.14
CA ARG D 50 6.33 -7.40 7.17
C ARG D 50 5.31 -6.30 6.83
N ILE D 51 4.54 -5.90 7.84
CA ILE D 51 3.65 -4.75 7.77
C ILE D 51 4.18 -3.68 8.75
N PRO D 52 3.74 -2.42 8.61
CA PRO D 52 4.14 -1.41 9.59
C PRO D 52 3.78 -1.80 11.01
N GLU D 53 4.66 -1.50 11.97
CA GLU D 53 4.36 -1.76 13.39
C GLU D 53 3.43 -0.65 13.81
N ARG D 54 2.78 -0.84 14.93
CA ARG D 54 2.02 0.23 15.56
C ARG D 54 2.86 1.46 15.80
N VAL D 55 2.27 2.62 15.49
CA VAL D 55 2.97 3.91 15.73
C VAL D 55 3.43 4.15 17.16
N VAL D 56 2.59 3.76 18.15
CA VAL D 56 2.96 3.59 19.53
C VAL D 56 2.47 2.18 20.02
N HIS D 57 3.03 1.69 21.13
CA HIS D 57 2.73 0.35 21.69
C HIS D 57 3.06 -0.74 20.72
N ALA D 58 4.16 -0.55 20.02
CA ALA D 58 4.61 -1.53 19.01
C ALA D 58 4.99 -2.91 19.63
N ARG D 59 5.61 -2.88 20.77
CA ARG D 59 6.05 -4.10 21.51
C ARG D 59 4.94 -4.60 22.42
N GLY D 60 4.47 -5.81 22.18
CA GLY D 60 3.38 -6.33 23.01
C GLY D 60 3.12 -7.81 22.90
N ALA D 61 2.18 -8.28 23.69
CA ALA D 61 1.84 -9.69 23.74
C ALA D 61 0.36 -9.81 24.02
N GLY D 62 -0.21 -10.86 23.45
CA GLY D 62 -1.62 -11.13 23.54
C GLY D 62 -2.05 -12.46 24.12
N ALA D 63 -3.29 -12.47 24.57
CA ALA D 63 -3.89 -13.73 25.08
C ALA D 63 -5.41 -13.65 25.05
N TYR D 64 -6.08 -14.79 24.93
CA TYR D 64 -7.53 -14.85 24.99
C TYR D 64 -7.98 -15.25 26.36
N GLY D 65 -9.24 -14.98 26.67
CA GLY D 65 -9.79 -15.46 27.90
C GLY D 65 -11.29 -15.20 27.97
N VAL D 66 -11.78 -15.02 29.20
CA VAL D 66 -13.21 -14.93 29.42
C VAL D 66 -13.44 -13.88 30.51
N PHE D 67 -14.50 -13.13 30.33
CA PHE D 67 -14.98 -12.16 31.33
C PHE D 67 -16.29 -12.58 31.87
N GLU D 68 -16.39 -12.62 33.18
CA GLU D 68 -17.64 -13.14 33.78
C GLU D 68 -18.19 -12.11 34.76
N VAL D 69 -19.48 -11.82 34.61
CA VAL D 69 -20.15 -10.79 35.42
C VAL D 69 -20.45 -11.37 36.80
N GLU D 70 -20.04 -10.65 37.84
CA GLU D 70 -20.44 -11.00 39.21
C GLU D 70 -21.70 -10.21 39.63
N ASN D 71 -21.73 -8.92 39.33
CA ASN D 71 -22.86 -8.01 39.70
C ASN D 71 -23.40 -7.34 38.46
N SER D 72 -24.62 -7.66 38.06
CA SER D 72 -25.21 -7.04 36.86
C SER D 72 -25.24 -5.51 37.02
N MET D 73 -25.04 -4.78 35.93
CA MET D 73 -24.92 -3.37 35.95
C MET D 73 -26.11 -2.67 35.26
N GLU D 74 -27.22 -3.39 35.06
CA GLU D 74 -28.35 -2.88 34.27
C GLU D 74 -28.99 -1.61 34.84
N LYS D 75 -28.81 -1.37 36.13
CA LYS D 75 -29.31 -0.13 36.71
CA LYS D 75 -29.32 -0.11 36.67
C LYS D 75 -28.57 1.09 36.14
N HIS D 76 -27.34 0.89 35.65
CA HIS D 76 -26.51 2.01 35.23
C HIS D 76 -26.19 2.02 33.74
N THR D 77 -26.21 0.85 33.11
CA THR D 77 -25.91 0.75 31.69
C THR D 77 -26.72 -0.36 31.08
N ARG D 78 -27.18 -0.14 29.85
CA ARG D 78 -27.87 -1.17 29.10
C ARG D 78 -26.92 -2.13 28.37
N ALA D 79 -25.62 -2.02 28.63
CA ALA D 79 -24.65 -2.85 27.93
C ALA D 79 -24.99 -4.35 28.09
N ALA D 80 -25.13 -5.04 26.96
CA ALA D 80 -25.65 -6.41 26.99
C ALA D 80 -24.74 -7.30 27.78
N PHE D 81 -23.42 -7.14 27.59
CA PHE D 81 -22.50 -8.07 28.22
C PHE D 81 -22.43 -7.92 29.75
N LEU D 82 -23.01 -6.86 30.29
CA LEU D 82 -23.03 -6.60 31.75
C LEU D 82 -24.44 -6.77 32.39
N SER D 83 -25.36 -7.41 31.66
CA SER D 83 -26.78 -7.36 32.02
C SER D 83 -27.21 -8.40 33.09
N GLU D 84 -26.46 -9.47 33.29
CA GLU D 84 -26.88 -10.62 34.13
C GLU D 84 -25.67 -11.15 34.90
N GLU D 85 -25.87 -11.45 36.21
CA GLU D 85 -24.91 -12.29 36.95
C GLU D 85 -24.57 -13.55 36.19
N GLY D 86 -23.28 -13.88 36.13
CA GLY D 86 -22.82 -15.12 35.50
C GLY D 86 -22.55 -15.06 33.99
N LYS D 87 -22.91 -13.96 33.35
CA LYS D 87 -22.85 -13.89 31.91
C LYS D 87 -21.41 -13.79 31.50
N GLN D 88 -21.02 -14.66 30.58
CA GLN D 88 -19.62 -14.81 30.19
C GLN D 88 -19.47 -14.28 28.77
N THR D 89 -18.38 -13.52 28.57
CA THR D 89 -18.04 -12.89 27.27
C THR D 89 -16.59 -13.22 26.96
N ASP D 90 -16.33 -13.79 25.79
CA ASP D 90 -14.94 -14.04 25.37
C ASP D 90 -14.22 -12.70 25.20
N VAL D 91 -12.93 -12.68 25.51
CA VAL D 91 -12.11 -11.53 25.31
C VAL D 91 -10.81 -11.90 24.58
N PHE D 92 -10.25 -10.89 23.93
CA PHE D 92 -8.83 -10.89 23.48
C PHE D 92 -8.12 -9.67 24.07
N VAL D 93 -6.97 -9.88 24.67
CA VAL D 93 -6.26 -8.83 25.35
C VAL D 93 -4.86 -8.71 24.84
N ARG D 94 -4.41 -7.48 24.59
CA ARG D 94 -3.03 -7.22 24.31
C ARG D 94 -2.47 -6.32 25.33
N PHE D 95 -1.29 -6.67 25.79
CA PHE D 95 -0.46 -5.83 26.68
C PHE D 95 0.78 -5.34 25.96
N SER D 96 1.34 -4.20 26.40
CA SER D 96 2.35 -3.56 25.65
C SER D 96 3.14 -2.56 26.44
N THR D 97 4.31 -2.22 25.92
CA THR D 97 4.97 -0.99 26.27
C THR D 97 4.46 0.11 25.33
N VAL D 98 5.11 1.30 25.32
CA VAL D 98 4.62 2.42 24.55
C VAL D 98 5.55 2.97 23.45
N ILE D 99 6.78 3.38 23.81
CA ILE D 99 7.53 4.29 22.97
C ILE D 99 8.40 3.52 21.97
N HIS D 100 9.13 2.51 22.42
CA HIS D 100 10.17 1.92 21.53
C HIS D 100 9.59 0.91 20.56
N PRO D 101 10.37 0.56 19.53
CA PRO D 101 9.79 -0.35 18.49
C PRO D 101 9.55 -1.78 18.90
N LYS D 102 9.04 -2.55 17.95
N LYS D 102 8.95 -2.57 18.00
CA LYS D 102 8.66 -3.97 18.14
CA LYS D 102 9.01 -4.06 18.09
C LYS D 102 9.57 -4.85 18.94
C LYS D 102 10.45 -4.42 18.39
N GLY D 103 10.88 -4.76 18.72
N GLY D 103 10.65 -5.51 19.12
CA GLY D 103 11.80 -5.73 19.38
CA GLY D 103 11.98 -5.95 19.47
C GLY D 103 12.53 -5.19 20.61
C GLY D 103 12.59 -5.21 20.65
N SER D 104 12.01 -4.09 21.10
CA SER D 104 12.57 -3.36 22.23
C SER D 104 12.35 -4.05 23.58
N PRO D 105 13.20 -3.72 24.55
CA PRO D 105 13.07 -4.48 25.82
C PRO D 105 11.79 -4.18 26.57
N GLU D 106 11.32 -5.15 27.37
CA GLU D 106 10.13 -4.94 28.18
C GLU D 106 10.49 -4.48 29.64
N THR D 107 11.79 -4.14 29.85
CA THR D 107 12.34 -3.61 31.12
C THR D 107 12.42 -2.04 31.20
N LEU D 108 11.96 -1.34 30.15
CA LEU D 108 12.10 0.09 30.06
C LEU D 108 10.94 0.73 30.84
N ARG D 109 11.17 1.92 31.37
CA ARG D 109 10.12 2.77 31.94
C ARG D 109 9.13 3.22 30.84
N ASP D 110 7.85 3.09 31.13
CA ASP D 110 6.78 3.42 30.19
C ASP D 110 5.46 3.06 30.87
N PRO D 111 4.37 3.74 30.53
CA PRO D 111 3.09 3.13 30.77
C PRO D 111 3.04 1.80 30.09
N ARG D 112 2.18 0.94 30.56
CA ARG D 112 1.89 -0.26 29.84
C ARG D 112 0.50 -0.26 29.32
N GLY D 113 0.34 -0.70 28.08
CA GLY D 113 -0.95 -0.89 27.48
C GLY D 113 -1.68 -2.10 28.03
N PHE D 114 -3.01 -1.95 28.10
CA PHE D 114 -3.89 -2.99 28.67
C PHE D 114 -5.18 -2.85 27.83
N ALA D 115 -5.21 -3.52 26.70
CA ALA D 115 -6.25 -3.38 25.70
C ALA D 115 -7.12 -4.59 25.69
N VAL D 116 -8.42 -4.44 25.99
CA VAL D 116 -9.38 -5.53 26.12
C VAL D 116 -10.44 -5.47 25.07
N LYS D 117 -10.56 -6.51 24.22
CA LYS D 117 -11.66 -6.61 23.27
C LYS D 117 -12.66 -7.65 23.76
N PHE D 118 -13.90 -7.24 23.96
CA PHE D 118 -15.00 -8.08 24.44
C PHE D 118 -15.90 -8.41 23.24
N TYR D 119 -16.06 -9.68 22.95
CA TYR D 119 -16.87 -10.11 21.82
C TYR D 119 -18.34 -10.27 22.22
N THR D 120 -19.05 -9.15 22.28
CA THR D 120 -20.38 -9.18 22.91
C THR D 120 -21.48 -9.49 21.89
N GLU D 121 -22.68 -9.75 22.40
CA GLU D 121 -23.80 -10.09 21.53
C GLU D 121 -24.35 -8.87 20.79
N GLU D 122 -23.95 -7.65 21.18
CA GLU D 122 -24.31 -6.45 20.46
C GLU D 122 -23.14 -5.73 19.83
N GLY D 123 -22.06 -6.48 19.58
CA GLY D 123 -20.91 -5.98 18.85
C GLY D 123 -19.65 -6.12 19.70
N ASN D 124 -18.49 -5.87 19.07
CA ASN D 124 -17.26 -5.83 19.81
C ASN D 124 -17.15 -4.49 20.58
N TYR D 125 -16.73 -4.60 21.83
CA TYR D 125 -16.44 -3.51 22.72
C TYR D 125 -14.98 -3.54 23.08
N ASP D 126 -14.26 -2.49 22.77
CA ASP D 126 -12.86 -2.39 23.06
C ASP D 126 -12.69 -1.39 24.21
N LEU D 127 -12.09 -1.84 25.29
CA LEU D 127 -11.64 -0.94 26.35
C LEU D 127 -10.17 -0.85 26.27
N VAL D 128 -9.71 0.27 25.75
CA VAL D 128 -8.27 0.45 25.40
C VAL D 128 -7.57 1.22 26.51
N GLY D 129 -7.11 0.47 27.54
CA GLY D 129 -6.56 1.08 28.72
C GLY D 129 -5.05 1.05 28.79
N ASN D 130 -4.56 1.61 29.89
CA ASN D 130 -3.16 1.47 30.28
C ASN D 130 -3.15 0.99 31.74
N ASN D 131 -1.98 0.66 32.26
CA ASN D 131 -1.90 0.37 33.69
C ASN D 131 -2.13 1.56 34.59
N LEU D 132 -1.51 2.70 34.22
CA LEU D 132 -1.65 3.96 34.98
C LEU D 132 -2.97 4.67 34.65
N PRO D 133 -3.58 5.34 35.65
CA PRO D 133 -5.03 5.73 35.50
C PRO D 133 -5.26 7.16 34.96
N ILE D 134 -4.16 7.86 34.67
CA ILE D 134 -4.18 9.21 34.14
CA ILE D 134 -4.19 9.20 34.14
C ILE D 134 -3.25 9.33 32.96
N PHE D 135 -3.19 10.51 32.33
CA PHE D 135 -2.34 10.68 31.18
C PHE D 135 -1.54 11.98 31.27
N PHE D 136 -0.58 12.15 30.37
CA PHE D 136 0.32 13.32 30.39
C PHE D 136 -0.37 14.59 29.93
N ILE D 137 -1.39 14.46 29.10
CA ILE D 137 -1.96 15.54 28.29
C ILE D 137 -3.45 15.36 28.32
N ARG D 138 -4.20 16.41 27.95
CA ARG D 138 -5.69 16.38 27.97
C ARG D 138 -6.37 16.75 26.65
N ASP D 139 -5.61 16.93 25.59
CA ASP D 139 -6.13 17.24 24.32
C ASP D 139 -5.34 16.47 23.22
N ALA D 140 -6.06 15.79 22.35
CA ALA D 140 -5.45 14.96 21.33
C ALA D 140 -4.60 15.71 20.32
N LEU D 141 -4.83 17.05 20.16
CA LEU D 141 -3.99 17.84 19.28
C LEU D 141 -2.50 17.75 19.67
N LYS D 142 -2.23 17.53 20.96
CA LYS D 142 -0.86 17.45 21.46
C LYS D 142 -0.21 16.07 21.38
N PHE D 143 -0.95 15.05 20.98
CA PHE D 143 -0.43 13.69 21.08
C PHE D 143 0.79 13.48 20.18
N PRO D 144 0.75 13.93 18.92
CA PRO D 144 1.94 13.73 18.09
C PRO D 144 3.19 14.46 18.64
N ASP D 145 3.01 15.64 19.24
CA ASP D 145 4.07 16.34 19.90
C ASP D 145 4.64 15.58 21.05
N MET D 146 3.77 15.08 21.92
CA MET D 146 4.22 14.40 23.11
C MET D 146 5.01 13.14 22.70
N VAL D 147 4.42 12.42 21.77
CA VAL D 147 5.07 11.22 21.26
C VAL D 147 6.39 11.49 20.63
N HIS D 148 6.46 12.48 19.74
CA HIS D 148 7.70 12.84 19.10
C HIS D 148 8.77 13.23 20.09
N SER D 149 8.39 13.85 21.16
CA SER D 149 9.38 14.23 22.22
C SER D 149 9.96 13.02 22.96
N LEU D 150 9.14 12.01 23.16
CA LEU D 150 9.48 10.82 23.91
C LEU D 150 10.26 9.85 23.06
N LYS D 151 9.86 9.78 21.81
CA LYS D 151 10.44 8.84 20.88
C LYS D 151 11.95 9.08 20.72
N PRO D 152 12.67 8.09 20.25
CA PRO D 152 14.06 8.35 19.84
C PRO D 152 14.19 9.61 18.99
N ASP D 153 15.21 10.38 19.30
CA ASP D 153 15.59 11.58 18.52
C ASP D 153 15.64 11.29 17.05
N PRO D 154 15.08 12.20 16.19
CA PRO D 154 14.90 11.83 14.80
C PRO D 154 16.20 11.85 14.00
N VAL D 155 17.27 12.36 14.63
CA VAL D 155 18.63 12.30 14.04
C VAL D 155 19.36 11.08 14.53
N THR D 156 19.42 10.90 15.83
CA THR D 156 20.29 9.89 16.42
C THR D 156 19.67 8.49 16.61
N ASN D 157 18.34 8.38 16.59
CA ASN D 157 17.63 7.15 16.97
C ASN D 157 17.87 6.68 18.39
N ILE D 158 18.14 7.60 19.28
CA ILE D 158 18.16 7.30 20.71
C ILE D 158 17.26 8.25 21.47
N GLN D 159 16.52 7.70 22.42
CA GLN D 159 15.65 8.52 23.25
C GLN D 159 16.51 9.54 24.05
N ASP D 160 16.03 10.79 24.20
CA ASP D 160 16.81 11.83 24.86
C ASP D 160 15.95 12.51 25.93
N PRO D 161 16.28 12.34 27.23
CA PRO D 161 15.47 13.05 28.28
C PRO D 161 15.37 14.56 28.08
N ASP D 162 16.38 15.16 27.47
CA ASP D 162 16.37 16.60 27.27
C ASP D 162 15.20 17.01 26.35
N ARG D 163 14.81 16.11 25.44
CA ARG D 163 13.72 16.36 24.53
C ARG D 163 12.35 16.24 25.20
N TYR D 164 12.07 15.13 25.91
CA TYR D 164 10.74 14.93 26.42
C TYR D 164 10.55 15.75 27.67
N TRP D 165 11.62 16.03 28.38
CA TRP D 165 11.48 16.97 29.54
C TRP D 165 11.24 18.40 29.10
N ASP D 166 11.75 18.78 27.95
CA ASP D 166 11.45 20.06 27.36
C ASP D 166 9.95 20.14 27.14
N PHE D 167 9.40 19.14 26.40
CA PHE D 167 7.96 19.14 26.22
C PHE D 167 7.15 19.08 27.53
N MET D 168 7.50 18.16 28.41
CA MET D 168 6.70 17.93 29.61
C MET D 168 6.70 19.12 30.51
N THR D 169 7.87 19.73 30.70
CA THR D 169 7.96 20.91 31.59
C THR D 169 7.09 22.10 31.08
N LEU D 170 6.96 22.24 29.76
CA LEU D 170 6.19 23.29 29.08
C LEU D 170 4.71 22.89 28.92
N THR D 171 4.37 21.70 29.44
CA THR D 171 3.05 21.13 29.42
C THR D 171 2.75 20.66 30.83
N PRO D 172 2.58 21.62 31.74
CA PRO D 172 2.54 21.26 33.19
C PRO D 172 1.36 20.38 33.58
N GLU D 173 0.33 20.26 32.72
CA GLU D 173 -0.74 19.30 33.02
C GLU D 173 -0.18 17.88 33.11
N SER D 174 1.09 17.69 32.67
CA SER D 174 1.78 16.37 32.76
C SER D 174 2.28 15.99 34.16
N THR D 175 2.21 16.91 35.11
CA THR D 175 2.85 16.75 36.36
C THR D 175 2.26 15.58 37.22
N HIS D 176 0.92 15.45 37.28
CA HIS D 176 0.34 14.24 37.90
C HIS D 176 0.85 12.89 37.31
N MET D 177 0.76 12.77 35.99
CA MET D 177 1.24 11.55 35.34
C MET D 177 2.69 11.23 35.67
N LEU D 178 3.56 12.20 35.60
CA LEU D 178 4.99 11.94 35.87
C LEU D 178 5.20 11.48 37.33
N THR D 179 4.37 11.96 38.27
CA THR D 179 4.45 11.57 39.66
C THR D 179 4.09 10.10 39.88
N TRP D 180 3.25 9.53 38.99
CA TRP D 180 3.04 8.08 38.94
C TRP D 180 4.13 7.32 38.16
N LEU D 181 4.48 7.80 36.98
CA LEU D 181 5.35 7.10 36.08
C LEU D 181 6.79 6.98 36.63
N PHE D 182 7.20 7.93 37.47
CA PHE D 182 8.55 7.85 38.02
C PHE D 182 8.62 7.24 39.40
N SER D 183 7.49 6.78 39.92
CA SER D 183 7.47 5.73 40.93
C SER D 183 7.97 4.45 40.31
N ASP D 184 8.20 3.40 41.11
CA ASP D 184 8.65 2.20 40.47
C ASP D 184 7.54 1.53 39.65
N GLU D 185 6.30 2.03 39.71
CA GLU D 185 5.22 1.48 38.88
C GLU D 185 5.43 1.88 37.41
N GLY D 186 6.39 2.78 37.15
CA GLY D 186 6.88 2.99 35.76
C GLY D 186 7.51 1.78 35.09
N ILE D 187 7.90 0.77 35.87
CA ILE D 187 8.41 -0.48 35.35
C ILE D 187 7.70 -1.61 36.07
N PRO D 188 6.48 -1.93 35.63
CA PRO D 188 5.90 -3.22 36.10
C PRO D 188 6.81 -4.45 35.94
N ALA D 189 6.70 -5.37 36.88
CA ALA D 189 7.54 -6.59 36.84
C ALA D 189 7.25 -7.48 35.62
N ASN D 190 5.98 -7.52 35.21
CA ASN D 190 5.54 -8.27 34.09
C ASN D 190 4.10 -7.80 33.81
N TYR D 191 3.41 -8.44 32.87
CA TYR D 191 2.07 -8.00 32.50
C TYR D 191 0.97 -8.50 33.46
N ALA D 192 1.25 -9.59 34.20
CA ALA D 192 0.26 -10.19 35.09
C ALA D 192 0.14 -9.37 36.39
N GLU D 193 1.26 -8.89 36.89
CA GLU D 193 1.34 -8.31 38.23
C GLU D 193 1.30 -6.80 38.08
N MET D 194 0.18 -6.36 37.51
CA MET D 194 0.05 -5.01 36.92
C MET D 194 -1.40 -4.59 37.03
N ARG D 195 -1.58 -3.34 37.36
CA ARG D 195 -2.89 -2.66 37.34
C ARG D 195 -3.41 -2.41 35.91
N GLY D 196 -4.73 -2.21 35.75
CA GLY D 196 -5.32 -1.73 34.52
C GLY D 196 -6.35 -0.61 34.78
N SER D 197 -6.46 0.36 33.86
CA SER D 197 -7.28 1.52 34.03
C SER D 197 -7.88 1.90 32.67
N GLY D 198 -9.15 2.31 32.65
CA GLY D 198 -9.74 2.94 31.42
C GLY D 198 -9.16 4.27 31.11
N VAL D 199 -8.65 4.93 32.15
CA VAL D 199 -8.13 6.25 32.15
C VAL D 199 -9.22 7.29 32.02
N HIS D 200 -9.89 7.34 30.87
CA HIS D 200 -10.93 8.33 30.67
C HIS D 200 -12.17 8.06 31.44
N THR D 201 -12.86 9.17 31.81
CA THR D 201 -14.30 9.10 31.98
C THR D 201 -15.07 8.73 30.73
N PHE D 202 -15.94 7.74 30.86
CA PHE D 202 -16.93 7.38 29.83
C PHE D 202 -18.31 7.68 30.32
N ARG D 203 -19.28 7.54 29.45
CA ARG D 203 -20.68 7.71 29.85
C ARG D 203 -21.36 6.37 29.79
N TRP D 204 -22.00 6.03 30.88
CA TRP D 204 -22.88 4.88 30.89
C TRP D 204 -24.31 5.36 30.77
N VAL D 205 -25.08 4.68 29.94
CA VAL D 205 -26.47 5.10 29.70
C VAL D 205 -27.40 3.89 29.86
N ASN D 206 -28.44 4.03 30.69
CA ASN D 206 -29.28 2.89 31.03
C ASN D 206 -30.51 2.88 30.13
N LYS D 207 -31.40 1.93 30.31
CA LYS D 207 -32.50 1.75 29.38
C LYS D 207 -33.53 2.89 29.49
N TYR D 208 -33.45 3.68 30.55
CA TYR D 208 -34.30 4.89 30.69
C TYR D 208 -33.66 6.13 30.09
N GLY D 209 -32.46 6.00 29.57
CA GLY D 209 -31.79 7.14 29.02
C GLY D 209 -31.09 7.98 30.05
N GLU D 210 -30.97 7.49 31.29
CA GLU D 210 -30.19 8.19 32.33
C GLU D 210 -28.70 7.90 32.19
N THR D 211 -27.87 8.93 32.38
CA THR D 211 -26.43 8.89 32.11
C THR D 211 -25.67 9.15 33.39
N LYS D 212 -24.62 8.31 33.62
CA LYS D 212 -23.64 8.58 34.64
C LYS D 212 -22.28 8.59 33.97
N TYR D 213 -21.38 9.34 34.57
CA TYR D 213 -19.95 9.19 34.27
C TYR D 213 -19.41 7.95 34.92
N VAL D 214 -18.51 7.24 34.22
CA VAL D 214 -17.92 5.97 34.73
C VAL D 214 -16.42 5.99 34.56
N LYS D 215 -15.70 5.44 35.55
CA LYS D 215 -14.28 4.99 35.39
C LYS D 215 -14.12 3.53 35.64
N TYR D 216 -13.23 2.91 34.85
CA TYR D 216 -12.94 1.44 34.91
C TYR D 216 -11.60 1.21 35.52
N HIS D 217 -11.54 0.17 36.34
CA HIS D 217 -10.26 -0.23 37.01
C HIS D 217 -10.10 -1.74 37.05
N TRP D 218 -8.90 -2.25 36.73
CA TRP D 218 -8.68 -3.67 36.73
C TRP D 218 -7.68 -3.99 37.85
N ARG D 219 -8.02 -4.91 38.73
CA ARG D 219 -7.20 -5.23 39.87
C ARG D 219 -6.66 -6.64 39.73
N PRO D 220 -5.34 -6.78 39.66
CA PRO D 220 -4.75 -8.10 39.33
C PRO D 220 -4.93 -9.08 40.49
N SER D 221 -5.38 -10.29 40.20
CA SER D 221 -5.39 -11.35 41.19
C SER D 221 -3.97 -11.71 41.60
N GLU D 222 -2.99 -11.47 40.74
CA GLU D 222 -1.60 -11.75 41.08
C GLU D 222 -0.94 -10.67 41.96
N GLY D 223 -1.68 -9.61 42.36
CA GLY D 223 -1.08 -8.44 43.03
C GLY D 223 -0.20 -7.63 42.07
N ILE D 224 0.27 -6.49 42.54
CA ILE D 224 1.05 -5.54 41.76
C ILE D 224 2.49 -5.72 42.20
N ARG D 225 3.41 -5.90 41.28
CA ARG D 225 4.80 -5.93 41.56
C ARG D 225 5.50 -5.05 40.51
N ASN D 226 6.39 -4.18 40.99
CA ASN D 226 7.19 -3.24 40.20
C ASN D 226 8.68 -3.50 40.36
N LEU D 227 9.47 -3.00 39.40
CA LEU D 227 10.91 -3.17 39.41
C LEU D 227 11.55 -1.82 39.73
N SER D 228 12.54 -1.82 40.61
CA SER D 228 13.48 -0.72 40.66
C SER D 228 14.31 -0.60 39.39
N MET D 229 14.99 0.52 39.20
CA MET D 229 15.87 0.62 38.03
C MET D 229 16.94 -0.48 38.03
N GLU D 230 17.47 -0.80 39.21
CA GLU D 230 18.48 -1.86 39.30
C GLU D 230 17.94 -3.24 39.02
N GLU D 231 16.74 -3.55 39.46
CA GLU D 231 16.12 -4.84 39.18
C GLU D 231 15.83 -4.92 37.66
N ALA D 232 15.33 -3.82 37.08
CA ALA D 232 15.06 -3.78 35.64
C ALA D 232 16.35 -4.05 34.80
N ALA D 233 17.46 -3.40 35.15
CA ALA D 233 18.77 -3.62 34.47
C ALA D 233 19.18 -5.08 34.53
N GLU D 234 19.02 -5.69 35.71
CA GLU D 234 19.47 -7.05 35.92
C GLU D 234 18.64 -8.04 35.02
N ILE D 235 17.35 -7.77 34.86
CA ILE D 235 16.49 -8.56 33.95
C ILE D 235 16.91 -8.24 32.52
N GLN D 236 17.13 -6.95 32.24
CA GLN D 236 17.43 -6.57 30.85
C GLN D 236 18.68 -7.28 30.33
N ALA D 237 19.63 -7.54 31.24
CA ALA D 237 20.90 -8.20 30.91
C ALA D 237 20.75 -9.61 30.29
N ASN D 238 19.71 -10.29 30.69
CA ASN D 238 19.49 -11.67 30.28
C ASN D 238 18.26 -11.87 29.45
N ASP D 239 17.29 -10.96 29.51
CA ASP D 239 16.09 -11.17 28.75
C ASP D 239 15.46 -9.84 28.34
N PHE D 240 15.42 -9.56 27.06
CA PHE D 240 14.74 -8.34 26.59
C PHE D 240 13.26 -8.59 26.27
N GLN D 241 12.74 -9.78 26.53
CA GLN D 241 11.31 -10.03 26.30
C GLN D 241 10.68 -10.80 27.47
N HIS D 242 11.06 -10.42 28.67
CA HIS D 242 10.67 -11.19 29.86
C HIS D 242 9.16 -11.17 30.14
N ALA D 243 8.49 -10.09 29.83
CA ALA D 243 7.06 -10.02 30.08
C ALA D 243 6.25 -10.82 29.06
N THR D 244 6.65 -10.79 27.79
CA THR D 244 6.09 -11.65 26.79
C THR D 244 6.28 -13.19 27.16
N ARG D 245 7.48 -13.57 27.56
CA ARG D 245 7.75 -14.89 28.05
C ARG D 245 6.86 -15.27 29.20
N ASP D 246 6.78 -14.38 30.18
CA ASP D 246 6.10 -14.69 31.43
C ASP D 246 4.66 -14.97 31.12
N LEU D 247 4.02 -14.13 30.31
CA LEU D 247 2.63 -14.28 30.03
C LEU D 247 2.32 -15.58 29.32
N TYR D 248 3.11 -15.92 28.28
CA TYR D 248 2.91 -17.15 27.54
C TYR D 248 3.08 -18.36 28.48
N ASP D 249 4.14 -18.31 29.25
CA ASP D 249 4.50 -19.40 30.16
C ASP D 249 3.48 -19.63 31.29
N ARG D 250 2.98 -18.55 31.93
CA ARG D 250 1.87 -18.69 32.88
C ARG D 250 0.74 -19.49 32.27
N ILE D 251 0.36 -19.12 31.06
CA ILE D 251 -0.87 -19.63 30.50
C ILE D 251 -0.59 -21.06 30.08
N GLU D 252 0.59 -21.34 29.52
CA GLU D 252 0.93 -22.74 29.11
C GLU D 252 0.98 -23.68 30.30
N LYS D 253 1.34 -23.17 31.47
CA LYS D 253 1.34 -23.98 32.66
C LYS D 253 0.01 -24.10 33.37
N GLY D 254 -1.02 -23.38 32.93
CA GLY D 254 -2.34 -23.43 33.55
C GLY D 254 -2.45 -22.44 34.70
N ASN D 255 -1.44 -21.58 34.89
CA ASN D 255 -1.47 -20.58 35.94
C ASN D 255 -2.06 -19.28 35.39
N TYR D 256 -3.37 -19.28 35.17
CA TYR D 256 -4.06 -18.22 34.41
C TYR D 256 -4.18 -16.93 35.19
N PRO D 257 -3.65 -15.80 34.63
CA PRO D 257 -3.76 -14.55 35.38
C PRO D 257 -5.17 -14.02 35.25
N ALA D 258 -5.60 -13.26 36.26
CA ALA D 258 -6.92 -12.73 36.27
C ALA D 258 -6.94 -11.33 36.86
N TRP D 259 -7.94 -10.58 36.52
CA TRP D 259 -8.20 -9.24 37.03
C TRP D 259 -9.67 -9.09 37.36
N ASP D 260 -9.94 -8.51 38.51
CA ASP D 260 -11.27 -8.09 38.77
C ASP D 260 -11.52 -6.67 38.22
N LEU D 261 -12.68 -6.50 37.61
CA LEU D 261 -13.13 -5.25 37.11
C LEU D 261 -14.01 -4.49 38.11
N TYR D 262 -13.60 -3.28 38.42
CA TYR D 262 -14.38 -2.34 39.22
C TYR D 262 -14.71 -1.10 38.45
N VAL D 263 -15.81 -0.44 38.82
CA VAL D 263 -16.09 0.89 38.28
C VAL D 263 -16.29 1.89 39.40
N GLN D 264 -16.06 3.14 39.04
CA GLN D 264 -16.53 4.25 39.87
C GLN D 264 -17.62 4.92 39.07
N LEU D 265 -18.67 5.42 39.75
CA LEU D 265 -19.76 6.08 39.07
C LEU D 265 -20.02 7.48 39.65
N MET D 266 -20.25 8.46 38.78
CA MET D 266 -20.41 9.84 39.16
C MET D 266 -21.53 10.54 38.41
N PRO D 267 -22.44 11.22 39.13
CA PRO D 267 -23.47 11.96 38.42
C PRO D 267 -22.90 13.09 37.57
N LEU D 268 -23.51 13.36 36.40
CA LEU D 268 -23.14 14.50 35.55
C LEU D 268 -23.18 15.82 36.32
N SER D 269 -24.16 15.94 37.22
CA SER D 269 -24.31 17.12 37.99
C SER D 269 -23.21 17.38 39.02
N ASP D 270 -22.28 16.43 39.24
CA ASP D 270 -21.22 16.68 40.23
C ASP D 270 -20.15 17.62 39.71
N TYR D 271 -20.23 18.00 38.42
CA TYR D 271 -19.24 18.89 37.81
C TYR D 271 -18.98 20.08 38.64
N ASP D 272 -20.05 20.71 39.14
CA ASP D 272 -19.89 21.92 39.90
C ASP D 272 -19.39 21.69 41.32
N GLU D 273 -19.55 20.46 41.82
CA GLU D 273 -19.09 20.14 43.18
C GLU D 273 -17.57 19.99 43.26
N LEU D 274 -16.89 19.88 42.11
CA LEU D 274 -15.49 19.55 42.09
C LEU D 274 -14.56 20.74 41.73
N ASP D 275 -13.33 20.66 42.20
CA ASP D 275 -12.31 21.64 41.79
C ASP D 275 -11.42 21.19 40.63
N TYR D 276 -11.88 20.17 39.93
CA TYR D 276 -11.28 19.80 38.68
C TYR D 276 -12.42 19.41 37.75
N ASP D 277 -12.08 19.18 36.48
CA ASP D 277 -13.05 18.71 35.49
C ASP D 277 -13.05 17.18 35.52
N PRO D 278 -14.21 16.53 35.82
CA PRO D 278 -14.21 15.09 35.94
C PRO D 278 -13.82 14.39 34.65
N CYS D 279 -13.82 15.12 33.52
CA CYS D 279 -13.42 14.54 32.22
C CYS D 279 -12.02 14.98 31.75
N ASP D 280 -11.22 15.48 32.70
CA ASP D 280 -9.83 15.83 32.44
C ASP D 280 -9.05 14.54 32.71
N PRO D 281 -8.41 13.92 31.66
CA PRO D 281 -7.73 12.64 31.90
C PRO D 281 -6.41 12.77 32.64
N THR D 282 -6.06 13.98 33.10
CA THR D 282 -4.92 14.15 34.04
C THR D 282 -5.35 13.93 35.50
N LYS D 283 -6.62 13.60 35.71
CA LYS D 283 -7.27 13.60 37.03
C LYS D 283 -7.78 12.22 37.33
N THR D 284 -7.62 11.77 38.59
CA THR D 284 -8.37 10.67 39.14
C THR D 284 -9.55 11.16 39.98
N TRP D 285 -10.45 10.26 40.26
CA TRP D 285 -11.57 10.54 41.20
C TRP D 285 -11.30 9.85 42.51
N SER D 286 -11.53 10.56 43.61
CA SER D 286 -11.32 10.02 44.93
C SER D 286 -12.10 8.71 45.13
N GLU D 287 -11.44 7.65 45.61
CA GLU D 287 -12.13 6.39 45.96
C GLU D 287 -12.99 6.52 47.27
N GLU D 288 -12.66 7.50 48.09
CA GLU D 288 -13.48 7.79 49.28
C GLU D 288 -14.82 8.35 48.83
N ASP D 289 -14.78 9.30 47.90
CA ASP D 289 -16.00 9.97 47.43
C ASP D 289 -16.78 9.22 46.35
N TYR D 290 -16.08 8.42 45.56
CA TYR D 290 -16.68 7.58 44.49
C TYR D 290 -16.12 6.19 44.58
N PRO D 291 -16.76 5.35 45.40
CA PRO D 291 -16.13 4.11 45.78
C PRO D 291 -16.09 3.12 44.61
N LEU D 292 -15.09 2.26 44.60
CA LEU D 292 -15.00 1.18 43.62
C LEU D 292 -16.08 0.14 43.84
N GLN D 293 -16.73 -0.24 42.76
CA GLN D 293 -17.87 -1.14 42.78
C GLN D 293 -17.51 -2.29 41.90
N LYS D 294 -17.54 -3.49 42.46
CA LYS D 294 -17.15 -4.68 41.70
C LYS D 294 -18.14 -5.04 40.61
N VAL D 295 -17.60 -5.38 39.42
CA VAL D 295 -18.43 -5.80 38.30
C VAL D 295 -18.26 -7.24 37.96
N GLY D 296 -17.02 -7.68 37.83
CA GLY D 296 -16.76 -9.09 37.49
C GLY D 296 -15.28 -9.37 37.37
N ARG D 297 -14.96 -10.48 36.70
CA ARG D 297 -13.59 -10.96 36.62
C ARG D 297 -13.25 -11.41 35.23
N MET D 298 -12.02 -11.09 34.80
CA MET D 298 -11.48 -11.54 33.53
C MET D 298 -10.34 -12.51 33.83
N THR D 299 -10.38 -13.65 33.19
CA THR D 299 -9.29 -14.63 33.30
C THR D 299 -8.73 -14.84 31.89
N LEU D 300 -7.42 -14.78 31.76
CA LEU D 300 -6.74 -15.13 30.52
C LEU D 300 -6.22 -16.57 30.54
N ASN D 301 -6.72 -17.37 29.61
CA ASN D 301 -6.51 -18.80 29.64
C ASN D 301 -6.08 -19.47 28.35
N ARG D 302 -5.78 -18.68 27.32
CA ARG D 302 -5.43 -19.31 26.07
C ARG D 302 -4.43 -18.42 25.34
N ASN D 303 -3.28 -18.98 24.94
CA ASN D 303 -2.36 -18.31 24.04
C ASN D 303 -2.86 -18.38 22.58
N PRO D 304 -2.50 -17.37 21.78
CA PRO D 304 -2.89 -17.45 20.37
C PRO D 304 -2.24 -18.58 19.64
N GLU D 305 -2.84 -18.95 18.50
CA GLU D 305 -2.20 -19.93 17.61
C GLU D 305 -1.08 -19.39 16.75
N ASN D 306 -1.16 -18.10 16.35
CA ASN D 306 -0.12 -17.44 15.52
C ASN D 306 0.05 -15.98 15.93
N PHE D 307 1.24 -15.63 16.34
CA PHE D 307 1.48 -14.32 16.93
C PHE D 307 1.22 -13.22 15.89
N PHE D 308 1.76 -13.38 14.68
CA PHE D 308 1.44 -12.32 13.63
C PHE D 308 -0.03 -12.17 13.34
N ALA D 309 -0.70 -13.29 13.01
CA ALA D 309 -2.10 -13.22 12.57
C ALA D 309 -3.07 -12.69 13.61
N GLU D 310 -2.80 -12.95 14.90
CA GLU D 310 -3.72 -12.63 15.95
C GLU D 310 -3.19 -11.44 16.75
N THR D 311 -2.01 -11.47 17.29
CA THR D 311 -1.56 -10.39 18.20
C THR D 311 -1.07 -9.20 17.37
N GLU D 312 -0.24 -9.45 16.39
CA GLU D 312 0.28 -8.32 15.61
C GLU D 312 -0.78 -7.59 14.83
N GLN D 313 -1.75 -8.36 14.27
CA GLN D 313 -2.81 -7.76 13.42
C GLN D 313 -4.04 -7.40 14.25
N ALA D 314 -4.01 -7.59 15.56
CA ALA D 314 -5.13 -7.13 16.44
C ALA D 314 -5.33 -5.59 16.33
N ALA D 315 -6.60 -5.16 16.22
CA ALA D 315 -6.96 -3.75 16.12
C ALA D 315 -7.96 -3.43 17.22
N PHE D 316 -7.61 -2.50 18.12
CA PHE D 316 -8.51 -2.01 19.12
C PHE D 316 -8.78 -0.56 18.90
N THR D 317 -10.02 -0.09 19.25
CA THR D 317 -10.28 1.34 19.18
C THR D 317 -11.21 1.80 20.32
N PRO D 318 -10.82 2.87 21.03
CA PRO D 318 -11.79 3.40 22.01
C PRO D 318 -13.19 3.67 21.43
N SER D 319 -13.29 3.93 20.13
CA SER D 319 -14.62 4.18 19.48
C SER D 319 -15.42 2.90 19.16
N ALA D 320 -14.88 1.71 19.51
CA ALA D 320 -15.66 0.45 19.44
C ALA D 320 -16.52 0.34 20.68
N LEU D 321 -17.57 1.13 20.68
CA LEU D 321 -18.47 1.26 21.82
C LEU D 321 -19.69 0.45 21.54
N VAL D 322 -20.39 0.02 22.59
CA VAL D 322 -21.61 -0.79 22.38
C VAL D 322 -22.78 -0.03 23.08
N PRO D 323 -24.03 -0.38 22.74
CA PRO D 323 -25.15 0.27 23.34
C PRO D 323 -25.08 0.25 24.83
N GLY D 324 -25.21 1.43 25.44
CA GLY D 324 -25.10 1.59 26.88
C GLY D 324 -23.80 2.18 27.34
N ILE D 325 -22.80 2.20 26.43
CA ILE D 325 -21.51 2.75 26.73
C ILE D 325 -21.13 3.75 25.66
N GLU D 326 -20.78 4.97 26.07
CA GLU D 326 -20.52 6.07 25.16
C GLU D 326 -19.25 6.83 25.60
N ALA D 327 -18.72 7.62 24.66
CA ALA D 327 -17.63 8.53 24.94
C ALA D 327 -18.08 9.58 25.93
N SER D 328 -17.16 10.10 26.71
CA SER D 328 -17.35 11.40 27.28
C SER D 328 -16.78 12.50 26.38
N GLU D 329 -16.93 13.71 26.87
CA GLU D 329 -16.47 14.91 26.19
C GLU D 329 -14.96 15.16 26.34
N ASP D 330 -14.24 14.24 27.01
CA ASP D 330 -12.80 14.32 27.25
C ASP D 330 -12.11 14.51 25.90
N LYS D 331 -11.35 15.60 25.77
CA LYS D 331 -10.85 16.04 24.44
C LYS D 331 -9.76 15.10 23.94
N LEU D 332 -9.12 14.42 24.88
CA LEU D 332 -8.12 13.51 24.60
C LEU D 332 -8.79 12.24 24.01
N LEU D 333 -9.77 11.75 24.72
CA LEU D 333 -10.59 10.62 24.19
C LEU D 333 -11.16 10.91 22.79
N GLN D 334 -11.64 12.12 22.59
CA GLN D 334 -12.31 12.46 21.33
C GLN D 334 -11.39 12.22 20.16
N GLY D 335 -10.14 12.64 20.26
CA GLY D 335 -9.19 12.37 19.17
C GLY D 335 -8.89 10.91 18.92
N ARG D 336 -8.84 10.14 19.99
CA ARG D 336 -8.61 8.72 19.90
C ARG D 336 -9.71 8.05 19.10
N LEU D 337 -10.93 8.56 19.20
CA LEU D 337 -12.04 7.92 18.48
C LEU D 337 -11.75 7.86 17.03
N PHE D 338 -11.08 8.89 16.50
CA PHE D 338 -10.68 8.95 15.13
C PHE D 338 -9.37 8.17 14.83
N SER D 339 -8.37 8.33 15.69
CA SER D 339 -6.98 8.00 15.31
C SER D 339 -6.78 6.46 15.20
N TYR D 340 -7.51 5.70 16.02
CA TYR D 340 -7.27 4.21 15.98
C TYR D 340 -7.70 3.57 14.70
N PRO D 341 -9.00 3.76 14.29
CA PRO D 341 -9.39 3.10 13.04
C PRO D 341 -8.66 3.71 11.84
N ASP D 342 -8.27 5.00 11.97
CA ASP D 342 -7.52 5.67 10.95
C ASP D 342 -6.19 4.97 10.75
N THR D 343 -5.42 4.81 11.81
CA THR D 343 -4.07 4.16 11.73
C THR D 343 -4.23 2.74 11.27
N GLN D 344 -5.30 2.09 11.69
CA GLN D 344 -5.45 0.66 11.39
C GLN D 344 -5.74 0.42 9.92
N ARG D 345 -6.49 1.35 9.30
CA ARG D 345 -6.69 1.22 7.88
C ARG D 345 -5.38 1.23 7.10
N HIS D 346 -4.46 2.09 7.51
CA HIS D 346 -3.10 2.13 6.97
C HIS D 346 -2.25 0.87 7.33
N ARG D 347 -2.23 0.53 8.62
CA ARG D 347 -1.36 -0.50 9.16
C ARG D 347 -1.78 -1.89 8.64
N LEU D 348 -3.07 -2.10 8.46
CA LEU D 348 -3.65 -3.44 8.27
C LEU D 348 -4.44 -3.66 6.99
N GLY D 349 -4.88 -2.56 6.37
CA GLY D 349 -5.74 -2.55 5.20
C GLY D 349 -7.16 -2.07 5.46
N ALA D 350 -7.82 -1.58 4.40
CA ALA D 350 -9.19 -1.12 4.51
C ALA D 350 -10.11 -2.15 5.16
N ASN D 351 -9.87 -3.43 4.82
CA ASN D 351 -10.70 -4.55 5.35
C ASN D 351 -10.18 -5.23 6.59
N TYR D 352 -9.47 -4.49 7.43
CA TYR D 352 -8.84 -5.04 8.67
C TYR D 352 -9.86 -5.69 9.60
N MET D 353 -11.12 -5.24 9.53
CA MET D 353 -12.15 -5.78 10.39
C MET D 353 -12.64 -7.14 10.00
N ARG D 354 -12.18 -7.65 8.86
CA ARG D 354 -12.37 -9.03 8.51
C ARG D 354 -11.29 -9.97 8.95
N ILE D 355 -10.18 -9.46 9.47
CA ILE D 355 -9.13 -10.26 9.99
C ILE D 355 -9.70 -11.02 11.22
N PRO D 356 -9.53 -12.33 11.29
CA PRO D 356 -10.27 -13.14 12.33
C PRO D 356 -10.30 -12.60 13.76
N VAL D 357 -9.16 -12.24 14.35
CA VAL D 357 -9.14 -11.71 15.67
C VAL D 357 -10.05 -10.45 15.80
N ASN D 358 -10.19 -9.69 14.73
CA ASN D 358 -10.90 -8.44 14.82
C ASN D 358 -12.41 -8.60 14.57
N CYS D 359 -12.79 -9.77 14.03
CA CYS D 359 -14.18 -10.03 13.66
C CYS D 359 -15.10 -10.07 14.91
N PRO D 360 -16.26 -9.46 14.82
CA PRO D 360 -17.26 -9.64 15.86
C PRO D 360 -17.90 -10.99 15.83
N TYR D 361 -18.46 -11.37 16.99
CA TYR D 361 -19.27 -12.56 17.11
C TYR D 361 -20.69 -12.23 16.64
N ALA D 362 -21.13 -11.02 16.89
CA ALA D 362 -22.38 -10.49 16.37
C ALA D 362 -22.38 -10.36 14.81
N PRO D 363 -23.55 -10.51 14.17
CA PRO D 363 -23.61 -10.47 12.73
C PRO D 363 -23.26 -9.09 12.20
N VAL D 364 -22.63 -9.08 11.03
CA VAL D 364 -22.29 -7.80 10.33
C VAL D 364 -23.07 -7.75 9.02
N HIS D 365 -23.90 -6.71 8.84
CA HIS D 365 -24.63 -6.54 7.57
C HIS D 365 -24.65 -5.08 7.25
N ASN D 366 -24.03 -4.68 6.16
CA ASN D 366 -24.08 -3.34 5.74
C ASN D 366 -23.77 -3.24 4.25
N ASN D 367 -23.71 -2.02 3.71
CA ASN D 367 -23.64 -1.80 2.28
C ASN D 367 -22.22 -1.36 1.89
N GLN D 368 -21.25 -1.61 2.79
CA GLN D 368 -19.87 -1.31 2.45
C GLN D 368 -19.41 -2.35 1.42
N GLN D 369 -18.36 -2.04 0.65
CA GLN D 369 -17.95 -3.06 -0.32
C GLN D 369 -16.53 -2.85 -0.73
N ASP D 370 -15.98 -3.88 -1.32
CA ASP D 370 -14.66 -3.87 -2.07
C ASP D 370 -13.50 -3.50 -1.12
N GLY D 371 -12.50 -2.81 -1.64
CA GLY D 371 -11.27 -2.58 -0.89
C GLY D 371 -10.26 -3.72 -1.06
N PHE D 372 -9.01 -3.42 -0.80
N PHE D 372 -9.01 -3.39 -0.83
CA PHE D 372 -7.95 -4.40 -0.97
CA PHE D 372 -7.89 -4.33 -0.69
C PHE D 372 -8.28 -5.66 -0.18
C PHE D 372 -8.28 -5.69 -0.12
N MET D 373 -7.97 -6.80 -0.79
CA MET D 373 -8.07 -8.11 -0.15
C MET D 373 -9.49 -8.43 0.32
N THR D 374 -10.44 -8.36 -0.62
CA THR D 374 -11.80 -8.74 -0.36
C THR D 374 -11.92 -10.26 -0.44
N THR D 375 -12.08 -10.90 0.73
CA THR D 375 -12.02 -12.34 0.88
C THR D 375 -13.35 -12.94 1.34
N THR D 376 -14.38 -12.10 1.48
CA THR D 376 -15.62 -12.46 2.15
C THR D 376 -16.79 -13.01 1.24
N ARG D 377 -16.50 -13.31 -0.02
CA ARG D 377 -17.55 -13.79 -0.94
C ARG D 377 -18.83 -12.93 -0.94
N PRO D 378 -18.69 -11.68 -1.31
CA PRO D 378 -19.95 -10.87 -1.33
C PRO D 378 -20.88 -11.28 -2.45
N SER D 379 -22.15 -10.91 -2.35
CA SER D 379 -23.11 -11.24 -3.37
C SER D 379 -24.27 -10.26 -3.27
N GLY D 380 -25.13 -10.24 -4.29
CA GLY D 380 -26.36 -9.39 -4.26
C GLY D 380 -26.18 -8.10 -5.04
N HIS D 381 -27.32 -7.58 -5.48
CA HIS D 381 -27.37 -6.43 -6.34
C HIS D 381 -27.49 -5.14 -5.55
N ILE D 382 -27.87 -5.24 -4.27
CA ILE D 382 -28.32 -4.05 -3.50
C ILE D 382 -27.27 -3.70 -2.49
N ASN D 383 -26.58 -2.62 -2.75
CA ASN D 383 -25.51 -2.09 -1.89
C ASN D 383 -25.76 -0.63 -1.48
N TYR D 384 -27.06 -0.27 -1.37
CA TYR D 384 -27.46 1.13 -1.11
C TYR D 384 -28.70 1.10 -0.27
N GLU D 385 -28.86 2.12 0.58
CA GLU D 385 -30.08 2.30 1.39
C GLU D 385 -30.36 3.81 1.44
N PRO D 386 -31.63 4.23 1.29
CA PRO D 386 -32.86 3.38 1.22
C PRO D 386 -33.07 2.64 -0.06
N ASN D 387 -33.79 1.53 0.04
CA ASN D 387 -34.12 0.69 -1.08
C ASN D 387 -35.50 0.14 -0.85
N ARG D 388 -36.05 -0.42 -1.88
CA ARG D 388 -37.43 -0.85 -1.78
C ARG D 388 -37.61 -2.24 -1.20
N TYR D 389 -36.55 -2.88 -0.75
CA TYR D 389 -36.57 -4.29 -0.40
C TYR D 389 -36.59 -4.50 1.11
N ASP D 390 -37.64 -5.12 1.60
CA ASP D 390 -37.86 -5.22 3.05
C ASP D 390 -36.91 -6.15 3.76
N ASP D 391 -36.36 -7.11 3.01
CA ASP D 391 -35.41 -8.08 3.53
C ASP D 391 -33.95 -7.59 3.56
N GLN D 392 -33.66 -6.43 2.98
CA GLN D 392 -32.30 -5.89 3.04
C GLN D 392 -32.11 -5.19 4.40
N PRO D 393 -30.86 -5.07 4.85
CA PRO D 393 -30.60 -4.44 6.18
C PRO D 393 -31.18 -3.04 6.32
N LYS D 394 -31.85 -2.78 7.46
CA LYS D 394 -32.36 -1.46 7.79
C LYS D 394 -31.83 -0.99 9.16
N GLU D 395 -31.82 0.31 9.32
CA GLU D 395 -31.54 0.95 10.62
C GLU D 395 -32.57 0.47 11.65
N ASN D 396 -32.15 0.46 12.91
CA ASN D 396 -32.97 0.00 13.98
C ASN D 396 -32.99 1.07 15.09
N PRO D 397 -34.10 1.78 15.24
CA PRO D 397 -34.10 2.95 16.14
C PRO D 397 -33.97 2.58 17.64
N HIS D 398 -34.18 1.30 17.99
CA HIS D 398 -33.94 0.86 19.37
C HIS D 398 -32.45 1.01 19.75
N TYR D 399 -31.55 1.16 18.76
CA TYR D 399 -30.14 1.26 19.06
C TYR D 399 -29.55 2.64 18.85
N LYS D 400 -30.35 3.69 18.99
CA LYS D 400 -29.80 5.04 18.90
C LYS D 400 -28.95 5.35 20.12
N GLU D 401 -27.94 6.18 19.94
CA GLU D 401 -27.13 6.60 21.08
C GLU D 401 -27.88 7.72 21.83
N SER D 402 -27.41 8.07 23.01
CA SER D 402 -27.95 9.22 23.76
C SER D 402 -27.66 10.56 23.04
N GLU D 403 -28.28 11.61 23.53
CA GLU D 403 -28.11 12.93 22.99
C GLU D 403 -27.52 13.86 24.06
N PRO D 404 -26.20 13.78 24.29
CA PRO D 404 -25.62 14.60 25.35
C PRO D 404 -25.96 16.09 25.18
N VAL D 405 -26.25 16.74 26.31
CA VAL D 405 -26.43 18.15 26.34
C VAL D 405 -25.13 18.87 26.10
N LEU D 406 -25.19 19.92 25.28
CA LEU D 406 -24.03 20.77 25.00
C LEU D 406 -24.18 22.08 25.79
N HIS D 407 -23.14 22.47 26.50
CA HIS D 407 -23.19 23.66 27.34
C HIS D 407 -22.62 24.87 26.61
N GLY D 408 -21.64 24.64 25.75
CA GLY D 408 -21.11 25.69 24.91
C GLY D 408 -22.06 26.20 23.85
N ASP D 409 -21.94 27.47 23.57
CA ASP D 409 -22.79 28.10 22.56
C ASP D 409 -22.00 28.50 21.31
N ARG D 410 -20.67 28.24 21.31
CA ARG D 410 -19.82 28.53 20.14
C ARG D 410 -18.82 27.38 19.84
N MET D 411 -18.41 27.31 18.60
CA MET D 411 -17.25 26.52 18.21
C MET D 411 -15.96 27.23 18.59
N VAL D 412 -15.20 26.68 19.52
CA VAL D 412 -14.06 27.35 20.07
C VAL D 412 -12.83 26.44 20.11
N ARG D 413 -11.67 27.02 20.16
CA ARG D 413 -10.46 26.36 20.59
C ARG D 413 -9.97 26.96 21.87
N GLN D 414 -10.17 26.27 22.99
CA GLN D 414 -9.98 26.91 24.30
C GLN D 414 -9.74 25.84 25.33
N LYS D 415 -8.79 26.08 26.23
CA LYS D 415 -8.51 25.09 27.30
C LYS D 415 -9.74 24.95 28.20
N ILE D 416 -9.94 23.77 28.77
CA ILE D 416 -10.97 23.63 29.80
C ILE D 416 -10.75 24.65 30.91
N GLU D 417 -11.86 25.03 31.53
CA GLU D 417 -11.81 25.63 32.84
CA GLU D 417 -11.80 25.64 32.84
C GLU D 417 -11.32 24.64 33.92
N LYS D 418 -10.82 25.19 35.03
CA LYS D 418 -10.27 24.43 36.17
C LYS D 418 -9.26 23.32 35.76
N PRO D 419 -8.26 23.71 34.95
CA PRO D 419 -7.18 22.79 34.66
C PRO D 419 -6.51 22.23 35.93
N ASN D 420 -6.36 23.05 36.96
CA ASN D 420 -5.81 22.58 38.26
C ASN D 420 -4.62 21.59 38.08
N ASP D 421 -3.54 22.07 37.48
CA ASP D 421 -2.48 21.17 37.04
C ASP D 421 -1.65 20.50 38.15
N PHE D 422 -1.69 20.99 39.40
CA PHE D 422 -0.68 20.56 40.35
C PHE D 422 -1.23 19.87 41.60
N LYS D 423 -2.52 20.10 41.92
CA LYS D 423 -3.06 19.64 43.22
C LYS D 423 -3.06 18.15 43.39
N GLN D 424 -3.52 17.42 42.38
CA GLN D 424 -3.52 15.96 42.50
C GLN D 424 -2.15 15.35 42.49
N ALA D 425 -1.21 15.94 41.78
CA ALA D 425 0.17 15.46 41.83
C ALA D 425 0.70 15.50 43.29
N GLY D 426 0.40 16.61 43.97
CA GLY D 426 0.80 16.75 45.35
C GLY D 426 0.12 15.72 46.27
N GLU D 427 -1.17 15.49 46.04
CA GLU D 427 -1.89 14.49 46.79
C GLU D 427 -1.28 13.09 46.59
N LYS D 428 -0.97 12.77 45.35
CA LYS D 428 -0.32 11.51 45.05
C LYS D 428 1.03 11.39 45.75
N TYR D 429 1.82 12.41 45.65
CA TYR D 429 3.14 12.41 46.28
C TYR D 429 2.97 12.09 47.78
N ARG D 430 2.08 12.82 48.44
CA ARG D 430 1.90 12.66 49.90
C ARG D 430 1.34 11.29 50.26
N SER D 431 0.70 10.61 49.31
CA SER D 431 0.12 9.30 49.54
C SER D 431 1.19 8.18 49.55
N TYR D 432 2.33 8.46 48.92
CA TYR D 432 3.42 7.53 48.85
C TYR D 432 4.00 7.27 50.25
N SER D 433 4.38 6.02 50.52
CA SER D 433 5.27 5.65 51.63
C SER D 433 6.60 6.32 51.46
N GLU D 434 7.37 6.37 52.56
CA GLU D 434 8.70 6.96 52.48
C GLU D 434 9.58 6.23 51.46
N GLU D 435 9.52 4.90 51.43
CA GLU D 435 10.23 4.11 50.47
C GLU D 435 9.86 4.50 49.02
N GLU D 436 8.58 4.65 48.75
CA GLU D 436 8.10 5.04 47.45
C GLU D 436 8.55 6.45 47.06
N LYS D 437 8.54 7.39 48.00
CA LYS D 437 9.06 8.73 47.73
C LYS D 437 10.54 8.74 47.40
N GLN D 438 11.32 7.90 48.10
CA GLN D 438 12.74 7.78 47.78
C GLN D 438 12.95 7.24 46.38
N ALA D 439 12.19 6.23 46.00
CA ALA D 439 12.32 5.68 44.66
C ALA D 439 11.98 6.74 43.58
N LEU D 440 10.90 7.52 43.81
CA LEU D 440 10.44 8.56 42.92
C LEU D 440 11.55 9.55 42.72
N ILE D 441 12.10 10.03 43.83
CA ILE D 441 13.12 11.08 43.69
C ILE D 441 14.32 10.55 42.95
N LYS D 442 14.72 9.31 43.28
CA LYS D 442 15.88 8.65 42.70
C LYS D 442 15.70 8.52 41.20
N ASN D 443 14.52 8.03 40.83
CA ASN D 443 14.20 7.81 39.41
C ASN D 443 14.18 9.14 38.67
N LEU D 444 13.54 10.17 39.25
CA LEU D 444 13.49 11.49 38.58
C LEU D 444 14.88 12.08 38.45
N THR D 445 15.70 11.91 39.48
CA THR D 445 17.03 12.49 39.48
C THR D 445 17.87 11.91 38.37
N ALA D 446 17.85 10.56 38.23
CA ALA D 446 18.65 9.90 37.19
C ALA D 446 18.22 10.34 35.79
N ASP D 447 16.95 10.70 35.64
CA ASP D 447 16.38 11.20 34.37
C ASP D 447 16.65 12.63 34.06
N LEU D 448 16.73 13.46 35.10
CA LEU D 448 16.86 14.89 34.92
C LEU D 448 18.30 15.39 34.96
N LYS D 449 19.20 14.60 35.50
CA LYS D 449 20.50 15.15 35.85
C LYS D 449 21.26 15.69 34.63
N GLY D 450 21.05 15.12 33.45
CA GLY D 450 21.71 15.59 32.25
C GLY D 450 20.96 16.58 31.37
N VAL D 451 19.78 17.04 31.80
CA VAL D 451 19.01 17.92 30.92
C VAL D 451 19.45 19.37 31.06
N ASN D 452 19.11 20.15 30.04
CA ASN D 452 19.26 21.61 30.01
C ASN D 452 18.89 22.25 31.35
N GLU D 453 19.74 23.14 31.88
CA GLU D 453 19.50 23.67 33.25
C GLU D 453 18.16 24.43 33.41
N LYS D 454 17.75 25.20 32.42
CA LYS D 454 16.49 25.93 32.45
C LYS D 454 15.29 24.99 32.46
N THR D 455 15.33 23.97 31.63
CA THR D 455 14.33 22.91 31.72
C THR D 455 14.32 22.19 33.07
N LYS D 456 15.51 21.85 33.57
CA LYS D 456 15.63 21.17 34.85
C LYS D 456 14.96 21.97 35.95
N LEU D 457 15.20 23.29 35.96
CA LEU D 457 14.64 24.14 36.99
C LEU D 457 13.12 24.22 36.85
N LEU D 458 12.63 24.31 35.60
CA LEU D 458 11.18 24.32 35.38
C LEU D 458 10.54 23.02 35.88
N ALA D 459 11.17 21.89 35.67
CA ALA D 459 10.66 20.63 36.25
C ALA D 459 10.56 20.72 37.77
N ILE D 460 11.65 21.16 38.41
CA ILE D 460 11.70 21.26 39.86
C ILE D 460 10.53 22.17 40.31
N CYS D 461 10.37 23.32 39.65
CA CYS D 461 9.28 24.25 39.98
C CYS D 461 7.91 23.63 39.81
N ASN D 462 7.71 22.81 38.76
CA ASN D 462 6.41 22.13 38.62
C ASN D 462 6.18 21.17 39.74
N PHE D 463 7.19 20.41 40.12
CA PHE D 463 7.00 19.44 41.21
C PHE D 463 6.86 20.18 42.58
N TYR D 464 7.56 21.30 42.71
CA TYR D 464 7.45 22.11 43.95
C TYR D 464 6.01 22.66 44.12
N ARG D 465 5.42 23.08 43.03
CA ARG D 465 4.02 23.52 43.03
C ARG D 465 3.07 22.40 43.42
N ALA D 466 3.34 21.18 42.99
CA ALA D 466 2.59 20.03 43.48
C ALA D 466 2.75 19.88 45.02
N ASP D 467 3.99 19.82 45.50
CA ASP D 467 4.25 19.73 46.91
C ASP D 467 5.63 20.29 47.21
N GLU D 468 5.73 21.20 48.18
CA GLU D 468 7.02 21.79 48.52
C GLU D 468 8.13 20.82 48.86
N ASP D 469 7.79 19.75 49.59
CA ASP D 469 8.73 18.74 50.02
C ASP D 469 9.20 17.95 48.80
N TYR D 470 8.25 17.61 47.94
CA TYR D 470 8.54 16.93 46.67
C TYR D 470 9.59 17.70 45.89
N GLY D 471 9.31 18.95 45.61
CA GLY D 471 10.20 19.82 44.90
C GLY D 471 11.54 20.05 45.58
N GLN D 472 11.52 20.29 46.89
CA GLN D 472 12.77 20.51 47.61
C GLN D 472 13.70 19.29 47.57
N ARG D 473 13.14 18.10 47.82
CA ARG D 473 13.94 16.86 47.80
C ARG D 473 14.55 16.67 46.41
N LEU D 474 13.78 16.94 45.38
CA LEU D 474 14.30 16.75 44.00
C LEU D 474 15.42 17.73 43.74
N ALA D 475 15.19 18.99 44.14
CA ALA D 475 16.21 20.03 44.01
C ALA D 475 17.51 19.62 44.74
N ASP D 476 17.39 19.13 45.98
CA ASP D 476 18.58 18.75 46.75
C ASP D 476 19.32 17.60 46.03
N SER D 477 18.54 16.66 45.52
CA SER D 477 19.08 15.47 44.91
C SER D 477 19.82 15.85 43.62
N LEU D 478 19.28 16.85 42.92
CA LEU D 478 19.91 17.36 41.69
C LEU D 478 20.99 18.45 41.91
N GLY D 479 21.26 18.85 43.15
CA GLY D 479 22.26 19.88 43.39
C GLY D 479 21.84 21.27 42.93
N VAL D 480 20.53 21.51 42.81
CA VAL D 480 20.01 22.78 42.35
C VAL D 480 19.54 23.57 43.55
N ASP D 481 20.07 24.77 43.71
CA ASP D 481 19.67 25.60 44.82
C ASP D 481 18.46 26.43 44.41
N ILE D 482 17.32 26.22 45.07
CA ILE D 482 16.11 26.94 44.68
C ILE D 482 15.71 28.02 45.68
N ARG D 483 16.63 28.34 46.60
CA ARG D 483 16.41 29.38 47.58
C ARG D 483 16.38 30.63 46.73
N SER D 484 15.38 31.49 46.88
CA SER D 484 15.26 32.71 46.06
C SER D 484 14.12 32.62 45.05
N TYR D 485 13.72 31.40 44.71
CA TYR D 485 12.32 31.07 44.48
C TYR D 485 11.73 30.19 45.59
#